data_7QQK
#
_entry.id   7QQK
#
_cell.length_a   1.00
_cell.length_b   1.00
_cell.length_c   1.00
_cell.angle_alpha   90.00
_cell.angle_beta   90.00
_cell.angle_gamma   90.00
#
_symmetry.space_group_name_H-M   'P 1'
#
loop_
_entity.id
_entity.type
_entity.pdbx_description
1 polymer 'TIR_SAVED fusion protein'
2 polymer "RNA (5'-R(P*AP*AP*A)-3')"
#
loop_
_entity_poly.entity_id
_entity_poly.type
_entity_poly.pdbx_seq_one_letter_code
_entity_poly.pdbx_strand_id
1 'polypeptide(L)'
;MPDTAINPRDPVFVSYRHSDGIALAAELTWLLRAAGIPVWRDVDDLPPGDTDARLQQAIDEGISGAVIIITPQIADSRVV
REVEAPRLLRLHRSSPQFALGIVNAIQTSTGVVDYDAPDRVLGMERPELRSVDQKSASRLGLVTMARQMLWHRIAAIRPL
LSASGGELRLSLQTRNTPQVYDRTDADLDIRIRPSAHEKLPSAHGLEDFAETAQFLPDAVTRAGANGVRIEGGAHLSVSI
AIGAAIPSTRVGPMTVVDGRGVHWVSSTEPQLPDEPRLRIVRESTIPSTAPAPGRPDVAAYIDLQHPRSDAAFDNYLTEH
AAELVAWQHLAPTRTGLLDAADGGTIAAEAVAHIRELSMTNGNAVVHLMVRGPFGLAVLIGRLTNTLRVVAYEWTDSDAP
DGTFMPPRYEPIVQLRASTPAGVIERVIVADAE
;
A,B,C,D
2 'polyribonucleotide' AAA E,F,G,H
#
# COMPACT_ATOMS: atom_id res chain seq x y z
N MET A 1 21.53 46.06 2.71
CA MET A 1 20.92 44.84 3.23
C MET A 1 19.72 45.17 4.11
N PRO A 2 18.67 44.38 4.01
CA PRO A 2 17.45 44.65 4.78
C PRO A 2 17.63 44.28 6.24
N ASP A 3 16.57 44.53 7.01
CA ASP A 3 16.57 44.18 8.43
C ASP A 3 16.34 42.69 8.66
N THR A 4 16.39 41.87 7.62
CA THR A 4 16.20 40.43 7.80
C THR A 4 17.32 39.83 8.63
N ALA A 5 18.49 40.48 8.66
CA ALA A 5 19.58 40.00 9.51
C ALA A 5 19.48 40.60 10.91
N ILE A 6 18.53 41.50 11.13
CA ILE A 6 18.38 42.18 12.41
C ILE A 6 17.41 41.40 13.29
N ASN A 7 16.68 40.46 12.69
CA ASN A 7 15.77 39.64 13.47
C ASN A 7 16.54 38.79 14.49
N PRO A 8 16.14 38.79 15.75
CA PRO A 8 16.97 38.12 16.77
C PRO A 8 16.74 36.62 16.85
N ARG A 9 15.54 36.14 16.49
CA ARG A 9 15.22 34.73 16.67
C ARG A 9 16.16 33.81 15.89
N ASP A 10 16.51 34.17 14.66
CA ASP A 10 17.34 33.30 13.84
C ASP A 10 18.73 33.15 14.46
N PRO A 11 19.42 32.05 14.14
CA PRO A 11 20.54 31.60 14.97
C PRO A 11 21.76 32.53 14.90
N VAL A 12 22.81 32.10 15.58
CA VAL A 12 24.08 32.80 15.65
C VAL A 12 25.16 31.89 15.08
N PHE A 13 26.06 32.46 14.28
CA PHE A 13 27.09 31.69 13.61
C PHE A 13 28.35 31.63 14.46
N VAL A 14 29.07 30.52 14.39
CA VAL A 14 30.38 30.36 15.02
C VAL A 14 31.32 29.77 13.98
N SER A 15 32.53 30.29 13.94
CA SER A 15 33.53 29.86 12.95
C SER A 15 34.77 29.34 13.66
N TYR A 16 35.16 28.11 13.32
CA TYR A 16 36.39 27.51 13.82
C TYR A 16 37.13 26.91 12.63
N ARG A 17 38.31 26.36 12.88
CA ARG A 17 39.04 25.58 11.88
C ARG A 17 40.00 24.61 12.53
N HIS A 18 40.17 23.45 11.89
CA HIS A 18 41.30 22.53 12.08
C HIS A 18 41.28 22.00 13.51
N SER A 19 42.44 21.81 14.16
CA SER A 19 42.48 21.08 15.41
C SER A 19 42.32 22.00 16.61
N ASP A 20 43.09 23.08 16.66
CA ASP A 20 43.01 23.99 17.79
C ASP A 20 41.65 24.68 17.86
N GLY A 21 40.97 24.77 16.71
CA GLY A 21 39.69 25.46 16.69
C GLY A 21 38.53 24.59 17.17
N ILE A 22 38.64 23.27 17.05
CA ILE A 22 37.48 22.40 17.28
C ILE A 22 37.11 22.37 18.76
N ALA A 23 38.09 22.34 19.65
CA ALA A 23 37.79 22.29 21.07
C ALA A 23 37.10 23.57 21.52
N LEU A 24 37.64 24.72 21.11
CA LEU A 24 37.02 26.00 21.44
C LEU A 24 35.63 26.09 20.83
N ALA A 25 35.46 25.61 19.59
CA ALA A 25 34.16 25.64 18.95
C ALA A 25 33.14 24.81 19.72
N ALA A 26 33.54 23.60 20.14
CA ALA A 26 32.62 22.75 20.88
C ALA A 26 32.23 23.39 22.21
N GLU A 27 33.22 23.85 22.97
CA GLU A 27 32.91 24.44 24.27
C GLU A 27 32.03 25.67 24.11
N LEU A 28 32.35 26.54 23.16
CA LEU A 28 31.58 27.77 22.96
C LEU A 28 30.17 27.46 22.45
N THR A 29 30.05 26.48 21.56
CA THR A 29 28.73 26.08 21.06
C THR A 29 27.86 25.55 22.18
N TRP A 30 28.39 24.63 22.99
CA TRP A 30 27.59 24.08 24.08
C TRP A 30 27.26 25.16 25.10
N LEU A 31 28.19 26.08 25.34
CA LEU A 31 27.97 27.08 26.38
C LEU A 31 26.97 28.13 25.91
N LEU A 32 26.92 28.40 24.60
CA LEU A 32 25.85 29.26 24.10
C LEU A 32 24.51 28.56 24.13
N ARG A 33 24.47 27.29 23.74
CA ARG A 33 23.21 26.55 23.79
C ARG A 33 22.67 26.50 25.20
N ALA A 34 23.54 26.27 26.18
CA ALA A 34 23.14 26.37 27.57
C ALA A 34 22.75 27.80 27.93
N ALA A 35 23.41 28.79 27.32
CA ALA A 35 23.01 30.17 27.55
C ALA A 35 21.62 30.47 27.03
N GLY A 36 21.28 30.03 25.82
CA GLY A 36 19.94 30.18 25.31
C GLY A 36 19.82 30.62 23.87
N ILE A 37 20.92 30.87 23.17
CA ILE A 37 20.83 31.31 21.78
C ILE A 37 20.97 30.11 20.86
N PRO A 38 20.29 30.09 19.72
CA PRO A 38 20.53 29.03 18.72
C PRO A 38 21.82 29.29 17.96
N VAL A 39 22.65 28.27 17.79
CA VAL A 39 23.98 28.47 17.22
C VAL A 39 24.18 27.50 16.06
N TRP A 40 24.85 28.00 15.03
CA TRP A 40 25.14 27.25 13.81
C TRP A 40 26.62 26.91 13.79
N ARG A 41 26.94 25.62 13.71
CA ARG A 41 28.32 25.18 13.65
C ARG A 41 28.54 24.33 12.40
N ASP A 42 29.78 24.32 11.92
CA ASP A 42 30.10 23.60 10.69
C ASP A 42 29.77 22.11 10.81
N VAL A 43 30.49 21.40 11.67
CA VAL A 43 30.34 19.94 11.74
C VAL A 43 28.94 19.57 12.20
N ASP A 44 28.27 20.49 12.91
CA ASP A 44 26.95 20.17 13.44
C ASP A 44 25.88 20.19 12.35
N ASP A 45 25.72 21.33 11.66
CA ASP A 45 24.49 21.61 10.93
C ASP A 45 24.77 22.22 9.56
N LEU A 46 25.72 21.65 8.81
CA LEU A 46 25.91 22.06 7.43
C LEU A 46 25.10 21.14 6.53
N PRO A 47 24.15 21.64 5.75
CA PRO A 47 23.43 20.79 4.81
C PRO A 47 24.38 20.23 3.77
N PRO A 48 24.10 19.02 3.26
CA PRO A 48 25.00 18.41 2.27
C PRO A 48 25.17 19.31 1.06
N GLY A 49 26.42 19.55 0.69
CA GLY A 49 26.73 20.38 -0.45
C GLY A 49 28.13 20.93 -0.30
N ASP A 50 28.54 21.71 -1.30
CA ASP A 50 29.83 22.39 -1.22
C ASP A 50 29.86 23.30 0.00
N THR A 51 30.87 23.11 0.85
CA THR A 51 30.90 23.80 2.13
C THR A 51 30.94 25.30 1.96
N ASP A 52 31.64 25.78 0.92
CA ASP A 52 31.72 27.22 0.71
C ASP A 52 30.35 27.82 0.37
N ALA A 53 29.66 27.24 -0.60
CA ALA A 53 28.34 27.76 -0.97
C ALA A 53 27.32 27.47 0.11
N ARG A 54 27.52 26.41 0.90
CA ARG A 54 26.60 26.14 2.00
C ARG A 54 26.75 27.17 3.11
N LEU A 55 27.98 27.56 3.43
CA LEU A 55 28.19 28.67 4.35
C LEU A 55 27.61 29.96 3.79
N GLN A 56 27.81 30.19 2.48
CA GLN A 56 27.13 31.29 1.78
C GLN A 56 25.65 31.31 2.11
N GLN A 57 24.96 30.19 1.84
CA GLN A 57 23.51 30.14 2.02
C GLN A 57 23.13 30.33 3.49
N ALA A 58 23.86 29.67 4.40
CA ALA A 58 23.52 29.75 5.81
C ALA A 58 23.66 31.18 6.33
N ILE A 59 24.73 31.87 5.96
CA ILE A 59 24.92 33.24 6.41
C ILE A 59 23.89 34.17 5.76
N ASP A 60 23.60 33.94 4.48
CA ASP A 60 22.78 34.91 3.74
C ASP A 60 21.31 34.78 4.13
N GLU A 61 20.83 33.57 4.42
CA GLU A 61 19.40 33.39 4.69
C GLU A 61 18.97 34.14 5.94
N GLY A 62 19.71 34.01 7.03
CA GLY A 62 19.47 34.79 8.22
C GLY A 62 20.46 34.45 9.32
N ILE A 63 21.10 35.45 9.91
CA ILE A 63 22.05 35.19 10.98
C ILE A 63 22.06 36.37 11.97
N SER A 64 21.67 36.09 13.21
CA SER A 64 21.61 37.17 14.20
C SER A 64 23.00 37.57 14.68
N GLY A 65 23.86 36.58 14.94
CA GLY A 65 25.18 36.88 15.47
C GLY A 65 26.28 36.03 14.86
N ALA A 66 27.53 36.41 15.10
CA ALA A 66 28.67 35.70 14.52
C ALA A 66 29.77 35.54 15.55
N VAL A 67 30.54 34.47 15.41
CA VAL A 67 31.76 34.25 16.19
C VAL A 67 32.87 33.83 15.24
N ILE A 68 34.00 34.51 15.32
CA ILE A 68 35.22 34.11 14.65
C ILE A 68 36.23 33.71 15.71
N ILE A 69 36.45 32.40 15.87
CA ILE A 69 37.39 31.87 16.85
C ILE A 69 38.78 31.94 16.24
N ILE A 70 39.67 32.67 16.90
CA ILE A 70 41.00 32.94 16.39
C ILE A 70 41.97 31.90 16.94
N THR A 71 42.58 31.14 16.04
CA THR A 71 43.48 30.07 16.41
C THR A 71 44.73 30.18 15.55
N PRO A 72 45.84 29.57 15.97
CA PRO A 72 47.03 29.58 15.11
C PRO A 72 46.79 29.00 13.73
N GLN A 73 45.91 28.01 13.61
CA GLN A 73 45.68 27.34 12.33
C GLN A 73 44.64 28.06 11.47
N ILE A 74 44.06 29.17 11.93
CA ILE A 74 43.07 29.87 11.13
C ILE A 74 43.71 30.46 9.87
N ALA A 75 45.02 30.75 9.94
CA ALA A 75 45.69 31.34 8.78
C ALA A 75 45.85 30.32 7.66
N ASP A 76 46.12 29.06 8.01
CA ASP A 76 46.36 28.04 7.00
C ASP A 76 45.10 27.73 6.20
N SER A 77 43.94 27.74 6.86
CA SER A 77 42.70 27.36 6.20
C SER A 77 42.29 28.40 5.18
N ARG A 78 41.82 27.94 4.02
CA ARG A 78 41.34 28.86 3.00
C ARG A 78 39.88 29.25 3.26
N VAL A 79 39.05 28.31 3.71
CA VAL A 79 37.61 28.55 3.77
C VAL A 79 37.29 29.67 4.74
N VAL A 80 37.93 29.69 5.90
CA VAL A 80 37.62 30.71 6.91
C VAL A 80 38.03 32.09 6.41
N ARG A 81 39.12 32.16 5.65
CA ARG A 81 39.71 33.46 5.34
C ARG A 81 38.81 34.30 4.45
N GLU A 82 38.25 33.70 3.39
CA GLU A 82 37.45 34.48 2.45
C GLU A 82 36.05 33.93 2.18
N VAL A 83 35.71 32.75 2.69
CA VAL A 83 34.38 32.21 2.41
C VAL A 83 33.31 32.87 3.29
N GLU A 84 33.55 32.94 4.59
CA GLU A 84 32.54 33.48 5.49
C GLU A 84 32.98 34.68 6.30
N ALA A 85 34.26 34.80 6.63
CA ALA A 85 34.72 35.96 7.40
C ALA A 85 34.47 37.29 6.71
N PRO A 86 34.81 37.48 5.42
CA PRO A 86 34.48 38.78 4.81
C PRO A 86 32.99 39.03 4.70
N ARG A 87 32.18 37.98 4.47
CA ARG A 87 30.74 38.17 4.45
C ARG A 87 30.22 38.58 5.81
N LEU A 88 30.72 37.95 6.87
CA LEU A 88 30.28 38.30 8.22
C LEU A 88 30.70 39.73 8.56
N LEU A 89 31.91 40.12 8.18
CA LEU A 89 32.33 41.51 8.42
C LEU A 89 31.52 42.48 7.58
N ARG A 90 31.14 42.08 6.37
CA ARG A 90 30.27 42.90 5.53
C ARG A 90 28.93 43.14 6.20
N LEU A 91 28.33 42.09 6.74
CA LEU A 91 27.04 42.23 7.42
C LEU A 91 27.20 43.04 8.70
N HIS A 92 28.32 42.86 9.40
CA HIS A 92 28.58 43.63 10.62
C HIS A 92 28.70 45.11 10.31
N ARG A 93 29.39 45.46 9.23
CA ARG A 93 29.56 46.87 8.88
C ARG A 93 28.27 47.47 8.36
N SER A 94 27.53 46.73 7.53
CA SER A 94 26.34 47.29 6.91
C SER A 94 25.19 47.40 7.90
N SER A 95 25.01 46.39 8.74
CA SER A 95 23.90 46.33 9.67
C SER A 95 24.38 46.63 11.10
N PRO A 96 23.83 47.63 11.81
CA PRO A 96 24.30 47.96 13.15
C PRO A 96 23.92 46.88 14.17
N GLN A 97 22.64 46.50 14.23
CA GLN A 97 22.19 45.52 15.22
C GLN A 97 22.58 44.11 14.80
N PHE A 98 23.89 43.90 14.67
CA PHE A 98 24.45 42.59 14.41
C PHE A 98 25.62 42.38 15.36
N ALA A 99 25.77 41.14 15.83
CA ALA A 99 26.78 40.82 16.83
C ALA A 99 27.88 39.99 16.20
N LEU A 100 29.12 40.44 16.37
CA LEU A 100 30.29 39.69 15.93
C LEU A 100 31.29 39.66 17.08
N GLY A 101 31.33 38.55 17.80
CA GLY A 101 32.21 38.40 18.94
C GLY A 101 33.43 37.59 18.56
N ILE A 102 34.58 37.96 19.13
CA ILE A 102 35.86 37.38 18.77
C ILE A 102 36.50 36.79 20.01
N VAL A 103 36.82 35.49 19.95
CA VAL A 103 37.55 34.81 21.00
C VAL A 103 38.90 34.40 20.45
N ASN A 104 39.96 34.64 21.22
CA ASN A 104 41.32 34.50 20.74
C ASN A 104 42.04 33.38 21.48
N ALA A 105 42.25 32.26 20.80
CA ALA A 105 43.21 31.27 21.25
C ALA A 105 44.64 31.71 21.00
N ILE A 106 44.83 32.72 20.16
CA ILE A 106 46.15 33.34 20.01
C ILE A 106 46.43 34.21 21.22
N GLN A 107 47.55 33.95 21.88
CA GLN A 107 47.93 34.66 23.09
C GLN A 107 49.17 35.49 22.81
N THR A 108 49.14 36.75 23.24
CA THR A 108 50.31 37.61 23.12
C THR A 108 51.45 37.04 23.95
N SER A 109 52.68 37.24 23.48
CA SER A 109 53.84 36.76 24.22
C SER A 109 53.87 37.30 25.65
N THR A 110 53.31 38.49 25.87
CA THR A 110 53.19 39.02 27.22
C THR A 110 52.28 38.16 28.08
N GLY A 111 51.16 37.72 27.53
CA GLY A 111 50.17 36.95 28.25
C GLY A 111 48.78 37.54 28.27
N VAL A 112 48.60 38.78 27.81
CA VAL A 112 47.29 39.38 27.75
C VAL A 112 46.58 38.93 26.46
N VAL A 113 45.26 39.08 26.44
CA VAL A 113 44.48 38.74 25.26
C VAL A 113 44.94 39.59 24.08
N ASP A 114 45.09 38.97 22.91
CA ASP A 114 45.67 39.62 21.75
C ASP A 114 44.55 40.26 20.94
N TYR A 115 44.50 41.60 20.98
CA TYR A 115 43.50 42.32 20.20
C TYR A 115 43.86 42.35 18.73
N ASP A 116 45.15 42.49 18.41
CA ASP A 116 45.55 42.77 17.04
C ASP A 116 45.66 41.50 16.20
N ALA A 117 45.67 40.34 16.83
CA ALA A 117 45.85 39.09 16.09
C ALA A 117 44.76 38.83 15.03
N PRO A 118 43.46 38.96 15.33
CA PRO A 118 42.45 38.58 14.32
C PRO A 118 42.60 39.34 13.01
N ASP A 119 43.00 40.61 13.05
CA ASP A 119 43.12 41.38 11.81
C ASP A 119 44.15 40.76 10.87
N ARG A 120 45.29 40.32 11.41
CA ARG A 120 46.33 39.77 10.54
C ARG A 120 46.04 38.32 10.18
N VAL A 121 45.66 37.49 11.16
CA VAL A 121 45.47 36.07 10.85
C VAL A 121 44.25 35.87 9.96
N LEU A 122 43.20 36.65 10.18
CA LEU A 122 41.99 36.54 9.36
C LEU A 122 42.25 36.99 7.93
N GLY A 123 43.26 37.82 7.71
CA GLY A 123 43.58 38.32 6.39
C GLY A 123 43.01 39.68 6.07
N MET A 124 42.36 40.35 7.02
CA MET A 124 41.79 41.66 6.76
C MET A 124 42.89 42.70 6.55
N GLU A 125 42.66 43.62 5.63
CA GLU A 125 43.68 44.61 5.29
C GLU A 125 43.72 45.72 6.33
N ARG A 126 42.59 46.35 6.60
CA ARG A 126 42.50 47.46 7.53
C ARG A 126 42.35 46.94 8.94
N PRO A 127 42.71 47.76 9.94
CA PRO A 127 42.47 47.38 11.34
C PRO A 127 40.98 47.44 11.65
N GLU A 128 40.34 46.28 11.72
CA GLU A 128 38.90 46.19 11.95
C GLU A 128 38.56 45.43 13.22
N LEU A 129 39.23 44.30 13.47
CA LEU A 129 38.84 43.45 14.59
C LEU A 129 39.41 43.97 15.90
N ARG A 130 40.35 44.92 15.84
CA ARG A 130 40.87 45.50 17.07
C ARG A 130 39.82 46.33 17.78
N SER A 131 39.03 47.09 17.02
CA SER A 131 38.02 47.95 17.64
C SER A 131 36.91 47.14 18.29
N VAL A 132 36.50 46.04 17.65
CA VAL A 132 35.39 45.26 18.19
C VAL A 132 35.84 44.57 19.48
N ASP A 133 34.87 44.16 20.28
CA ASP A 133 35.15 43.58 21.59
C ASP A 133 35.98 42.31 21.45
N GLN A 134 36.90 42.11 22.40
CA GLN A 134 37.83 40.99 22.38
C GLN A 134 37.77 40.28 23.72
N LYS A 135 37.66 38.95 23.68
CA LYS A 135 37.63 38.14 24.89
C LYS A 135 38.57 36.96 24.72
N SER A 136 39.15 36.52 25.84
CA SER A 136 40.12 35.44 25.80
C SER A 136 39.45 34.10 25.53
N ALA A 137 40.25 33.12 25.14
CA ALA A 137 39.79 31.76 24.88
C ALA A 137 39.96 30.96 26.16
N SER A 138 39.00 31.11 27.08
CA SER A 138 39.01 30.39 28.34
C SER A 138 37.58 30.31 28.83
N ARG A 139 37.36 29.43 29.82
CA ARG A 139 36.01 29.22 30.33
C ARG A 139 35.38 30.53 30.78
N LEU A 140 36.12 31.33 31.54
CA LEU A 140 35.61 32.64 31.97
C LEU A 140 35.43 33.56 30.76
N GLY A 141 36.42 33.61 29.86
CA GLY A 141 36.27 34.42 28.67
C GLY A 141 35.15 33.94 27.79
N LEU A 142 35.00 32.62 27.64
CA LEU A 142 33.94 32.08 26.80
C LEU A 142 32.57 32.41 27.35
N VAL A 143 32.39 32.25 28.67
CA VAL A 143 31.10 32.56 29.27
C VAL A 143 30.84 34.06 29.23
N THR A 144 31.91 34.88 29.27
CA THR A 144 31.73 36.32 29.12
C THR A 144 31.28 36.67 27.70
N MET A 145 31.81 35.95 26.70
CA MET A 145 31.32 36.12 25.33
C MET A 145 29.86 35.76 25.22
N ALA A 146 29.45 34.65 25.85
CA ALA A 146 28.03 34.32 25.84
C ALA A 146 27.21 35.39 26.54
N ARG A 147 27.72 35.91 27.65
CA ARG A 147 27.11 37.05 28.32
C ARG A 147 26.82 38.18 27.34
N GLN A 148 27.87 38.66 26.68
CA GLN A 148 27.71 39.80 25.76
C GLN A 148 26.75 39.47 24.63
N MET A 149 26.86 38.28 24.05
CA MET A 149 26.07 37.96 22.87
C MET A 149 24.60 37.74 23.20
N LEU A 150 24.33 36.98 24.27
CA LEU A 150 22.96 36.81 24.71
C LEU A 150 22.35 38.14 25.11
N TRP A 151 23.16 39.02 25.71
CA TRP A 151 22.64 40.33 26.09
C TRP A 151 22.32 41.17 24.88
N HIS A 152 23.12 41.06 23.82
CA HIS A 152 22.80 41.74 22.57
C HIS A 152 21.51 41.19 21.97
N ARG A 153 21.33 39.87 22.00
CA ARG A 153 20.10 39.28 21.50
C ARG A 153 18.90 39.78 22.29
N ILE A 154 19.03 39.86 23.60
CA ILE A 154 17.95 40.34 24.45
C ILE A 154 17.66 41.81 24.16
N ALA A 155 18.71 42.61 23.96
CA ALA A 155 18.51 44.02 23.63
C ALA A 155 17.77 44.17 22.32
N ALA A 156 18.12 43.35 21.32
CA ALA A 156 17.41 43.40 20.05
C ALA A 156 15.95 42.99 20.21
N ILE A 157 15.69 41.97 21.04
CA ILE A 157 14.33 41.47 21.18
C ILE A 157 13.50 42.30 22.16
N ARG A 158 14.12 43.22 22.90
CA ARG A 158 13.38 44.00 23.89
C ARG A 158 12.20 44.77 23.31
N PRO A 159 12.34 45.56 22.23
CA PRO A 159 11.16 46.29 21.73
C PRO A 159 10.05 45.38 21.25
N LEU A 160 10.41 44.25 20.63
CA LEU A 160 9.38 43.34 20.14
C LEU A 160 8.58 42.77 21.30
N LEU A 161 9.26 42.38 22.38
CA LEU A 161 8.56 41.87 23.56
C LEU A 161 7.72 42.95 24.20
N SER A 162 8.23 44.17 24.29
CA SER A 162 7.47 45.25 24.90
C SER A 162 6.21 45.55 24.11
N ALA A 163 6.29 45.49 22.78
CA ALA A 163 5.12 45.77 21.96
C ALA A 163 4.14 44.60 21.98
N SER A 164 4.63 43.37 21.92
CA SER A 164 3.78 42.20 21.68
C SER A 164 3.41 41.53 23.01
N GLY A 165 2.71 42.29 23.85
CA GLY A 165 2.17 41.74 25.08
C GLY A 165 3.22 41.08 25.96
N GLY A 166 4.07 41.89 26.60
CA GLY A 166 5.32 41.43 27.18
C GLY A 166 5.31 40.09 27.86
N GLU A 167 6.10 39.17 27.31
CA GLU A 167 6.22 37.80 27.79
C GLU A 167 7.45 37.19 27.16
N LEU A 168 8.41 36.81 27.99
CA LEU A 168 9.70 36.33 27.53
C LEU A 168 9.62 34.82 27.35
N ARG A 169 9.70 34.37 26.10
CA ARG A 169 9.46 32.98 25.75
C ARG A 169 10.79 32.25 25.60
N LEU A 170 10.95 31.15 26.33
CA LEU A 170 12.14 30.32 26.28
C LEU A 170 11.77 28.94 25.78
N SER A 171 12.71 28.28 25.11
CA SER A 171 12.56 26.90 24.68
C SER A 171 13.70 26.08 25.28
N LEU A 172 13.36 24.97 25.92
CA LEU A 172 14.34 24.11 26.58
C LEU A 172 14.08 22.66 26.20
N GLN A 173 15.12 21.98 25.72
CA GLN A 173 15.03 20.56 25.37
C GLN A 173 16.42 19.95 25.54
N THR A 174 16.64 19.29 26.67
CA THR A 174 17.94 18.68 26.93
C THR A 174 18.23 17.51 25.99
N ARG A 175 17.20 16.71 25.69
CA ARG A 175 17.43 15.45 24.99
C ARG A 175 17.54 15.60 23.48
N ASN A 176 17.40 16.81 22.95
CA ASN A 176 17.49 16.96 21.49
C ASN A 176 18.95 17.04 21.03
N THR A 177 19.17 16.60 19.79
CA THR A 177 20.50 16.58 19.22
C THR A 177 20.94 18.00 18.88
N PRO A 178 22.26 18.26 18.90
CA PRO A 178 22.78 19.50 18.33
C PRO A 178 22.07 19.88 17.04
N GLN A 179 21.44 21.05 17.05
CA GLN A 179 20.57 21.45 15.94
C GLN A 179 20.60 22.96 15.83
N VAL A 180 20.39 23.45 14.61
CA VAL A 180 20.33 24.89 14.35
C VAL A 180 18.92 25.37 14.05
N TYR A 181 18.12 24.57 13.34
CA TYR A 181 16.71 24.86 13.15
C TYR A 181 15.88 24.44 14.35
N ASP A 182 16.55 24.04 15.44
CA ASP A 182 15.86 23.73 16.68
C ASP A 182 15.11 24.92 17.24
N ARG A 183 15.46 26.13 16.81
CA ARG A 183 14.82 27.32 17.30
C ARG A 183 13.32 27.31 16.99
N THR A 184 12.56 27.90 17.91
CA THR A 184 11.13 28.11 17.73
C THR A 184 10.87 29.61 17.77
N ASP A 185 9.59 29.98 17.74
CA ASP A 185 9.20 31.37 17.86
C ASP A 185 9.36 31.76 19.33
N ALA A 186 10.61 31.77 19.77
CA ALA A 186 10.94 32.00 21.17
C ALA A 186 12.14 32.94 21.27
N ASP A 187 12.23 33.67 22.38
CA ASP A 187 13.30 34.63 22.56
C ASP A 187 14.63 33.93 22.80
N LEU A 188 14.65 32.94 23.69
CA LEU A 188 15.85 32.17 23.99
C LEU A 188 15.57 30.71 23.72
N ASP A 189 16.61 29.97 23.38
CA ASP A 189 16.51 28.56 23.05
C ASP A 189 17.62 27.80 23.76
N ILE A 190 17.33 27.36 24.98
CA ILE A 190 18.30 26.70 25.84
C ILE A 190 18.35 25.22 25.47
N ARG A 191 19.53 24.73 25.12
CA ARG A 191 19.73 23.34 24.79
C ARG A 191 20.94 22.79 25.54
N ILE A 192 20.86 21.51 25.87
CA ILE A 192 21.92 20.79 26.56
C ILE A 192 22.31 19.61 25.69
N ARG A 193 23.56 19.16 25.85
CA ARG A 193 24.03 18.04 25.04
C ARG A 193 23.29 16.77 25.42
N PRO A 194 22.99 15.89 24.48
CA PRO A 194 22.47 14.56 24.83
C PRO A 194 23.57 13.69 25.43
N SER A 195 23.20 12.90 26.42
CA SER A 195 24.18 12.07 27.11
C SER A 195 24.14 10.63 26.62
N ALA A 196 25.29 9.96 26.69
CA ALA A 196 25.37 8.57 26.23
C ALA A 196 24.80 7.62 27.28
N HIS A 197 24.63 8.08 28.52
CA HIS A 197 24.03 7.23 29.54
C HIS A 197 22.53 7.08 29.32
N GLU A 198 21.99 7.83 28.37
CA GLU A 198 20.66 7.73 27.76
C GLU A 198 19.56 8.15 28.71
N LYS A 199 19.88 8.41 29.97
CA LYS A 199 18.86 8.98 30.85
C LYS A 199 19.39 10.19 31.62
N LEU A 200 20.68 10.18 31.94
CA LEU A 200 21.23 11.25 32.74
C LEU A 200 21.35 12.52 31.90
N PRO A 201 21.17 13.68 32.50
CA PRO A 201 21.61 14.93 31.85
C PRO A 201 23.11 14.90 31.64
N SER A 202 23.56 15.46 30.53
CA SER A 202 24.98 15.38 30.16
C SER A 202 25.83 16.16 31.16
N ALA A 203 26.95 15.56 31.55
CA ALA A 203 27.84 16.18 32.52
C ALA A 203 28.42 17.48 31.98
N HIS A 204 28.98 17.44 30.76
CA HIS A 204 29.56 18.65 30.18
C HIS A 204 28.48 19.70 29.92
N GLY A 205 27.32 19.26 29.42
CA GLY A 205 26.23 20.19 29.17
C GLY A 205 25.75 20.87 30.43
N LEU A 206 25.63 20.10 31.52
CA LEU A 206 25.21 20.70 32.79
C LEU A 206 26.32 21.57 33.38
N GLU A 207 27.58 21.24 33.09
CA GLU A 207 28.66 22.12 33.53
C GLU A 207 28.55 23.48 32.83
N ASP A 208 28.28 23.47 31.52
CA ASP A 208 28.09 24.72 30.79
C ASP A 208 26.84 25.44 31.27
N PHE A 209 25.78 24.69 31.59
CA PHE A 209 24.57 25.30 32.13
C PHE A 209 24.85 25.95 33.48
N ALA A 210 25.71 25.34 34.28
CA ALA A 210 26.15 25.96 35.53
C ALA A 210 26.92 27.24 35.27
N GLU A 211 27.83 27.21 34.30
CA GLU A 211 28.63 28.38 34.00
C GLU A 211 27.76 29.54 33.54
N THR A 212 26.76 29.26 32.71
CA THR A 212 25.91 30.29 32.14
C THR A 212 24.64 30.53 32.96
N ALA A 213 24.45 29.85 34.08
CA ALA A 213 23.23 29.97 34.86
C ALA A 213 23.10 31.33 35.55
N GLN A 214 24.21 32.04 35.75
CA GLN A 214 24.12 33.41 36.26
C GLN A 214 23.32 34.30 35.32
N PHE A 215 23.36 33.98 34.03
CA PHE A 215 22.89 34.90 33.01
C PHE A 215 21.37 34.91 32.93
N LEU A 216 20.76 33.75 33.14
CA LEU A 216 19.34 33.61 32.85
C LEU A 216 18.44 34.51 33.70
N PRO A 217 18.61 34.61 35.03
CA PRO A 217 17.82 35.63 35.75
C PRO A 217 18.13 37.04 35.27
N ASP A 218 19.40 37.34 34.99
CA ASP A 218 19.73 38.63 34.42
C ASP A 218 19.14 38.77 33.02
N ALA A 219 19.07 37.67 32.26
CA ALA A 219 18.43 37.71 30.95
C ALA A 219 16.94 38.05 31.09
N VAL A 220 16.28 37.46 32.08
CA VAL A 220 14.87 37.76 32.32
C VAL A 220 14.68 39.23 32.68
N THR A 221 15.55 39.74 33.57
CA THR A 221 15.46 41.15 33.95
C THR A 221 15.71 42.06 32.76
N ARG A 222 16.70 41.73 31.92
CA ARG A 222 17.05 42.60 30.81
C ARG A 222 16.00 42.54 29.70
N ALA A 223 15.31 41.40 29.57
CA ALA A 223 14.26 41.30 28.59
C ALA A 223 13.10 42.25 28.86
N GLY A 224 12.92 42.65 30.12
CA GLY A 224 11.84 43.56 30.45
C GLY A 224 10.46 42.99 30.20
N ALA A 225 10.28 41.70 30.46
CA ALA A 225 9.01 41.02 30.23
C ALA A 225 8.43 40.58 31.57
N ASN A 226 7.16 40.90 31.79
CA ASN A 226 6.51 40.55 33.05
C ASN A 226 6.41 39.04 33.22
N GLY A 227 6.13 38.33 32.14
CA GLY A 227 5.95 36.89 32.21
C GLY A 227 7.08 36.15 31.52
N VAL A 228 7.39 34.96 32.03
CA VAL A 228 8.42 34.10 31.48
C VAL A 228 7.80 32.77 31.11
N ARG A 229 8.05 32.31 29.89
CA ARG A 229 7.48 31.07 29.37
C ARG A 229 8.60 30.13 28.96
N ILE A 230 8.49 28.87 29.37
CA ILE A 230 9.45 27.83 29.01
C ILE A 230 8.75 26.86 28.07
N GLU A 231 9.45 26.44 27.01
CA GLU A 231 8.90 25.54 26.01
C GLU A 231 9.85 24.38 25.77
N GLY A 232 9.30 23.27 25.27
CA GLY A 232 10.10 22.17 24.78
C GLY A 232 10.24 21.02 25.76
N GLY A 233 10.47 21.33 27.03
CA GLY A 233 10.62 20.31 28.04
C GLY A 233 11.99 19.66 28.03
N ALA A 234 12.50 19.42 29.24
CA ALA A 234 13.82 18.82 29.42
C ALA A 234 13.74 17.81 30.56
N HIS A 235 14.90 17.35 31.02
CA HIS A 235 14.95 16.42 32.13
C HIS A 235 14.32 17.05 33.36
N LEU A 236 13.65 16.23 34.17
CA LEU A 236 13.00 16.75 35.37
C LEU A 236 14.02 17.36 36.32
N SER A 237 15.21 16.78 36.39
CA SER A 237 16.28 17.41 37.15
C SER A 237 16.69 18.73 36.52
N VAL A 238 16.92 18.74 35.20
CA VAL A 238 17.20 19.99 34.51
C VAL A 238 15.97 20.89 34.54
N SER A 239 14.78 20.30 34.67
CA SER A 239 13.57 21.12 34.83
C SER A 239 13.60 21.88 36.15
N ILE A 240 13.99 21.21 37.22
CA ILE A 240 14.16 21.90 38.51
C ILE A 240 15.26 22.94 38.39
N ALA A 241 16.31 22.62 37.64
CA ALA A 241 17.41 23.57 37.42
C ALA A 241 16.90 24.84 36.74
N ILE A 242 16.12 24.68 35.66
CA ILE A 242 15.66 25.84 34.91
C ILE A 242 14.62 26.61 35.71
N GLY A 243 13.82 25.92 36.52
CA GLY A 243 12.89 26.61 37.39
C GLY A 243 13.58 27.44 38.44
N ALA A 244 14.59 26.87 39.10
CA ALA A 244 15.30 27.60 40.14
C ALA A 244 16.21 28.67 39.54
N ALA A 245 16.55 28.53 38.25
CA ALA A 245 17.31 29.58 37.58
C ALA A 245 16.50 30.85 37.47
N ILE A 246 15.19 30.75 37.55
CA ILE A 246 14.29 31.91 37.53
C ILE A 246 13.42 31.84 38.77
N PRO A 247 13.90 32.30 39.93
CA PRO A 247 13.12 32.17 41.17
C PRO A 247 11.77 32.87 41.06
N SER A 248 10.96 32.66 42.10
CA SER A 248 9.63 33.26 42.14
C SER A 248 9.71 34.79 42.17
N THR A 249 10.64 35.33 42.94
CA THR A 249 10.73 36.79 43.06
C THR A 249 11.20 37.43 41.76
N ARG A 250 11.96 36.69 40.95
CA ARG A 250 12.54 37.24 39.74
C ARG A 250 11.70 37.03 38.49
N VAL A 251 10.51 36.43 38.62
CA VAL A 251 9.76 36.03 37.44
C VAL A 251 8.39 36.70 37.33
N GLY A 252 7.65 36.84 38.43
CA GLY A 252 6.25 37.17 38.34
C GLY A 252 5.47 35.98 37.82
N PRO A 253 4.53 36.22 36.89
CA PRO A 253 3.76 35.10 36.34
C PRO A 253 4.58 34.26 35.38
N MET A 254 4.51 32.94 35.50
CA MET A 254 5.26 32.03 34.66
C MET A 254 4.32 31.01 34.05
N THR A 255 4.17 31.05 32.73
CA THR A 255 3.33 30.10 32.01
C THR A 255 4.23 29.14 31.24
N VAL A 256 4.37 27.92 31.76
CA VAL A 256 5.26 26.92 31.20
C VAL A 256 4.45 25.96 30.35
N VAL A 257 4.85 25.79 29.11
CA VAL A 257 4.24 24.82 28.20
C VAL A 257 5.32 23.86 27.72
N ASP A 258 5.03 22.57 27.82
CA ASP A 258 5.94 21.55 27.34
C ASP A 258 5.67 21.30 25.86
N GLY A 259 6.40 20.33 25.30
CA GLY A 259 6.20 19.98 23.90
C GLY A 259 4.81 19.49 23.59
N ARG A 260 4.05 19.08 24.61
CA ARG A 260 2.70 18.58 24.44
C ARG A 260 1.70 19.69 24.14
N GLY A 261 2.11 20.95 24.21
CA GLY A 261 1.20 22.05 23.95
C GLY A 261 0.10 22.19 24.97
N VAL A 262 0.41 21.91 26.23
CA VAL A 262 -0.52 22.14 27.34
C VAL A 262 0.11 23.17 28.28
N HIS A 263 -0.67 24.18 28.63
CA HIS A 263 -0.17 25.34 29.35
C HIS A 263 -0.23 25.10 30.85
N TRP A 264 0.93 25.18 31.50
CA TRP A 264 1.03 25.17 32.95
C TRP A 264 1.29 26.59 33.42
N VAL A 265 0.36 27.13 34.20
CA VAL A 265 0.43 28.52 34.63
C VAL A 265 0.89 28.56 36.08
N SER A 266 1.62 29.62 36.42
CA SER A 266 2.05 29.87 37.79
C SER A 266 0.95 30.63 38.52
N SER A 267 0.65 30.21 39.74
CA SER A 267 -0.46 30.79 40.49
C SER A 267 -0.06 31.58 41.72
N THR A 268 0.65 30.99 42.68
CA THR A 268 0.94 31.65 43.93
C THR A 268 2.33 31.28 44.42
N GLU A 269 2.85 32.10 45.32
CA GLU A 269 4.01 31.73 46.11
C GLU A 269 3.64 30.51 46.95
N PRO A 270 4.61 29.65 47.27
CA PRO A 270 4.31 28.41 47.99
C PRO A 270 3.33 28.59 49.14
N GLN A 271 2.19 27.92 49.03
CA GLN A 271 1.13 27.95 50.03
C GLN A 271 0.53 26.56 50.14
N LEU A 272 -0.11 26.29 51.29
CA LEU A 272 -0.88 25.07 51.45
C LEU A 272 -2.34 25.35 51.08
N PRO A 273 -2.87 24.74 50.03
CA PRO A 273 -4.24 25.06 49.60
C PRO A 273 -5.26 24.58 50.61
N ASP A 274 -6.44 25.22 50.57
CA ASP A 274 -7.54 24.78 51.42
C ASP A 274 -7.95 23.35 51.10
N GLU A 275 -8.01 23.00 49.81
CA GLU A 275 -8.24 21.63 49.38
C GLU A 275 -6.95 21.07 48.79
N PRO A 276 -6.37 20.04 49.38
CA PRO A 276 -5.08 19.54 48.88
C PRO A 276 -5.22 18.72 47.61
N ARG A 277 -4.71 19.26 46.49
CA ARG A 277 -4.71 18.52 45.24
C ARG A 277 -3.76 17.32 45.31
N LEU A 278 -2.63 17.49 46.00
CA LEU A 278 -1.64 16.45 46.15
C LEU A 278 -1.52 16.12 47.64
N ARG A 279 -1.51 14.83 47.97
CA ARG A 279 -1.62 14.40 49.35
C ARG A 279 -0.37 13.66 49.80
N ILE A 280 -0.22 13.53 51.12
CA ILE A 280 0.78 12.64 51.67
C ILE A 280 0.33 11.21 51.48
N VAL A 281 1.21 10.35 50.97
CA VAL A 281 0.90 8.95 50.81
C VAL A 281 1.67 8.09 51.81
N ARG A 282 2.89 8.50 52.16
CA ARG A 282 3.67 7.82 53.19
C ARG A 282 4.63 8.82 53.84
N GLU A 283 4.27 9.24 55.05
CA GLU A 283 5.10 10.10 55.88
C GLU A 283 5.86 9.25 56.89
N SER A 284 7.15 9.51 57.03
CA SER A 284 8.01 8.71 57.89
C SER A 284 8.62 9.57 58.98
N THR A 285 8.64 9.03 60.20
CA THR A 285 9.37 9.63 61.32
C THR A 285 10.66 8.84 61.47
N ILE A 286 11.78 9.51 61.21
CA ILE A 286 13.09 8.86 61.23
C ILE A 286 13.89 9.38 62.42
N PRO A 287 14.04 8.58 63.48
CA PRO A 287 14.85 9.02 64.62
C PRO A 287 16.33 8.78 64.39
N SER A 288 17.09 9.86 64.25
CA SER A 288 18.54 9.79 64.07
C SER A 288 19.19 10.46 65.26
N THR A 289 19.79 9.65 66.14
CA THR A 289 20.43 10.18 67.33
C THR A 289 21.53 11.17 66.95
N ALA A 290 21.61 12.26 67.73
CA ALA A 290 22.46 13.41 67.43
C ALA A 290 22.13 13.93 66.04
N PRO A 291 20.94 14.49 65.84
CA PRO A 291 20.55 14.92 64.49
C PRO A 291 21.42 16.07 64.00
N ALA A 292 21.57 16.13 62.68
CA ALA A 292 22.29 17.18 61.98
C ALA A 292 23.74 17.31 62.46
N PRO A 293 24.59 16.32 62.21
CA PRO A 293 26.03 16.53 62.46
C PRO A 293 26.62 17.45 61.41
N GLY A 294 26.87 18.69 61.79
CA GLY A 294 27.24 19.69 60.80
C GLY A 294 26.00 20.24 60.14
N ARG A 295 25.72 19.78 58.92
CA ARG A 295 24.52 20.19 58.20
C ARG A 295 23.67 18.97 57.86
N PRO A 296 22.34 19.07 58.01
CA PRO A 296 21.49 17.90 57.81
C PRO A 296 20.99 17.75 56.38
N ASP A 297 20.53 16.53 56.03
CA ASP A 297 20.09 16.20 54.68
C ASP A 297 18.64 15.77 54.71
N VAL A 298 17.85 16.30 53.78
CA VAL A 298 16.43 15.97 53.65
C VAL A 298 16.19 15.53 52.20
N ALA A 299 15.31 14.54 52.03
CA ALA A 299 14.93 14.09 50.70
C ALA A 299 13.41 14.12 50.58
N ALA A 300 12.93 14.42 49.37
CA ALA A 300 11.50 14.48 49.11
C ALA A 300 11.20 13.82 47.78
N TYR A 301 10.07 13.12 47.72
CA TYR A 301 9.66 12.40 46.54
C TYR A 301 8.27 12.85 46.13
N ILE A 302 8.14 13.43 44.94
CA ILE A 302 6.88 13.95 44.43
C ILE A 302 6.58 13.25 43.11
N ASP A 303 5.87 12.13 43.18
CA ASP A 303 5.38 11.46 41.98
C ASP A 303 3.97 11.95 41.71
N LEU A 304 3.82 12.71 40.63
CA LEU A 304 2.54 13.30 40.25
C LEU A 304 1.77 12.41 39.28
N GLN A 305 2.27 11.20 39.04
CA GLN A 305 1.62 10.23 38.17
C GLN A 305 0.89 9.23 39.04
N HIS A 306 -0.34 8.90 38.66
CA HIS A 306 -1.14 7.95 39.42
C HIS A 306 -0.45 6.59 39.51
N PRO A 307 0.15 6.06 38.44
CA PRO A 307 1.01 4.88 38.61
C PRO A 307 2.24 5.24 39.44
N ARG A 308 2.45 4.49 40.51
CA ARG A 308 3.47 4.78 41.50
C ARG A 308 4.64 3.81 41.31
N SER A 309 5.77 4.32 40.83
CA SER A 309 6.96 3.48 40.70
C SER A 309 7.43 3.01 42.08
N ASP A 310 7.94 3.94 42.88
CA ASP A 310 8.19 3.74 44.31
C ASP A 310 9.32 2.74 44.55
N ALA A 311 9.76 2.05 43.51
CA ALA A 311 10.77 1.01 43.69
C ALA A 311 12.15 1.63 43.75
N ALA A 312 12.46 2.52 42.81
CA ALA A 312 13.74 3.22 42.85
C ALA A 312 13.83 4.10 44.09
N PHE A 313 12.71 4.68 44.51
CA PHE A 313 12.72 5.47 45.74
C PHE A 313 12.93 4.59 46.97
N ASP A 314 12.38 3.37 46.96
CA ASP A 314 12.69 2.43 48.03
C ASP A 314 14.17 2.08 48.05
N ASN A 315 14.77 1.91 46.88
CA ASN A 315 16.21 1.66 46.83
C ASN A 315 16.99 2.85 47.37
N TYR A 316 16.56 4.07 47.02
CA TYR A 316 17.18 5.27 47.60
C TYR A 316 17.07 5.26 49.11
N LEU A 317 15.88 4.90 49.62
CA LEU A 317 15.67 4.90 51.07
C LEU A 317 16.59 3.90 51.75
N THR A 318 16.71 2.70 51.18
CA THR A 318 17.60 1.69 51.73
C THR A 318 19.04 2.16 51.69
N GLU A 319 19.44 2.84 50.62
CA GLU A 319 20.84 3.22 50.47
C GLU A 319 21.22 4.40 51.37
N HIS A 320 20.33 5.36 51.55
CA HIS A 320 20.66 6.60 52.23
C HIS A 320 19.77 6.91 53.43
N ALA A 321 19.16 5.91 54.06
CA ALA A 321 18.23 6.19 55.15
C ALA A 321 18.96 6.68 56.39
N ALA A 322 20.16 6.16 56.66
CA ALA A 322 20.84 6.45 57.92
C ALA A 322 21.18 7.92 58.07
N GLU A 323 21.85 8.50 57.07
CA GLU A 323 22.26 9.90 57.18
C GLU A 323 21.07 10.84 57.01
N LEU A 324 20.07 10.40 56.25
CA LEU A 324 18.89 11.21 56.00
C LEU A 324 18.09 11.42 57.27
N VAL A 325 17.54 12.61 57.46
CA VAL A 325 16.87 12.92 58.72
C VAL A 325 15.35 12.74 58.59
N ALA A 326 14.78 13.12 57.45
CA ALA A 326 13.34 13.02 57.25
C ALA A 326 13.04 13.04 55.77
N TRP A 327 12.16 12.14 55.33
CA TRP A 327 11.84 12.00 53.92
C TRP A 327 10.33 11.90 53.77
N GLN A 328 9.81 12.42 52.67
CA GLN A 328 8.38 12.49 52.45
C GLN A 328 8.06 12.14 51.00
N HIS A 329 6.93 11.47 50.80
CA HIS A 329 6.45 11.05 49.50
C HIS A 329 5.05 11.62 49.27
N LEU A 330 4.87 12.31 48.14
CA LEU A 330 3.62 12.99 47.82
C LEU A 330 3.00 12.39 46.57
N ALA A 331 1.81 11.83 46.71
CA ALA A 331 1.09 11.25 45.58
C ALA A 331 -0.25 11.95 45.41
N PRO A 332 -0.71 12.16 44.18
CA PRO A 332 -1.93 12.95 43.96
C PRO A 332 -3.18 12.29 44.50
N THR A 333 -4.11 13.08 45.03
CA THR A 333 -5.38 12.53 45.50
C THR A 333 -6.21 12.01 44.34
N ARG A 334 -6.37 12.82 43.30
CA ARG A 334 -7.25 12.46 42.19
C ARG A 334 -6.57 11.44 41.29
N THR A 335 -7.36 10.46 40.84
CA THR A 335 -6.84 9.41 39.99
C THR A 335 -6.60 9.94 38.58
N GLY A 336 -5.44 9.61 38.01
CA GLY A 336 -5.13 10.00 36.65
C GLY A 336 -4.11 11.12 36.58
N LEU A 337 -4.14 11.83 35.45
CA LEU A 337 -3.20 12.90 35.22
C LEU A 337 -3.57 14.12 36.06
N LEU A 338 -2.66 15.09 36.12
CA LEU A 338 -2.94 16.33 36.82
C LEU A 338 -3.50 17.35 35.84
N ASP A 339 -4.64 17.95 36.19
CA ASP A 339 -5.33 18.85 35.28
C ASP A 339 -4.50 20.09 34.98
N ALA A 340 -4.70 20.63 33.78
CA ALA A 340 -3.89 21.76 33.32
C ALA A 340 -4.14 23.02 34.15
N ALA A 341 -5.40 23.27 34.51
CA ALA A 341 -5.73 24.53 35.17
C ALA A 341 -5.07 24.65 36.53
N ASP A 342 -5.08 23.58 37.32
CA ASP A 342 -4.58 23.62 38.69
C ASP A 342 -3.10 23.28 38.78
N GLY A 343 -2.34 23.40 37.69
CA GLY A 343 -0.93 23.09 37.75
C GLY A 343 -0.17 23.99 38.71
N GLY A 344 -0.47 25.29 38.67
CA GLY A 344 0.19 26.20 39.59
C GLY A 344 -0.14 25.91 41.04
N THR A 345 -1.41 25.61 41.33
CA THR A 345 -1.80 25.29 42.69
C THR A 345 -1.12 24.00 43.17
N ILE A 346 -1.04 23.00 42.30
CA ILE A 346 -0.38 21.74 42.66
C ILE A 346 1.10 21.99 42.94
N ALA A 347 1.75 22.79 42.09
CA ALA A 347 3.15 23.11 42.33
C ALA A 347 3.33 23.87 43.63
N ALA A 348 2.43 24.82 43.91
CA ALA A 348 2.52 25.58 45.15
C ALA A 348 2.39 24.67 46.36
N GLU A 349 1.43 23.75 46.34
CA GLU A 349 1.28 22.81 47.45
C GLU A 349 2.51 21.93 47.60
N ALA A 350 3.03 21.42 46.48
CA ALA A 350 4.20 20.55 46.54
C ALA A 350 5.39 21.29 47.14
N VAL A 351 5.63 22.51 46.69
CA VAL A 351 6.77 23.27 47.22
C VAL A 351 6.52 23.66 48.67
N ALA A 352 5.26 23.86 49.05
CA ALA A 352 4.96 24.12 50.46
C ALA A 352 5.36 22.94 51.32
N HIS A 353 5.02 21.72 50.88
CA HIS A 353 5.45 20.53 51.60
C HIS A 353 6.97 20.43 51.63
N ILE A 354 7.62 20.73 50.50
CA ILE A 354 9.08 20.63 50.44
C ILE A 354 9.72 21.62 51.42
N ARG A 355 9.20 22.84 51.48
CA ARG A 355 9.73 23.84 52.39
C ARG A 355 9.44 23.45 53.84
N GLU A 356 8.29 22.81 54.07
CA GLU A 356 8.03 22.29 55.42
C GLU A 356 9.08 21.27 55.82
N LEU A 357 9.45 20.38 54.90
CA LEU A 357 10.54 19.46 55.17
C LEU A 357 11.85 20.19 55.42
N SER A 358 12.14 21.21 54.61
CA SER A 358 13.45 21.85 54.67
C SER A 358 13.56 22.86 55.80
N MET A 359 12.45 23.16 56.46
CA MET A 359 12.48 24.13 57.56
C MET A 359 12.19 23.49 58.91
N THR A 360 11.15 22.64 58.98
CA THR A 360 10.77 22.06 60.26
C THR A 360 11.89 21.21 60.85
N ASN A 361 12.55 20.40 60.02
CA ASN A 361 13.68 19.61 60.50
C ASN A 361 14.85 20.50 60.89
N GLY A 362 15.05 21.59 60.16
CA GLY A 362 16.14 22.51 60.44
C GLY A 362 16.65 23.07 59.13
N ASN A 363 17.61 23.98 59.23
CA ASN A 363 18.22 24.53 58.02
C ASN A 363 18.94 23.42 57.28
N ALA A 364 18.32 22.91 56.22
CA ALA A 364 18.81 21.72 55.57
C ALA A 364 18.53 21.81 54.08
N VAL A 365 19.28 21.01 53.32
CA VAL A 365 19.11 20.87 51.88
C VAL A 365 18.11 19.76 51.65
N VAL A 366 17.21 19.96 50.69
CA VAL A 366 16.22 18.96 50.32
C VAL A 366 16.69 18.27 49.05
N HIS A 367 16.65 16.95 49.05
CA HIS A 367 16.91 16.15 47.85
C HIS A 367 15.59 15.94 47.15
N LEU A 368 15.29 16.81 46.18
CA LEU A 368 13.98 16.85 45.55
C LEU A 368 13.94 15.79 44.45
N MET A 369 12.81 15.11 44.33
CA MET A 369 12.69 13.98 43.43
C MET A 369 11.29 13.97 42.85
N VAL A 370 11.20 14.04 41.52
CA VAL A 370 9.95 14.35 40.84
C VAL A 370 9.59 13.28 39.82
N ARG A 371 8.33 12.86 39.85
CA ARG A 371 7.69 12.18 38.73
C ARG A 371 6.48 13.03 38.32
N GLY A 372 6.71 13.99 37.44
CA GLY A 372 5.67 14.90 37.07
C GLY A 372 5.87 15.51 35.71
N PRO A 373 4.83 16.12 35.17
CA PRO A 373 4.97 16.79 33.87
C PRO A 373 5.97 17.93 33.95
N PHE A 374 6.52 18.27 32.78
CA PHE A 374 7.60 19.24 32.71
C PHE A 374 7.22 20.57 33.34
N GLY A 375 5.99 21.02 33.11
CA GLY A 375 5.58 22.32 33.64
C GLY A 375 5.56 22.35 35.15
N LEU A 376 5.05 21.30 35.79
CA LEU A 376 5.02 21.27 37.24
C LEU A 376 6.43 21.20 37.82
N ALA A 377 7.33 20.47 37.16
CA ALA A 377 8.72 20.44 37.61
C ALA A 377 9.35 21.82 37.52
N VAL A 378 9.11 22.54 36.41
CA VAL A 378 9.67 23.88 36.27
C VAL A 378 9.08 24.81 37.32
N LEU A 379 7.78 24.71 37.57
CA LEU A 379 7.15 25.56 38.57
C LEU A 379 7.69 25.26 39.96
N ILE A 380 7.90 23.97 40.28
CA ILE A 380 8.46 23.59 41.56
C ILE A 380 9.86 24.15 41.72
N GLY A 381 10.67 24.06 40.67
CA GLY A 381 11.97 24.72 40.70
C GLY A 381 11.86 26.21 40.91
N ARG A 382 10.86 26.84 40.27
CA ARG A 382 10.64 28.27 40.44
C ARG A 382 10.36 28.63 41.89
N LEU A 383 9.53 27.84 42.56
CA LEU A 383 9.07 28.21 43.89
C LEU A 383 10.11 27.92 44.97
N THR A 384 11.22 27.27 44.62
CA THR A 384 12.26 26.94 45.59
C THR A 384 13.27 28.09 45.70
N ASN A 385 12.75 29.26 46.06
CA ASN A 385 13.59 30.46 46.11
C ASN A 385 14.52 30.42 47.32
N THR A 386 14.00 30.06 48.49
CA THR A 386 14.76 30.12 49.72
C THR A 386 15.51 28.83 50.05
N LEU A 387 14.84 27.69 50.05
CA LEU A 387 15.46 26.44 50.44
C LEU A 387 16.42 25.95 49.36
N ARG A 388 17.49 25.29 49.79
CA ARG A 388 18.51 24.76 48.90
C ARG A 388 18.08 23.37 48.46
N VAL A 389 18.13 23.11 47.15
CA VAL A 389 17.54 21.93 46.55
C VAL A 389 18.63 21.11 45.86
N VAL A 390 18.57 19.80 46.02
CA VAL A 390 19.35 18.87 45.22
C VAL A 390 18.37 18.06 44.38
N ALA A 391 18.55 18.09 43.06
CA ALA A 391 17.65 17.44 42.13
C ALA A 391 18.14 16.02 41.87
N TYR A 392 17.19 15.08 41.78
CA TYR A 392 17.50 13.70 41.49
C TYR A 392 16.85 13.28 40.17
N GLU A 393 17.50 12.37 39.48
CA GLU A 393 16.99 11.79 38.24
C GLU A 393 17.21 10.28 38.30
N TRP A 394 16.22 9.53 37.82
CA TRP A 394 16.20 8.08 38.03
C TRP A 394 16.92 7.41 36.86
N THR A 395 17.39 6.19 37.09
CA THR A 395 18.03 5.40 36.05
C THR A 395 17.58 3.95 36.18
N ASP A 396 16.90 3.44 35.15
CA ASP A 396 16.68 2.01 35.01
C ASP A 396 17.72 1.37 34.12
N SER A 397 18.63 2.17 33.57
CA SER A 397 19.64 1.66 32.66
C SER A 397 20.62 0.77 33.41
N ASP A 398 21.22 -0.17 32.70
CA ASP A 398 22.31 -0.96 33.25
C ASP A 398 23.49 -0.05 33.58
N ALA A 399 24.29 -0.48 34.54
CA ALA A 399 25.47 0.28 34.89
C ALA A 399 26.43 0.34 33.70
N PRO A 400 27.26 1.39 33.61
CA PRO A 400 28.21 1.46 32.50
C PRO A 400 29.14 0.26 32.42
N ASP A 401 29.42 -0.39 33.56
CA ASP A 401 30.20 -1.62 33.54
C ASP A 401 29.48 -2.73 32.76
N GLY A 402 28.15 -2.68 32.75
CA GLY A 402 27.35 -3.69 32.07
C GLY A 402 26.47 -4.50 33.00
N THR A 403 26.87 -4.70 34.24
CA THR A 403 26.02 -5.39 35.20
C THR A 403 24.87 -4.49 35.62
N PHE A 404 23.78 -5.12 36.04
CA PHE A 404 22.59 -4.36 36.38
C PHE A 404 22.61 -3.91 37.84
N MET A 405 21.98 -2.76 38.07
CA MET A 405 21.71 -2.19 39.38
C MET A 405 20.24 -1.84 39.41
N PRO A 406 19.51 -2.20 40.46
CA PRO A 406 18.06 -1.96 40.51
C PRO A 406 17.73 -0.48 40.30
N PRO A 407 16.48 -0.16 39.96
CA PRO A 407 16.13 1.23 39.65
C PRO A 407 16.66 2.20 40.69
N ARG A 408 17.34 3.24 40.19
CA ARG A 408 18.22 4.06 41.00
C ARG A 408 18.04 5.53 40.64
N TYR A 409 18.21 6.40 41.62
CA TYR A 409 18.38 7.82 41.35
C TYR A 409 19.82 8.20 41.66
N GLU A 410 20.42 8.96 40.75
CA GLU A 410 21.80 9.40 40.93
C GLU A 410 21.82 10.90 41.20
N PRO A 411 22.79 11.38 41.97
CA PRO A 411 22.83 12.81 42.30
C PRO A 411 23.35 13.64 41.14
N ILE A 412 22.46 14.47 40.57
CA ILE A 412 22.79 15.15 39.32
C ILE A 412 23.28 16.56 39.59
N VAL A 413 22.59 17.29 40.47
CA VAL A 413 22.84 18.73 40.63
C VAL A 413 22.29 19.22 41.96
N GLN A 414 23.02 20.14 42.58
CA GLN A 414 22.61 20.85 43.79
C GLN A 414 22.30 22.29 43.43
N LEU A 415 21.16 22.80 43.91
CA LEU A 415 20.65 24.10 43.51
C LEU A 415 20.47 24.99 44.73
N ARG A 416 20.80 26.27 44.60
CA ARG A 416 20.42 27.30 45.55
C ARG A 416 20.00 28.53 44.76
N ALA A 417 18.70 28.76 44.66
CA ALA A 417 18.14 29.74 43.74
C ALA A 417 18.58 31.14 44.12
N SER A 418 18.63 32.02 43.12
CA SER A 418 18.88 33.47 43.20
C SER A 418 20.33 33.80 43.56
N THR A 419 21.24 32.84 43.58
CA THR A 419 22.62 33.15 43.89
C THR A 419 23.28 33.88 42.72
N PRO A 420 24.20 34.80 42.99
CA PRO A 420 24.93 35.44 41.87
C PRO A 420 26.01 34.55 41.28
N ALA A 421 26.58 33.65 42.09
CA ALA A 421 27.60 32.74 41.58
C ALA A 421 27.00 31.76 40.56
N GLY A 422 25.74 31.40 40.74
CA GLY A 422 25.07 30.52 39.81
C GLY A 422 24.04 29.66 40.51
N VAL A 423 22.88 29.47 39.87
CA VAL A 423 21.84 28.64 40.48
C VAL A 423 22.30 27.19 40.55
N ILE A 424 23.17 26.78 39.62
CA ILE A 424 23.71 25.43 39.61
C ILE A 424 25.04 25.52 40.36
N GLU A 425 24.99 25.33 41.67
CA GLU A 425 26.20 25.45 42.48
C GLU A 425 27.19 24.35 42.15
N ARG A 426 26.72 23.12 42.00
CA ARG A 426 27.58 21.99 41.66
C ARG A 426 26.86 21.05 40.71
N VAL A 427 27.62 20.42 39.84
CA VAL A 427 27.15 19.28 39.04
C VAL A 427 27.63 18.03 39.75
N ILE A 428 26.78 17.50 40.63
CA ILE A 428 27.20 16.40 41.50
C ILE A 428 27.52 15.16 40.66
N VAL A 429 26.82 14.98 39.54
CA VAL A 429 27.11 13.86 38.66
C VAL A 429 28.56 13.93 38.20
N ALA A 430 29.17 12.77 38.03
CA ALA A 430 30.54 12.70 37.56
C ALA A 430 30.66 13.28 36.16
N ASP A 431 31.89 13.61 35.76
CA ASP A 431 32.12 14.15 34.43
C ASP A 431 32.50 13.05 33.44
N ALA A 432 32.58 11.81 33.92
CA ALA A 432 32.96 10.70 33.04
C ALA A 432 31.86 10.41 32.02
N GLU A 433 30.60 10.59 32.41
CA GLU A 433 29.47 10.33 31.52
C GLU A 433 29.50 11.26 30.31
N MET B 1 14.29 28.33 -14.68
CA MET B 1 14.60 27.80 -13.35
C MET B 1 13.76 26.55 -13.07
N PRO B 2 14.42 25.46 -12.69
CA PRO B 2 13.69 24.22 -12.39
C PRO B 2 13.00 24.28 -11.04
N ASP B 3 11.67 24.38 -11.05
CA ASP B 3 10.91 24.39 -9.80
C ASP B 3 10.87 23.03 -9.12
N THR B 4 11.34 21.98 -9.80
CA THR B 4 11.39 20.67 -9.16
C THR B 4 12.52 20.59 -8.15
N ALA B 5 13.65 21.25 -8.44
CA ALA B 5 14.77 21.26 -7.51
C ALA B 5 14.40 21.92 -6.19
N ILE B 6 13.68 23.05 -6.26
CA ILE B 6 13.26 23.73 -5.04
C ILE B 6 12.12 23.00 -4.35
N ASN B 7 11.60 21.93 -4.96
CA ASN B 7 10.58 21.11 -4.33
C ASN B 7 11.26 20.14 -3.37
N PRO B 8 11.04 20.28 -2.06
CA PRO B 8 11.78 19.43 -1.11
C PRO B 8 11.23 18.02 -1.01
N ARG B 9 9.95 17.83 -1.30
CA ARG B 9 9.34 16.51 -1.11
C ARG B 9 9.74 15.53 -2.20
N ASP B 10 10.44 15.98 -3.24
CA ASP B 10 10.86 15.11 -4.31
C ASP B 10 11.87 14.08 -3.79
N PRO B 11 11.97 12.93 -4.46
CA PRO B 11 12.86 11.87 -3.97
C PRO B 11 14.33 12.26 -4.07
N VAL B 12 15.19 11.32 -3.67
CA VAL B 12 16.63 11.51 -3.71
C VAL B 12 17.24 10.44 -4.60
N PHE B 13 18.10 10.85 -5.53
CA PHE B 13 18.77 9.96 -6.44
C PHE B 13 20.07 9.47 -5.80
N VAL B 14 20.35 8.17 -5.95
CA VAL B 14 21.61 7.58 -5.54
C VAL B 14 22.26 6.96 -6.78
N SER B 15 23.56 7.18 -6.94
CA SER B 15 24.30 6.69 -8.09
C SER B 15 25.34 5.68 -7.62
N TYR B 16 25.41 4.55 -8.33
CA TYR B 16 26.26 3.45 -7.88
C TYR B 16 26.37 2.44 -9.01
N ARG B 17 27.57 1.90 -9.18
CA ARG B 17 27.85 0.87 -10.17
C ARG B 17 28.71 -0.22 -9.54
N HIS B 18 28.61 -1.43 -10.11
CA HIS B 18 29.49 -2.55 -9.80
C HIS B 18 29.26 -3.09 -8.40
N SER B 19 30.13 -3.99 -7.94
CA SER B 19 29.88 -4.73 -6.70
C SER B 19 29.99 -3.82 -5.47
N ASP B 20 31.07 -3.04 -5.38
CA ASP B 20 31.21 -2.14 -4.25
C ASP B 20 30.09 -1.11 -4.22
N GLY B 21 29.75 -0.57 -5.39
CA GLY B 21 28.65 0.38 -5.47
C GLY B 21 27.33 -0.23 -5.02
N ILE B 22 27.01 -1.43 -5.51
CA ILE B 22 25.74 -2.04 -5.14
C ILE B 22 25.68 -2.32 -3.65
N ALA B 23 26.75 -2.84 -3.06
CA ALA B 23 26.72 -3.13 -1.63
C ALA B 23 26.57 -1.86 -0.80
N LEU B 24 27.46 -0.88 -1.03
CA LEU B 24 27.43 0.34 -0.23
C LEU B 24 26.12 1.09 -0.42
N ALA B 25 25.64 1.19 -1.66
CA ALA B 25 24.45 1.97 -1.92
C ALA B 25 23.19 1.22 -1.48
N ALA B 26 23.23 -0.11 -1.45
CA ALA B 26 22.11 -0.85 -0.88
C ALA B 26 21.99 -0.56 0.61
N GLU B 27 23.12 -0.64 1.33
CA GLU B 27 23.09 -0.26 2.73
C GLU B 27 22.61 1.17 2.90
N LEU B 28 23.13 2.08 2.08
CA LEU B 28 22.75 3.49 2.18
C LEU B 28 21.27 3.68 1.89
N THR B 29 20.73 2.98 0.89
CA THR B 29 19.32 3.10 0.57
C THR B 29 18.46 2.61 1.72
N TRP B 30 18.85 1.50 2.36
CA TRP B 30 18.08 1.05 3.51
C TRP B 30 18.12 2.08 4.62
N LEU B 31 19.29 2.66 4.90
CA LEU B 31 19.36 3.69 5.94
C LEU B 31 18.53 4.91 5.58
N LEU B 32 18.57 5.34 4.32
CA LEU B 32 17.81 6.51 3.91
C LEU B 32 16.31 6.27 4.02
N ARG B 33 15.86 5.10 3.56
CA ARG B 33 14.44 4.77 3.65
C ARG B 33 13.99 4.67 5.11
N ALA B 34 14.82 4.06 5.96
CA ALA B 34 14.48 3.99 7.38
C ALA B 34 14.47 5.38 8.00
N ALA B 35 15.29 6.29 7.48
CA ALA B 35 15.30 7.66 7.98
C ALA B 35 14.00 8.39 7.66
N GLY B 36 13.52 8.27 6.42
CA GLY B 36 12.32 8.95 5.99
C GLY B 36 12.43 9.65 4.65
N ILE B 37 13.63 9.80 4.12
CA ILE B 37 13.83 10.46 2.82
C ILE B 37 13.46 9.48 1.70
N PRO B 38 12.60 9.88 0.76
CA PRO B 38 12.32 9.01 -0.39
C PRO B 38 13.51 8.96 -1.32
N VAL B 39 13.84 7.78 -1.82
CA VAL B 39 15.07 7.58 -2.59
C VAL B 39 14.72 6.87 -3.89
N TRP B 40 15.54 7.13 -4.91
CA TRP B 40 15.41 6.49 -6.21
C TRP B 40 16.65 5.64 -6.42
N ARG B 41 16.47 4.35 -6.65
CA ARG B 41 17.58 3.42 -6.76
C ARG B 41 17.64 2.84 -8.17
N ASP B 42 18.85 2.47 -8.58
CA ASP B 42 19.02 1.84 -9.89
C ASP B 42 18.29 0.50 -9.95
N VAL B 43 18.74 -0.47 -9.15
CA VAL B 43 18.29 -1.84 -9.32
C VAL B 43 16.79 -1.97 -9.07
N ASP B 44 16.31 -1.38 -7.98
CA ASP B 44 14.92 -1.60 -7.59
C ASP B 44 13.93 -0.95 -8.55
N ASP B 45 14.22 0.28 -9.02
CA ASP B 45 13.27 1.02 -9.85
C ASP B 45 13.96 1.52 -11.13
N LEU B 46 13.87 0.73 -12.19
CA LEU B 46 14.12 1.20 -13.54
C LEU B 46 12.88 0.94 -14.37
N PRO B 47 12.09 1.97 -14.72
CA PRO B 47 11.02 1.77 -15.69
C PRO B 47 11.58 1.24 -16.99
N PRO B 48 10.93 0.26 -17.61
CA PRO B 48 11.51 -0.38 -18.79
C PRO B 48 11.73 0.61 -19.92
N GLY B 49 12.98 0.71 -20.35
CA GLY B 49 13.35 1.65 -21.39
C GLY B 49 14.85 1.85 -21.36
N ASP B 50 15.31 2.80 -22.17
CA ASP B 50 16.72 3.14 -22.18
C ASP B 50 17.14 3.63 -20.80
N THR B 51 18.03 2.88 -20.15
CA THR B 51 18.41 3.20 -18.78
C THR B 51 19.03 4.59 -18.70
N ASP B 52 19.89 4.94 -19.66
CA ASP B 52 20.44 6.29 -19.67
C ASP B 52 19.32 7.33 -19.80
N ALA B 53 18.42 7.14 -20.77
CA ALA B 53 17.30 8.07 -20.93
C ALA B 53 16.38 8.04 -19.73
N ARG B 54 16.19 6.87 -19.12
CA ARG B 54 15.33 6.78 -17.96
C ARG B 54 15.90 7.55 -16.77
N LEU B 55 17.21 7.46 -16.55
CA LEU B 55 17.83 8.28 -15.51
C LEU B 55 17.75 9.76 -15.86
N GLN B 56 17.92 10.10 -17.14
CA GLN B 56 17.70 11.49 -17.57
C GLN B 56 16.33 11.98 -17.13
N GLN B 57 15.29 11.22 -17.46
CA GLN B 57 13.92 11.62 -17.13
C GLN B 57 13.70 11.66 -15.62
N ALA B 58 14.26 10.71 -14.89
CA ALA B 58 14.09 10.67 -13.45
C ALA B 58 14.72 11.89 -12.79
N ILE B 59 15.92 12.28 -13.24
CA ILE B 59 16.54 13.49 -12.71
C ILE B 59 15.73 14.71 -13.10
N ASP B 60 15.19 14.72 -14.32
CA ASP B 60 14.44 15.89 -14.77
C ASP B 60 13.15 16.09 -13.98
N GLU B 61 12.43 15.01 -13.68
CA GLU B 61 11.09 15.15 -13.12
C GLU B 61 11.13 15.78 -11.73
N GLY B 62 12.09 15.37 -10.90
CA GLY B 62 12.27 16.01 -9.61
C GLY B 62 13.30 15.32 -8.74
N ILE B 63 14.22 16.09 -8.16
CA ILE B 63 15.24 15.55 -7.26
C ILE B 63 15.50 16.57 -6.16
N SER B 64 15.09 16.24 -4.93
CA SER B 64 15.39 17.13 -3.80
C SER B 64 16.84 17.03 -3.39
N GLY B 65 17.37 15.81 -3.32
CA GLY B 65 18.75 15.59 -2.97
C GLY B 65 19.37 14.48 -3.79
N ALA B 66 20.70 14.41 -3.82
CA ALA B 66 21.38 13.39 -4.60
C ALA B 66 22.55 12.84 -3.79
N VAL B 67 22.93 11.60 -4.08
CA VAL B 67 24.07 10.95 -3.43
C VAL B 67 24.85 10.21 -4.49
N ILE B 68 26.18 10.35 -4.45
CA ILE B 68 27.09 9.61 -5.30
C ILE B 68 27.99 8.76 -4.42
N ILE B 69 28.11 7.48 -4.76
CA ILE B 69 29.00 6.55 -4.09
C ILE B 69 30.22 6.33 -4.98
N ILE B 70 31.40 6.43 -4.40
CA ILE B 70 32.65 6.51 -5.17
C ILE B 70 33.55 5.34 -4.81
N THR B 71 33.91 4.55 -5.82
CA THR B 71 34.91 3.48 -5.79
C THR B 71 35.73 3.60 -7.06
N PRO B 72 36.86 2.90 -7.19
CA PRO B 72 37.55 2.90 -8.50
C PRO B 72 36.68 2.38 -9.63
N GLN B 73 35.80 1.42 -9.33
CA GLN B 73 34.87 0.93 -10.34
C GLN B 73 33.93 2.03 -10.81
N ILE B 74 33.66 3.02 -9.96
CA ILE B 74 32.87 4.17 -10.39
C ILE B 74 33.60 4.93 -11.47
N ALA B 75 34.92 5.13 -11.31
CA ALA B 75 35.71 5.71 -12.39
C ALA B 75 35.68 4.82 -13.62
N ASP B 76 35.70 3.50 -13.41
CA ASP B 76 35.65 2.58 -14.55
C ASP B 76 34.32 2.68 -15.29
N SER B 77 33.21 2.78 -14.57
CA SER B 77 31.89 2.68 -15.19
C SER B 77 31.57 3.93 -16.00
N ARG B 78 31.00 3.73 -17.19
CA ARG B 78 30.68 4.84 -18.08
C ARG B 78 29.45 5.61 -17.61
N VAL B 79 28.40 4.91 -17.17
CA VAL B 79 27.11 5.55 -16.94
C VAL B 79 27.17 6.48 -15.75
N VAL B 80 27.78 6.03 -14.65
CA VAL B 80 27.86 6.86 -13.44
C VAL B 80 28.69 8.11 -13.71
N ARG B 81 29.65 8.01 -14.65
CA ARG B 81 30.47 9.16 -14.99
C ARG B 81 29.74 10.14 -15.89
N GLU B 82 28.91 9.64 -16.81
CA GLU B 82 28.45 10.43 -17.94
C GLU B 82 26.98 10.81 -17.89
N VAL B 83 26.08 9.88 -17.56
CA VAL B 83 24.67 10.14 -17.79
C VAL B 83 24.07 10.96 -16.65
N GLU B 84 24.49 10.71 -15.43
CA GLU B 84 23.84 11.33 -14.28
C GLU B 84 24.73 12.30 -13.52
N ALA B 85 26.03 12.02 -13.42
CA ALA B 85 26.92 12.91 -12.67
C ALA B 85 26.96 14.32 -13.24
N PRO B 86 27.08 14.54 -14.55
CA PRO B 86 26.96 15.92 -15.04
C PRO B 86 25.65 16.58 -14.69
N ARG B 87 24.52 15.86 -14.77
CA ARG B 87 23.24 16.45 -14.39
C ARG B 87 23.21 16.79 -12.90
N LEU B 88 23.69 15.88 -12.06
CA LEU B 88 23.68 16.13 -10.63
C LEU B 88 24.53 17.33 -10.29
N LEU B 89 25.74 17.42 -10.85
CA LEU B 89 26.62 18.54 -10.55
C LEU B 89 26.07 19.85 -11.11
N ARG B 90 25.47 19.82 -12.30
CA ARG B 90 24.88 21.02 -12.87
C ARG B 90 23.73 21.54 -12.02
N LEU B 91 22.85 20.63 -11.57
CA LEU B 91 21.73 21.07 -10.74
C LEU B 91 22.22 21.51 -9.37
N HIS B 92 23.29 20.89 -8.86
CA HIS B 92 23.89 21.33 -7.61
C HIS B 92 24.45 22.74 -7.73
N ARG B 93 25.13 23.04 -8.84
CA ARG B 93 25.63 24.39 -9.05
C ARG B 93 24.50 25.39 -9.22
N SER B 94 23.43 24.98 -9.92
CA SER B 94 22.41 25.94 -10.32
C SER B 94 21.46 26.27 -9.17
N SER B 95 20.93 25.25 -8.50
CA SER B 95 19.85 25.49 -7.54
C SER B 95 20.36 25.44 -6.11
N PRO B 96 19.95 26.36 -5.20
CA PRO B 96 20.38 26.30 -3.80
C PRO B 96 19.76 25.13 -3.04
N GLN B 97 18.45 24.93 -3.17
CA GLN B 97 17.77 23.87 -2.40
C GLN B 97 18.03 22.52 -3.07
N PHE B 98 19.30 22.10 -3.00
CA PHE B 98 19.72 20.82 -3.52
C PHE B 98 20.91 20.33 -2.71
N ALA B 99 20.83 19.10 -2.24
CA ALA B 99 21.88 18.51 -1.43
C ALA B 99 22.57 17.43 -2.25
N LEU B 100 23.90 17.49 -2.30
CA LEU B 100 24.70 16.48 -2.97
C LEU B 100 25.57 15.78 -1.95
N GLY B 101 25.44 14.46 -1.87
CA GLY B 101 26.19 13.69 -0.89
C GLY B 101 27.24 12.83 -1.56
N ILE B 102 28.47 12.99 -1.08
CA ILE B 102 29.63 12.30 -1.62
C ILE B 102 30.19 11.40 -0.53
N VAL B 103 30.12 10.09 -0.75
CA VAL B 103 30.66 9.09 0.17
C VAL B 103 31.73 8.31 -0.55
N ASN B 104 32.93 8.25 0.04
CA ASN B 104 34.09 7.67 -0.61
C ASN B 104 34.45 6.36 0.08
N ALA B 105 34.59 5.30 -0.72
CA ALA B 105 35.10 4.02 -0.24
C ALA B 105 36.58 3.84 -0.53
N ILE B 106 37.22 4.85 -1.11
CA ILE B 106 38.64 4.80 -1.44
C ILE B 106 39.41 5.48 -0.31
N GLN B 107 40.33 4.75 0.30
CA GLN B 107 41.12 5.26 1.41
C GLN B 107 42.60 5.18 1.08
N THR B 108 43.30 6.29 1.23
CA THR B 108 44.74 6.31 1.06
C THR B 108 45.43 5.68 2.27
N SER B 109 46.76 5.80 2.30
CA SER B 109 47.52 5.26 3.42
C SER B 109 47.13 5.92 4.73
N THR B 110 46.69 7.18 4.68
CA THR B 110 46.28 7.88 5.90
C THR B 110 45.04 7.22 6.51
N GLY B 111 44.09 6.80 5.67
CA GLY B 111 42.86 6.22 6.15
C GLY B 111 41.72 7.20 6.28
N VAL B 112 41.98 8.50 6.21
CA VAL B 112 40.92 9.49 6.27
C VAL B 112 40.21 9.55 4.92
N VAL B 113 38.98 10.08 4.93
CA VAL B 113 38.24 10.22 3.69
C VAL B 113 39.01 11.13 2.73
N ASP B 114 39.11 10.69 1.48
CA ASP B 114 39.85 11.42 0.46
C ASP B 114 38.94 12.51 -0.09
N TYR B 115 39.19 13.76 0.35
CA TYR B 115 38.38 14.88 -0.14
C TYR B 115 38.59 15.10 -1.63
N ASP B 116 39.82 14.96 -2.11
CA ASP B 116 40.13 15.32 -3.49
C ASP B 116 39.72 14.21 -4.45
N ALA B 117 39.87 12.94 -4.05
CA ALA B 117 39.71 11.82 -4.98
C ALA B 117 38.40 11.80 -5.75
N PRO B 118 37.23 12.09 -5.18
CA PRO B 118 35.99 11.98 -5.97
C PRO B 118 35.97 12.82 -7.22
N ASP B 119 36.60 14.00 -7.22
CA ASP B 119 36.54 14.85 -8.41
C ASP B 119 37.23 14.20 -9.60
N ARG B 120 38.39 13.58 -9.36
CA ARG B 120 39.09 12.90 -10.45
C ARG B 120 38.43 11.58 -10.79
N VAL B 121 37.90 10.87 -9.79
CA VAL B 121 37.31 9.56 -10.04
C VAL B 121 36.02 9.71 -10.86
N LEU B 122 35.18 10.68 -10.50
CA LEU B 122 33.92 10.86 -11.20
C LEU B 122 34.12 11.30 -12.64
N GLY B 123 35.31 11.81 -12.97
CA GLY B 123 35.61 12.26 -14.31
C GLY B 123 35.50 13.76 -14.53
N MET B 124 35.31 14.53 -13.47
CA MET B 124 35.16 15.98 -13.59
C MET B 124 36.50 16.66 -13.37
N GLU B 125 36.90 17.49 -14.34
CA GLU B 125 38.17 18.21 -14.22
C GLU B 125 38.10 19.25 -13.12
N ARG B 126 36.92 19.79 -12.85
CA ARG B 126 36.77 20.83 -11.85
C ARG B 126 36.97 20.24 -10.45
N PRO B 127 37.72 20.94 -9.59
CA PRO B 127 37.93 20.43 -8.23
C PRO B 127 36.81 20.79 -7.27
N GLU B 128 35.65 21.17 -7.82
CA GLU B 128 34.51 21.54 -6.98
C GLU B 128 34.06 20.38 -6.11
N LEU B 129 34.19 19.16 -6.61
CA LEU B 129 33.72 17.99 -5.87
C LEU B 129 34.56 17.75 -4.62
N ARG B 130 35.69 18.43 -4.50
CA ARG B 130 36.48 18.33 -3.27
C ARG B 130 35.86 19.19 -2.16
N SER B 131 35.28 20.33 -2.52
CA SER B 131 34.79 21.26 -1.51
C SER B 131 33.59 20.70 -0.76
N VAL B 132 32.83 19.80 -1.38
CA VAL B 132 31.66 19.23 -0.73
C VAL B 132 32.10 18.38 0.46
N ASP B 133 31.23 18.28 1.46
CA ASP B 133 31.50 17.44 2.61
C ASP B 133 31.52 15.96 2.22
N GLN B 134 32.19 15.15 3.04
CA GLN B 134 32.36 13.73 2.77
C GLN B 134 32.45 12.95 4.07
N LYS B 135 32.03 11.69 4.01
CA LYS B 135 32.06 10.79 5.15
C LYS B 135 32.48 9.40 4.70
N SER B 136 32.98 8.61 5.65
CA SER B 136 33.51 7.30 5.35
C SER B 136 32.42 6.35 4.87
N ALA B 137 32.82 5.37 4.06
CA ALA B 137 31.89 4.37 3.53
C ALA B 137 31.80 3.20 4.51
N SER B 138 31.56 3.56 5.77
CA SER B 138 31.27 2.61 6.83
C SER B 138 29.87 2.89 7.34
N ARG B 139 29.40 2.03 8.23
CA ARG B 139 28.03 2.19 8.72
C ARG B 139 27.84 3.54 9.41
N LEU B 140 28.77 3.93 10.28
CA LEU B 140 28.58 5.17 11.04
C LEU B 140 28.57 6.39 10.14
N GLY B 141 29.55 6.50 9.24
CA GLY B 141 29.59 7.64 8.35
C GLY B 141 28.42 7.67 7.38
N LEU B 142 28.01 6.50 6.89
CA LEU B 142 26.86 6.43 5.99
C LEU B 142 25.59 6.88 6.70
N VAL B 143 25.41 6.46 7.95
CA VAL B 143 24.28 6.91 8.76
C VAL B 143 24.36 8.42 8.99
N THR B 144 25.57 8.94 9.18
CA THR B 144 25.73 10.38 9.34
C THR B 144 25.30 11.13 8.09
N MET B 145 25.68 10.63 6.91
CA MET B 145 25.29 11.32 5.69
C MET B 145 23.79 11.18 5.45
N ALA B 146 23.20 10.06 5.89
CA ALA B 146 21.75 9.91 5.84
C ALA B 146 21.07 10.95 6.73
N ARG B 147 21.60 11.17 7.93
CA ARG B 147 21.02 12.18 8.80
C ARG B 147 21.17 13.56 8.18
N GLN B 148 22.28 13.80 7.47
CA GLN B 148 22.46 15.09 6.82
C GLN B 148 21.43 15.29 5.71
N MET B 149 21.16 14.24 4.93
CA MET B 149 20.10 14.34 3.92
C MET B 149 18.75 14.61 4.55
N LEU B 150 18.42 13.88 5.62
CA LEU B 150 17.13 14.10 6.28
C LEU B 150 17.04 15.52 6.84
N TRP B 151 18.13 16.01 7.42
CA TRP B 151 18.13 17.34 8.02
C TRP B 151 18.00 18.40 6.94
N HIS B 152 18.65 18.21 5.80
CA HIS B 152 18.48 19.14 4.69
C HIS B 152 17.05 19.14 4.19
N ARG B 153 16.44 17.96 4.07
CA ARG B 153 15.05 17.89 3.64
C ARG B 153 14.15 18.64 4.61
N ILE B 154 14.34 18.42 5.91
CA ILE B 154 13.50 19.09 6.90
C ILE B 154 13.75 20.59 6.89
N ALA B 155 15.01 21.00 6.68
CA ALA B 155 15.32 22.42 6.61
C ALA B 155 14.61 23.07 5.43
N ALA B 156 14.59 22.39 4.28
CA ALA B 156 13.89 22.93 3.13
C ALA B 156 12.39 22.99 3.39
N ILE B 157 11.85 21.97 4.05
CA ILE B 157 10.41 21.90 4.29
C ILE B 157 9.93 22.91 5.33
N ARG B 158 10.79 23.26 6.30
CA ARG B 158 10.34 23.98 7.49
C ARG B 158 9.45 25.18 7.22
N PRO B 159 9.78 26.08 6.27
CA PRO B 159 8.83 27.18 5.99
C PRO B 159 7.46 26.68 5.54
N LEU B 160 7.42 25.57 4.80
CA LEU B 160 6.14 25.05 4.32
C LEU B 160 5.26 24.62 5.49
N LEU B 161 5.82 23.89 6.45
CA LEU B 161 5.04 23.52 7.63
C LEU B 161 4.68 24.74 8.46
N SER B 162 5.61 25.69 8.61
CA SER B 162 5.31 26.90 9.36
C SER B 162 4.13 27.63 8.76
N ALA B 163 4.01 27.61 7.43
CA ALA B 163 2.82 28.18 6.79
C ALA B 163 1.62 27.24 6.92
N SER B 164 1.85 25.93 6.80
CA SER B 164 0.75 24.96 6.73
C SER B 164 0.41 24.40 8.10
N GLY B 165 0.18 25.31 9.04
CA GLY B 165 -0.35 24.92 10.34
C GLY B 165 0.61 24.16 11.23
N GLY B 166 1.86 24.01 10.81
CA GLY B 166 2.85 23.35 11.66
C GLY B 166 2.52 21.91 12.00
N GLU B 167 2.13 21.12 11.00
CA GLU B 167 1.84 19.71 11.20
C GLU B 167 2.78 18.88 10.35
N LEU B 168 3.76 18.25 10.99
CA LEU B 168 4.72 17.38 10.33
C LEU B 168 4.02 16.11 9.88
N ARG B 169 4.27 15.69 8.64
CA ARG B 169 3.58 14.56 8.04
C ARG B 169 4.57 13.44 7.75
N LEU B 170 4.24 12.24 8.18
CA LEU B 170 5.05 11.04 7.91
C LEU B 170 4.19 9.95 7.29
N SER B 171 4.80 9.19 6.39
CA SER B 171 4.21 7.97 5.84
C SER B 171 5.21 6.85 6.03
N LEU B 172 4.82 5.82 6.78
CA LEU B 172 5.77 4.79 7.19
C LEU B 172 5.14 3.41 7.06
N GLN B 173 5.81 2.53 6.30
CA GLN B 173 5.32 1.20 5.99
C GLN B 173 6.47 0.23 6.11
N THR B 174 6.18 -1.01 6.50
CA THR B 174 7.21 -2.03 6.62
C THR B 174 7.10 -3.13 5.58
N ARG B 175 6.01 -3.23 4.85
CA ARG B 175 5.89 -4.24 3.80
C ARG B 175 5.51 -3.72 2.44
N ASN B 176 5.80 -2.46 2.13
CA ASN B 176 5.91 -2.09 0.73
C ASN B 176 7.36 -2.26 0.28
N THR B 177 7.54 -2.68 -0.96
CA THR B 177 8.86 -3.03 -1.48
C THR B 177 9.64 -1.76 -1.81
N PRO B 178 10.96 -1.85 -2.05
CA PRO B 178 11.71 -0.64 -2.44
C PRO B 178 11.10 0.06 -3.63
N GLN B 179 10.70 1.31 -3.44
CA GLN B 179 9.87 2.01 -4.40
C GLN B 179 10.27 3.48 -4.44
N VAL B 180 10.00 4.15 -5.56
CA VAL B 180 10.31 5.57 -5.66
C VAL B 180 9.08 6.43 -5.48
N TYR B 181 7.99 6.10 -6.17
CA TYR B 181 6.74 6.85 -6.04
C TYR B 181 5.95 6.44 -4.81
N ASP B 182 6.59 5.77 -3.85
CA ASP B 182 5.96 5.48 -2.57
C ASP B 182 5.59 6.76 -1.84
N ARG B 183 6.31 7.84 -2.12
CA ARG B 183 6.08 9.11 -1.44
C ARG B 183 4.64 9.59 -1.62
N THR B 184 3.97 9.79 -0.50
CA THR B 184 2.69 10.48 -0.47
C THR B 184 2.95 11.97 -0.19
N ASP B 185 1.90 12.72 0.16
CA ASP B 185 2.07 14.10 0.61
C ASP B 185 2.52 14.07 2.07
N ALA B 186 3.68 13.46 2.27
CA ALA B 186 4.26 13.24 3.59
C ALA B 186 5.70 13.72 3.59
N ASP B 187 6.11 14.38 4.67
CA ASP B 187 7.45 14.95 4.74
C ASP B 187 8.52 13.87 4.79
N LEU B 188 8.28 12.83 5.57
CA LEU B 188 9.23 11.73 5.73
C LEU B 188 8.53 10.44 5.32
N ASP B 189 9.27 9.55 4.68
CA ASP B 189 8.74 8.26 4.24
C ASP B 189 9.63 7.15 4.75
N ILE B 190 9.27 6.57 5.88
CA ILE B 190 10.06 5.54 6.55
C ILE B 190 9.63 4.18 6.02
N ARG B 191 10.45 3.58 5.17
CA ARG B 191 10.15 2.30 4.56
C ARG B 191 11.22 1.30 4.99
N ILE B 192 10.81 0.24 5.68
CA ILE B 192 11.72 -0.78 6.18
C ILE B 192 11.63 -1.99 5.27
N ARG B 193 12.78 -2.55 4.91
CA ARG B 193 12.82 -3.63 3.94
C ARG B 193 12.04 -4.84 4.45
N PRO B 194 11.14 -5.39 3.65
CA PRO B 194 10.48 -6.65 4.02
C PRO B 194 11.35 -7.83 3.63
N SER B 195 11.53 -8.82 4.50
CA SER B 195 12.39 -9.96 4.19
C SER B 195 11.67 -11.26 4.49
N ALA B 196 10.87 -11.73 3.53
CA ALA B 196 10.48 -13.13 3.36
C ALA B 196 10.18 -13.85 4.68
N HIS B 197 9.54 -13.18 5.62
CA HIS B 197 9.08 -13.87 6.82
C HIS B 197 7.71 -13.37 7.28
N GLU B 198 6.89 -12.93 6.33
CA GLU B 198 5.46 -12.66 6.53
C GLU B 198 5.31 -11.58 7.61
N LYS B 199 4.66 -11.86 8.74
CA LYS B 199 4.35 -10.80 9.70
C LYS B 199 5.61 -10.24 10.34
N LEU B 200 6.73 -10.94 10.20
CA LEU B 200 7.96 -10.50 10.84
C LEU B 200 8.70 -9.52 9.92
N PRO B 201 9.09 -8.35 10.41
CA PRO B 201 9.98 -7.48 9.66
C PRO B 201 11.38 -8.05 9.58
N SER B 202 12.26 -7.31 8.92
CA SER B 202 13.64 -7.73 8.70
C SER B 202 14.52 -7.29 9.85
N ALA B 203 15.39 -8.21 10.29
CA ALA B 203 16.39 -7.84 11.30
C ALA B 203 17.32 -6.76 10.77
N HIS B 204 17.73 -6.88 9.50
CA HIS B 204 18.52 -5.83 8.89
C HIS B 204 17.73 -4.52 8.85
N GLY B 205 16.43 -4.60 8.52
CA GLY B 205 15.62 -3.40 8.48
C GLY B 205 15.52 -2.72 9.83
N LEU B 206 15.26 -3.49 10.89
CA LEU B 206 15.17 -2.90 12.22
C LEU B 206 16.52 -2.36 12.69
N GLU B 207 17.61 -3.03 12.35
CA GLU B 207 18.93 -2.50 12.70
C GLU B 207 19.19 -1.19 11.99
N ASP B 208 18.84 -1.11 10.71
CA ASP B 208 19.04 0.13 9.96
C ASP B 208 18.16 1.25 10.50
N PHE B 209 16.93 0.91 10.90
CA PHE B 209 16.08 1.89 11.56
C PHE B 209 16.71 2.32 12.89
N ALA B 210 17.33 1.38 13.60
CA ALA B 210 18.00 1.70 14.85
C ALA B 210 19.09 2.72 14.63
N GLU B 211 19.88 2.55 13.57
CA GLU B 211 20.94 3.51 13.29
C GLU B 211 20.37 4.89 13.01
N THR B 212 19.19 4.96 12.41
CA THR B 212 18.52 6.23 12.15
C THR B 212 17.38 6.52 13.12
N ALA B 213 17.22 5.71 14.18
CA ALA B 213 16.13 5.94 15.12
C ALA B 213 16.28 7.27 15.84
N GLN B 214 17.51 7.61 16.24
CA GLN B 214 17.73 8.86 16.98
C GLN B 214 17.44 10.07 16.11
N PHE B 215 17.43 9.90 14.79
CA PHE B 215 17.21 11.03 13.89
C PHE B 215 15.74 11.44 13.86
N LEU B 216 14.84 10.48 14.09
CA LEU B 216 13.41 10.80 14.03
C LEU B 216 12.98 11.84 15.05
N PRO B 217 13.32 11.75 16.34
CA PRO B 217 13.01 12.88 17.23
C PRO B 217 13.66 14.16 16.78
N ASP B 218 14.88 14.04 16.25
CA ASP B 218 15.56 15.20 15.68
C ASP B 218 14.82 15.73 14.47
N ALA B 219 14.25 14.84 13.66
CA ALA B 219 13.42 15.27 12.55
C ALA B 219 12.22 16.07 13.03
N VAL B 220 11.54 15.58 14.07
CA VAL B 220 10.38 16.30 14.58
C VAL B 220 10.78 17.66 15.14
N THR B 221 11.87 17.71 15.91
CA THR B 221 12.25 18.98 16.52
C THR B 221 12.77 19.98 15.50
N ARG B 222 13.42 19.49 14.43
CA ARG B 222 13.85 20.38 13.37
C ARG B 222 12.66 20.88 12.55
N ALA B 223 11.64 20.03 12.38
CA ALA B 223 10.48 20.41 11.60
C ALA B 223 9.71 21.57 12.21
N GLY B 224 9.88 21.84 13.50
CA GLY B 224 9.18 22.93 14.14
C GLY B 224 7.68 22.79 14.05
N ALA B 225 7.20 21.56 14.25
CA ALA B 225 5.78 21.23 14.09
C ALA B 225 5.09 21.25 15.44
N ASN B 226 3.91 21.88 15.49
CA ASN B 226 3.11 21.84 16.71
C ASN B 226 2.76 20.42 17.07
N GLY B 227 2.38 19.61 16.08
CA GLY B 227 2.19 18.19 16.28
C GLY B 227 2.49 17.44 15.01
N VAL B 228 2.89 16.19 15.17
CA VAL B 228 3.29 15.35 14.05
C VAL B 228 2.07 14.53 13.61
N ARG B 229 1.93 14.35 12.30
CA ARG B 229 0.91 13.50 11.71
C ARG B 229 1.59 12.36 11.00
N ILE B 230 1.21 11.14 11.32
CA ILE B 230 1.79 9.95 10.71
C ILE B 230 0.71 9.20 9.94
N GLU B 231 0.91 9.07 8.64
CA GLU B 231 0.21 8.09 7.82
C GLU B 231 1.10 6.86 7.75
N GLY B 232 0.57 5.74 7.30
CA GLY B 232 1.37 4.54 7.38
C GLY B 232 0.64 3.25 7.60
N GLY B 233 0.95 2.56 8.70
CA GLY B 233 0.54 1.18 8.86
C GLY B 233 1.69 0.20 8.89
N ALA B 234 2.76 0.54 9.60
CA ALA B 234 3.85 -0.40 9.83
C ALA B 234 3.39 -1.54 10.74
N HIS B 235 4.29 -2.50 10.96
CA HIS B 235 4.01 -3.58 11.88
C HIS B 235 3.89 -3.10 13.32
N LEU B 236 3.23 -3.93 14.13
CA LEU B 236 2.87 -3.56 15.49
C LEU B 236 4.10 -3.32 16.36
N SER B 237 5.10 -4.19 16.27
CA SER B 237 6.34 -3.95 17.00
C SER B 237 7.05 -2.71 16.46
N VAL B 238 7.14 -2.59 15.15
CA VAL B 238 7.72 -1.38 14.55
C VAL B 238 6.85 -0.18 14.88
N SER B 239 5.54 -0.40 15.03
CA SER B 239 4.64 0.68 15.42
C SER B 239 4.97 1.19 16.83
N ILE B 240 5.13 0.28 17.78
CA ILE B 240 5.54 0.67 19.13
C ILE B 240 6.88 1.37 19.08
N ALA B 241 7.80 0.85 18.25
CA ALA B 241 9.12 1.45 18.14
C ALA B 241 9.04 2.89 17.64
N ILE B 242 8.24 3.13 16.61
CA ILE B 242 8.16 4.46 16.02
C ILE B 242 7.44 5.41 16.96
N GLY B 243 6.41 4.92 17.64
CA GLY B 243 5.77 5.74 18.68
C GLY B 243 6.75 6.13 19.76
N ALA B 244 7.56 5.18 20.24
CA ALA B 244 8.54 5.50 21.27
C ALA B 244 9.61 6.44 20.73
N ALA B 245 9.89 6.36 19.43
CA ALA B 245 10.84 7.30 18.83
C ALA B 245 10.33 8.73 18.92
N ILE B 246 9.03 8.93 18.69
CA ILE B 246 8.42 10.25 18.81
C ILE B 246 7.50 10.22 20.03
N PRO B 247 8.04 10.30 21.24
CA PRO B 247 7.20 10.09 22.42
C PRO B 247 6.27 11.26 22.69
N SER B 248 5.30 11.02 23.57
CA SER B 248 4.33 12.04 23.93
C SER B 248 4.98 13.25 24.58
N THR B 249 6.19 13.09 25.07
CA THR B 249 6.86 14.16 25.81
C THR B 249 7.38 15.25 24.86
N ARG B 250 7.81 14.87 23.67
CA ARG B 250 8.60 15.75 22.83
C ARG B 250 7.79 16.44 21.74
N VAL B 251 6.72 15.84 21.24
CA VAL B 251 6.04 16.34 20.05
C VAL B 251 4.72 17.03 20.33
N GLY B 252 3.84 16.46 21.14
CA GLY B 252 2.56 17.07 21.40
C GLY B 252 1.42 16.41 20.66
N PRO B 253 0.35 17.17 20.41
CA PRO B 253 -0.87 16.60 19.82
C PRO B 253 -0.56 15.90 18.51
N MET B 254 -0.70 14.58 18.51
CA MET B 254 -0.27 13.77 17.39
C MET B 254 -1.46 13.06 16.77
N THR B 255 -1.64 13.22 15.47
CA THR B 255 -2.71 12.57 14.72
C THR B 255 -2.09 11.50 13.83
N VAL B 256 -2.13 10.25 14.30
CA VAL B 256 -1.60 9.12 13.55
C VAL B 256 -2.72 8.56 12.68
N VAL B 257 -2.43 8.37 11.40
CA VAL B 257 -3.39 7.92 10.41
C VAL B 257 -2.96 6.55 9.91
N ASP B 258 -3.90 5.60 9.90
CA ASP B 258 -3.66 4.26 9.41
C ASP B 258 -4.02 4.16 7.93
N GLY B 259 -3.83 2.97 7.37
CA GLY B 259 -4.12 2.76 5.96
C GLY B 259 -5.57 3.01 5.62
N ARG B 260 -6.48 2.84 6.59
CA ARG B 260 -7.90 3.07 6.38
C ARG B 260 -8.25 4.53 6.20
N GLY B 261 -7.31 5.44 6.42
CA GLY B 261 -7.61 6.86 6.31
C GLY B 261 -8.55 7.35 7.41
N VAL B 262 -8.45 6.78 8.60
CA VAL B 262 -9.18 7.24 9.77
C VAL B 262 -8.17 7.81 10.75
N HIS B 263 -8.49 8.94 11.34
CA HIS B 263 -7.55 9.69 12.16
C HIS B 263 -7.62 9.23 13.61
N TRP B 264 -6.53 8.63 14.08
CA TRP B 264 -6.36 8.34 15.50
C TRP B 264 -5.66 9.51 16.14
N VAL B 265 -6.41 10.34 16.85
CA VAL B 265 -5.91 11.59 17.39
C VAL B 265 -5.41 11.36 18.81
N SER B 266 -4.48 12.20 19.22
CA SER B 266 -3.94 12.20 20.58
C SER B 266 -4.80 13.08 21.47
N SER B 267 -5.48 12.46 22.44
CA SER B 267 -6.36 13.18 23.34
C SER B 267 -5.73 13.45 24.69
N THR B 268 -5.27 12.42 25.40
CA THR B 268 -4.84 12.61 26.77
C THR B 268 -3.57 11.81 27.03
N GLU B 269 -2.76 12.33 27.95
CA GLU B 269 -1.57 11.66 28.44
C GLU B 269 -2.00 10.47 29.30
N PRO B 270 -1.17 9.44 29.42
CA PRO B 270 -1.51 8.26 30.22
C PRO B 270 -2.23 8.59 31.53
N GLN B 271 -3.38 7.94 31.72
CA GLN B 271 -4.17 8.06 32.94
C GLN B 271 -5.13 6.88 33.00
N LEU B 272 -5.68 6.65 34.18
CA LEU B 272 -6.84 5.77 34.25
C LEU B 272 -8.09 6.58 33.95
N PRO B 273 -8.79 6.30 32.86
CA PRO B 273 -9.91 7.16 32.45
C PRO B 273 -11.07 7.06 33.41
N ASP B 274 -11.99 8.02 33.28
CA ASP B 274 -13.18 8.02 34.11
C ASP B 274 -14.01 6.77 33.89
N GLU B 275 -14.17 6.37 32.62
CA GLU B 275 -14.84 5.13 32.28
C GLU B 275 -13.81 4.12 31.80
N PRO B 276 -13.59 3.02 32.52
CA PRO B 276 -12.62 2.03 32.07
C PRO B 276 -13.04 1.41 30.74
N ARG B 277 -12.28 1.72 29.70
CA ARG B 277 -12.54 1.21 28.35
C ARG B 277 -11.74 -0.04 28.06
N LEU B 278 -10.89 -0.48 28.99
CA LEU B 278 -10.14 -1.71 28.87
C LEU B 278 -10.38 -2.56 30.11
N ARG B 279 -10.49 -3.86 29.91
CA ARG B 279 -10.81 -4.78 30.99
C ARG B 279 -9.69 -5.79 31.16
N ILE B 280 -9.32 -6.05 32.41
CA ILE B 280 -8.23 -6.99 32.72
C ILE B 280 -8.84 -8.38 32.69
N VAL B 281 -8.81 -8.99 31.49
CA VAL B 281 -9.44 -10.28 31.30
C VAL B 281 -8.67 -11.37 32.04
N ARG B 282 -7.35 -11.38 31.91
CA ARG B 282 -6.50 -12.40 32.52
C ARG B 282 -5.29 -11.74 33.15
N GLU B 283 -5.11 -11.96 34.45
CA GLU B 283 -4.04 -11.35 35.22
C GLU B 283 -3.35 -12.41 36.06
N SER B 284 -2.07 -12.19 36.34
CA SER B 284 -1.25 -13.14 37.08
C SER B 284 -0.94 -12.59 38.47
N THR B 285 -1.16 -13.41 39.49
CA THR B 285 -0.81 -13.06 40.86
C THR B 285 0.18 -14.09 41.39
N ILE B 286 1.32 -13.61 41.88
CA ILE B 286 2.37 -14.48 42.41
C ILE B 286 3.30 -13.64 43.29
N PRO B 287 3.76 -14.16 44.42
CA PRO B 287 4.80 -13.45 45.18
C PRO B 287 6.15 -13.53 44.49
N SER B 288 7.06 -12.62 44.84
CA SER B 288 8.37 -12.54 44.18
C SER B 288 9.26 -13.66 44.69
N THR B 289 8.93 -14.88 44.25
CA THR B 289 9.70 -16.08 44.58
C THR B 289 10.56 -16.44 43.39
N ALA B 290 11.88 -16.35 43.57
CA ALA B 290 12.88 -16.60 42.53
C ALA B 290 12.57 -15.86 41.24
N PRO B 291 12.56 -14.53 41.24
CA PRO B 291 12.41 -13.79 39.99
C PRO B 291 13.72 -13.79 39.20
N ALA B 292 13.69 -13.09 38.08
CA ALA B 292 14.91 -12.90 37.31
C ALA B 292 15.90 -12.05 38.11
N PRO B 293 17.15 -12.49 38.24
CA PRO B 293 18.10 -11.75 39.08
C PRO B 293 18.41 -10.37 38.52
N GLY B 294 18.33 -9.38 39.40
CA GLY B 294 18.61 -8.00 39.01
C GLY B 294 17.43 -7.32 38.37
N ARG B 295 17.16 -7.65 37.10
CA ARG B 295 16.08 -7.05 36.34
C ARG B 295 14.88 -7.99 36.27
N PRO B 296 13.75 -7.60 36.85
CA PRO B 296 12.52 -8.37 36.67
C PRO B 296 11.92 -8.12 35.30
N ASP B 297 11.08 -9.04 34.84
CA ASP B 297 10.47 -8.97 33.51
C ASP B 297 8.97 -9.08 33.63
N VAL B 298 8.26 -8.25 32.87
CA VAL B 298 6.80 -8.24 32.84
C VAL B 298 6.34 -8.12 31.39
N ALA B 299 5.26 -8.81 31.07
CA ALA B 299 4.67 -8.79 29.74
C ALA B 299 3.24 -8.31 29.82
N ALA B 300 2.90 -7.30 29.03
CA ALA B 300 1.54 -6.79 28.97
C ALA B 300 1.01 -6.98 27.55
N TYR B 301 -0.09 -7.71 27.44
CA TYR B 301 -0.68 -8.04 26.16
C TYR B 301 -2.01 -7.30 26.02
N ILE B 302 -2.14 -6.55 24.94
CA ILE B 302 -3.35 -5.77 24.68
C ILE B 302 -3.90 -6.18 23.33
N ASP B 303 -5.07 -6.82 23.34
CA ASP B 303 -5.79 -7.13 22.10
C ASP B 303 -7.04 -6.27 22.04
N LEU B 304 -6.99 -5.23 21.20
CA LEU B 304 -8.08 -4.29 21.08
C LEU B 304 -9.17 -4.75 20.12
N GLN B 305 -8.89 -5.76 19.31
CA GLN B 305 -9.90 -6.34 18.43
C GLN B 305 -10.61 -7.45 19.19
N HIS B 306 -11.94 -7.38 19.24
CA HIS B 306 -12.68 -8.27 20.12
C HIS B 306 -12.44 -9.75 19.88
N PRO B 307 -12.32 -10.25 18.63
CA PRO B 307 -11.97 -11.67 18.46
C PRO B 307 -10.75 -12.04 19.28
N ARG B 308 -10.97 -12.87 20.28
CA ARG B 308 -9.96 -13.20 21.28
C ARG B 308 -9.04 -14.28 20.75
N SER B 309 -7.73 -14.00 20.79
CA SER B 309 -6.71 -14.95 20.34
C SER B 309 -5.69 -15.11 21.46
N ASP B 310 -6.00 -16.01 22.40
CA ASP B 310 -5.13 -16.22 23.55
C ASP B 310 -4.24 -17.44 23.41
N ALA B 311 -4.33 -18.18 22.30
CA ALA B 311 -3.53 -19.39 22.15
C ALA B 311 -2.06 -19.07 22.08
N ALA B 312 -1.67 -18.09 21.26
CA ALA B 312 -0.27 -17.72 21.15
C ALA B 312 0.21 -17.02 22.41
N PHE B 313 -0.66 -16.22 23.05
CA PHE B 313 -0.30 -15.66 24.34
C PHE B 313 -0.09 -16.76 25.37
N ASP B 314 -0.91 -17.81 25.32
CA ASP B 314 -0.70 -18.96 26.20
C ASP B 314 0.64 -19.63 25.92
N ASN B 315 1.01 -19.76 24.64
CA ASN B 315 2.30 -20.35 24.30
C ASN B 315 3.45 -19.50 24.81
N TYR B 316 3.35 -18.18 24.62
CA TYR B 316 4.38 -17.28 25.14
C TYR B 316 4.49 -17.38 26.66
N LEU B 317 3.36 -17.45 27.36
CA LEU B 317 3.40 -17.61 28.80
C LEU B 317 4.09 -18.90 29.18
N THR B 318 3.66 -20.02 28.60
CA THR B 318 4.27 -21.32 28.92
C THR B 318 5.77 -21.30 28.65
N GLU B 319 6.19 -20.56 27.63
CA GLU B 319 7.61 -20.49 27.32
C GLU B 319 8.37 -19.64 28.34
N HIS B 320 7.81 -18.49 28.73
CA HIS B 320 8.54 -17.51 29.52
C HIS B 320 7.83 -17.12 30.82
N ALA B 321 6.99 -17.98 31.39
CA ALA B 321 6.34 -17.62 32.65
C ALA B 321 7.34 -17.57 33.80
N ALA B 322 8.41 -18.35 33.71
CA ALA B 322 9.34 -18.47 34.84
C ALA B 322 10.01 -17.14 35.16
N GLU B 323 10.61 -16.51 34.16
CA GLU B 323 11.31 -15.25 34.40
C GLU B 323 10.31 -14.09 34.53
N LEU B 324 9.15 -14.22 33.90
CA LEU B 324 8.16 -13.16 33.93
C LEU B 324 7.56 -13.03 35.32
N VAL B 325 7.67 -11.84 35.90
CA VAL B 325 7.11 -11.61 37.23
C VAL B 325 5.58 -11.58 37.18
N ALA B 326 5.02 -10.94 36.16
CA ALA B 326 3.57 -10.86 36.01
C ALA B 326 3.22 -10.66 34.54
N TRP B 327 1.98 -11.00 34.20
CA TRP B 327 1.43 -10.74 32.87
C TRP B 327 0.01 -10.23 33.02
N GLN B 328 -0.38 -9.28 32.18
CA GLN B 328 -1.72 -8.71 32.23
C GLN B 328 -2.29 -8.66 30.82
N HIS B 329 -3.55 -9.03 30.70
CA HIS B 329 -4.24 -9.15 29.42
C HIS B 329 -5.31 -8.06 29.35
N LEU B 330 -5.22 -7.20 28.34
CA LEU B 330 -6.11 -6.06 28.20
C LEU B 330 -6.98 -6.21 26.98
N ALA B 331 -8.30 -6.11 27.18
CA ALA B 331 -9.24 -6.20 26.08
C ALA B 331 -10.28 -5.09 26.21
N PRO B 332 -10.87 -4.63 25.10
CA PRO B 332 -11.91 -3.59 25.21
C PRO B 332 -13.14 -4.09 25.93
N THR B 333 -13.78 -3.20 26.71
CA THR B 333 -14.94 -3.62 27.48
C THR B 333 -16.13 -3.90 26.57
N ARG B 334 -16.38 -3.05 25.58
CA ARG B 334 -17.53 -3.19 24.70
C ARG B 334 -17.08 -3.63 23.31
N THR B 335 -17.94 -4.35 22.62
CA THR B 335 -17.60 -5.03 21.36
C THR B 335 -17.67 -4.02 20.22
N GLY B 336 -16.68 -4.06 19.34
CA GLY B 336 -16.73 -3.24 18.14
C GLY B 336 -15.38 -2.61 17.87
N LEU B 337 -15.33 -1.84 16.78
CA LEU B 337 -14.16 -0.99 16.55
C LEU B 337 -14.25 0.21 17.46
N LEU B 338 -13.11 0.65 17.97
CA LEU B 338 -13.13 1.73 18.95
C LEU B 338 -12.91 3.07 18.25
N ASP B 339 -13.66 4.07 18.69
CA ASP B 339 -13.73 5.34 17.98
C ASP B 339 -12.40 6.08 18.06
N ALA B 340 -12.27 7.13 17.22
CA ALA B 340 -11.01 7.86 17.11
C ALA B 340 -10.60 8.50 18.44
N ALA B 341 -11.39 9.47 18.91
CA ALA B 341 -11.11 10.08 20.21
C ALA B 341 -11.14 9.04 21.31
N ASP B 342 -12.10 8.11 21.21
CA ASP B 342 -12.04 6.91 22.04
C ASP B 342 -10.74 6.17 21.82
N GLY B 343 -10.17 6.25 20.61
CA GLY B 343 -8.86 5.65 20.38
C GLY B 343 -7.76 6.29 21.19
N GLY B 344 -7.72 7.62 21.23
CA GLY B 344 -6.76 8.30 22.07
C GLY B 344 -6.95 7.95 23.54
N THR B 345 -8.21 7.92 23.99
CA THR B 345 -8.48 7.62 25.38
C THR B 345 -8.05 6.19 25.75
N ILE B 346 -8.34 5.22 24.87
CA ILE B 346 -7.96 3.84 25.17
C ILE B 346 -6.46 3.67 25.08
N ALA B 347 -5.80 4.46 24.22
CA ALA B 347 -4.34 4.46 24.23
C ALA B 347 -3.81 4.92 25.57
N ALA B 348 -4.38 6.01 26.10
CA ALA B 348 -3.98 6.47 27.43
C ALA B 348 -4.22 5.40 28.48
N GLU B 349 -5.38 4.75 28.43
CA GLU B 349 -5.70 3.71 29.41
C GLU B 349 -4.74 2.53 29.30
N ALA B 350 -4.44 2.11 28.07
CA ALA B 350 -3.54 0.97 27.88
C ALA B 350 -2.15 1.29 28.41
N VAL B 351 -1.64 2.49 28.11
CA VAL B 351 -0.33 2.85 28.62
C VAL B 351 -0.34 2.95 30.13
N ALA B 352 -1.44 3.43 30.70
CA ALA B 352 -1.55 3.48 32.15
C ALA B 352 -1.49 2.08 32.76
N HIS B 353 -2.19 1.13 32.15
CA HIS B 353 -2.15 -0.25 32.64
C HIS B 353 -0.75 -0.84 32.52
N ILE B 354 -0.07 -0.58 31.40
CA ILE B 354 1.29 -1.09 31.23
C ILE B 354 2.21 -0.47 32.27
N ARG B 355 2.04 0.82 32.54
CA ARG B 355 2.84 1.49 33.56
C ARG B 355 2.58 0.88 34.93
N GLU B 356 1.31 0.59 35.24
CA GLU B 356 1.00 -0.08 36.50
C GLU B 356 1.69 -1.43 36.57
N LEU B 357 1.72 -2.16 35.45
CA LEU B 357 2.40 -3.46 35.43
C LEU B 357 3.89 -3.30 35.70
N SER B 358 4.52 -2.29 35.09
CA SER B 358 5.95 -2.11 35.27
C SER B 358 6.30 -1.71 36.70
N MET B 359 5.58 -0.72 37.24
CA MET B 359 5.92 -0.23 38.58
C MET B 359 5.55 -1.23 39.66
N THR B 360 4.40 -1.91 39.51
CA THR B 360 3.99 -2.88 40.53
C THR B 360 5.00 -4.01 40.64
N ASN B 361 5.68 -4.33 39.54
CA ASN B 361 6.74 -5.33 39.53
C ASN B 361 8.11 -4.74 39.77
N GLY B 362 8.19 -3.43 40.02
CA GLY B 362 9.45 -2.81 40.39
C GLY B 362 10.14 -2.07 39.26
N ASN B 363 9.38 -1.29 38.50
CA ASN B 363 9.91 -0.48 37.40
C ASN B 363 10.74 -1.35 36.46
N ALA B 364 10.09 -2.33 35.86
CA ALA B 364 10.76 -3.36 35.08
C ALA B 364 10.47 -3.16 33.59
N VAL B 365 11.38 -3.70 32.77
CA VAL B 365 11.17 -3.72 31.33
C VAL B 365 9.90 -4.49 31.02
N VAL B 366 9.08 -3.93 30.14
CA VAL B 366 7.80 -4.53 29.78
C VAL B 366 7.94 -5.20 28.42
N HIS B 367 7.58 -6.47 28.36
CA HIS B 367 7.41 -7.18 27.10
C HIS B 367 6.06 -6.78 26.53
N LEU B 368 5.96 -5.54 26.05
CA LEU B 368 4.72 -4.99 25.54
C LEU B 368 4.37 -5.73 24.26
N MET B 369 3.08 -6.03 24.11
CA MET B 369 2.64 -7.06 23.20
C MET B 369 1.24 -6.70 22.71
N VAL B 370 1.16 -6.15 21.50
CA VAL B 370 -0.02 -5.42 21.08
C VAL B 370 -0.71 -6.15 19.94
N ARG B 371 -2.03 -6.23 20.04
CA ARG B 371 -2.89 -6.78 19.00
C ARG B 371 -4.02 -5.77 18.76
N GLY B 372 -3.74 -4.78 17.91
CA GLY B 372 -4.69 -3.71 17.69
C GLY B 372 -4.36 -2.89 16.46
N PRO B 373 -5.17 -1.88 16.20
CA PRO B 373 -4.97 -1.06 15.01
C PRO B 373 -3.65 -0.29 15.06
N PHE B 374 -3.13 0.04 13.88
CA PHE B 374 -1.84 0.71 13.77
C PHE B 374 -1.80 2.00 14.56
N GLY B 375 -2.83 2.83 14.44
CA GLY B 375 -2.83 4.10 15.15
C GLY B 375 -2.75 3.91 16.66
N LEU B 376 -3.49 2.94 17.19
CA LEU B 376 -3.40 2.66 18.61
C LEU B 376 -2.01 2.19 18.99
N ALA B 377 -1.42 1.29 18.20
CA ALA B 377 -0.08 0.82 18.54
C ALA B 377 0.90 1.96 18.55
N VAL B 378 0.80 2.88 17.58
CA VAL B 378 1.67 4.04 17.56
C VAL B 378 1.44 4.89 18.81
N LEU B 379 0.18 5.04 19.23
CA LEU B 379 -0.10 5.88 20.38
C LEU B 379 0.47 5.29 21.67
N ILE B 380 0.22 4.00 21.93
CA ILE B 380 0.84 3.36 23.10
C ILE B 380 2.35 3.41 23.02
N GLY B 381 2.94 3.23 21.83
CA GLY B 381 4.37 3.43 21.70
C GLY B 381 4.78 4.85 22.08
N ARG B 382 3.95 5.83 21.73
CA ARG B 382 4.28 7.22 21.98
C ARG B 382 4.22 7.56 23.47
N LEU B 383 3.22 7.03 24.17
CA LEU B 383 3.01 7.43 25.55
C LEU B 383 3.97 6.76 26.54
N THR B 384 4.74 5.78 26.10
CA THR B 384 5.60 5.03 27.02
C THR B 384 7.04 5.59 27.00
N ASN B 385 7.32 6.54 27.90
CA ASN B 385 8.67 7.15 27.94
C ASN B 385 9.53 6.44 29.00
N THR B 386 9.18 6.60 30.28
CA THR B 386 9.96 5.97 31.37
C THR B 386 9.98 4.45 31.17
N LEU B 387 8.85 3.87 30.77
CA LEU B 387 8.75 2.40 30.65
C LEU B 387 9.70 1.89 29.57
N ARG B 388 10.13 0.63 29.67
CA ARG B 388 10.99 0.02 28.63
C ARG B 388 10.13 -1.03 27.93
N VAL B 389 10.08 -1.02 26.60
CA VAL B 389 9.11 -1.90 25.90
C VAL B 389 9.81 -2.97 25.05
N VAL B 390 9.39 -4.22 25.19
CA VAL B 390 9.90 -5.29 24.29
C VAL B 390 8.70 -5.56 23.38
N ALA B 391 8.86 -5.51 22.06
CA ALA B 391 7.69 -5.59 21.16
C ALA B 391 7.73 -6.87 20.34
N TYR B 392 6.58 -7.54 20.17
CA TYR B 392 6.54 -8.83 19.45
C TYR B 392 5.85 -8.67 18.09
N GLU B 393 5.57 -9.78 17.39
CA GLU B 393 5.01 -9.74 16.04
C GLU B 393 4.06 -10.89 15.70
N TRP B 394 3.70 -11.73 16.67
CA TRP B 394 2.62 -12.71 16.45
C TRP B 394 2.92 -13.65 15.28
N THR B 395 3.91 -14.52 15.46
CA THR B 395 4.10 -15.56 14.46
C THR B 395 2.95 -16.55 14.50
N ASP B 396 2.20 -16.60 13.41
CA ASP B 396 1.22 -17.65 13.17
C ASP B 396 1.64 -18.36 11.89
N SER B 397 2.92 -18.20 11.56
CA SER B 397 3.47 -18.71 10.32
C SER B 397 4.40 -19.87 10.61
N ASP B 398 4.43 -20.82 9.69
CA ASP B 398 5.27 -22.00 9.85
C ASP B 398 6.74 -21.62 9.74
N ALA B 399 7.58 -22.37 10.46
CA ALA B 399 9.01 -22.15 10.45
C ALA B 399 9.57 -22.48 9.08
N PRO B 400 10.73 -21.90 8.71
CA PRO B 400 11.32 -22.21 7.40
C PRO B 400 11.63 -23.68 7.22
N ASP B 401 11.96 -24.40 8.30
CA ASP B 401 12.28 -25.81 8.20
C ASP B 401 11.08 -26.65 7.80
N GLY B 402 9.88 -26.11 7.88
CA GLY B 402 8.67 -26.85 7.58
C GLY B 402 7.98 -27.44 8.79
N THR B 403 8.68 -27.56 9.92
CA THR B 403 8.05 -28.09 11.13
C THR B 403 7.04 -27.10 11.68
N PHE B 404 5.90 -27.61 12.12
CA PHE B 404 4.88 -26.75 12.69
C PHE B 404 5.35 -26.10 13.98
N MET B 405 5.34 -24.76 13.98
CA MET B 405 5.55 -24.00 15.19
C MET B 405 4.21 -23.42 15.63
N PRO B 406 3.77 -23.72 16.86
CA PRO B 406 2.50 -23.16 17.32
C PRO B 406 2.55 -21.65 17.29
N PRO B 407 1.39 -21.00 17.11
CA PRO B 407 1.35 -19.54 17.15
C PRO B 407 2.14 -18.99 18.33
N ARG B 408 3.11 -18.14 18.03
CA ARG B 408 4.10 -17.71 19.01
C ARG B 408 4.46 -16.26 18.75
N TYR B 409 5.00 -15.60 19.78
CA TYR B 409 5.49 -14.25 19.63
C TYR B 409 7.01 -14.23 19.66
N GLU B 410 7.60 -13.48 18.73
CA GLU B 410 9.05 -13.41 18.62
C GLU B 410 9.58 -12.14 19.26
N PRO B 411 10.61 -12.26 20.09
CA PRO B 411 11.27 -11.09 20.70
C PRO B 411 12.06 -10.33 19.66
N ILE B 412 11.40 -9.39 18.99
CA ILE B 412 12.00 -8.72 17.84
C ILE B 412 12.86 -7.53 18.29
N VAL B 413 12.33 -6.67 19.14
CA VAL B 413 12.92 -5.37 19.40
C VAL B 413 12.84 -5.03 20.88
N GLN B 414 13.84 -4.31 21.36
CA GLN B 414 13.85 -3.78 22.72
C GLN B 414 13.81 -2.25 22.62
N LEU B 415 12.83 -1.65 23.30
CA LEU B 415 12.48 -0.26 23.10
C LEU B 415 12.68 0.54 24.37
N ARG B 416 13.43 1.64 24.27
CA ARG B 416 13.49 2.68 25.27
C ARG B 416 13.34 4.15 24.86
N ALA B 417 12.11 4.63 25.05
CA ALA B 417 11.77 5.99 24.61
C ALA B 417 12.76 7.04 25.09
N SER B 418 12.93 8.07 24.29
CA SER B 418 13.75 9.23 24.63
C SER B 418 15.23 8.89 24.76
N THR B 419 15.66 7.75 24.25
CA THR B 419 17.08 7.42 24.32
C THR B 419 17.85 8.24 23.28
N PRO B 420 18.81 9.07 23.71
CA PRO B 420 19.59 9.83 22.73
C PRO B 420 20.36 8.95 21.75
N ALA B 421 20.86 7.80 22.20
CA ALA B 421 21.60 6.92 21.30
C ALA B 421 20.69 6.34 20.24
N GLY B 422 19.53 5.83 20.62
CA GLY B 422 18.57 5.31 19.69
C GLY B 422 17.40 4.65 20.40
N VAL B 423 16.19 4.89 19.93
CA VAL B 423 15.02 4.29 20.57
C VAL B 423 15.05 2.78 20.42
N ILE B 424 15.69 2.29 19.35
CA ILE B 424 15.90 0.85 19.18
C ILE B 424 17.19 0.52 19.91
N GLU B 425 17.05 0.20 21.20
CA GLU B 425 18.24 -0.07 22.01
C GLU B 425 19.01 -1.27 21.47
N ARG B 426 18.30 -2.33 21.10
CA ARG B 426 18.92 -3.50 20.50
C ARG B 426 17.87 -4.30 19.74
N VAL B 427 18.22 -4.75 18.55
CA VAL B 427 17.35 -5.59 17.74
C VAL B 427 17.50 -7.02 18.23
N ILE B 428 16.41 -7.58 18.74
CA ILE B 428 16.49 -8.89 19.39
C ILE B 428 16.29 -10.01 18.38
N VAL B 429 15.54 -9.74 17.30
CA VAL B 429 15.22 -10.79 16.35
C VAL B 429 16.48 -11.24 15.60
N ALA B 430 16.53 -12.52 15.25
CA ALA B 430 17.58 -13.04 14.40
C ALA B 430 17.33 -12.61 12.96
N ASP B 431 18.32 -12.88 12.11
CA ASP B 431 18.20 -12.52 10.70
C ASP B 431 17.02 -13.22 10.04
N ALA B 432 16.31 -12.49 9.19
CA ALA B 432 15.15 -13.06 8.52
C ALA B 432 15.55 -14.15 7.53
N GLU B 433 16.64 -13.94 6.81
CA GLU B 433 17.09 -14.89 5.79
C GLU B 433 18.42 -15.52 6.19
N MET C 1 4.90 12.49 -33.82
CA MET C 1 4.85 12.27 -32.37
C MET C 1 3.41 12.22 -31.88
N PRO C 2 2.91 11.01 -31.63
CA PRO C 2 1.53 10.86 -31.17
C PRO C 2 1.37 11.10 -29.68
N ASP C 3 0.24 11.69 -29.28
CA ASP C 3 -0.03 11.89 -27.87
C ASP C 3 -0.47 10.59 -27.22
N THR C 4 -0.97 9.65 -28.02
CA THR C 4 -1.47 8.39 -27.50
C THR C 4 -0.39 7.56 -26.80
N ALA C 5 0.89 7.79 -27.12
CA ALA C 5 1.96 7.14 -26.37
C ALA C 5 1.97 7.61 -24.93
N ILE C 6 1.66 8.89 -24.71
CA ILE C 6 1.53 9.44 -23.37
C ILE C 6 0.36 8.82 -22.61
N ASN C 7 -0.73 8.49 -23.31
CA ASN C 7 -1.91 7.90 -22.68
C ASN C 7 -1.53 6.61 -21.95
N PRO C 8 -1.56 6.59 -20.62
CA PRO C 8 -1.09 5.40 -19.90
C PRO C 8 -2.02 4.21 -20.01
N ARG C 9 -3.34 4.44 -19.96
CA ARG C 9 -4.31 3.35 -19.97
C ARG C 9 -4.47 2.84 -21.41
N ASP C 10 -3.36 2.33 -21.94
CA ASP C 10 -3.30 1.70 -23.25
C ASP C 10 -2.58 0.37 -23.12
N PRO C 11 -2.90 -0.59 -23.98
CA PRO C 11 -2.29 -1.92 -23.86
C PRO C 11 -0.79 -1.89 -24.12
N VAL C 12 -0.11 -2.89 -23.58
CA VAL C 12 1.33 -3.05 -23.76
C VAL C 12 1.59 -4.14 -24.78
N PHE C 13 2.45 -3.85 -25.74
CA PHE C 13 2.72 -4.73 -26.87
C PHE C 13 3.77 -5.77 -26.52
N VAL C 14 3.61 -6.96 -27.09
CA VAL C 14 4.58 -8.04 -26.98
C VAL C 14 4.92 -8.52 -28.38
N SER C 15 6.21 -8.84 -28.57
CA SER C 15 6.70 -9.32 -29.89
C SER C 15 7.57 -10.55 -29.66
N TYR C 16 7.19 -11.71 -30.20
CA TYR C 16 7.93 -12.97 -29.96
C TYR C 16 8.13 -13.72 -31.28
N ARG C 17 9.14 -14.60 -31.33
CA ARG C 17 9.42 -15.26 -32.63
C ARG C 17 8.98 -16.73 -32.59
N HIS C 18 8.13 -17.14 -33.54
CA HIS C 18 7.63 -18.54 -33.67
C HIS C 18 7.84 -19.44 -32.45
N SER C 19 8.45 -20.61 -32.64
CA SER C 19 8.61 -21.62 -31.60
C SER C 19 9.53 -21.16 -30.48
N ASP C 20 10.65 -20.51 -30.81
CA ASP C 20 11.62 -20.16 -29.80
C ASP C 20 11.05 -19.14 -28.82
N GLY C 21 10.07 -18.37 -29.23
CA GLY C 21 9.44 -17.37 -28.38
C GLY C 21 8.06 -17.69 -27.88
N ILE C 22 7.42 -18.76 -28.38
CA ILE C 22 6.01 -18.99 -28.04
C ILE C 22 5.86 -19.24 -26.54
N ALA C 23 6.75 -20.04 -25.96
CA ALA C 23 6.65 -20.33 -24.53
C ALA C 23 6.95 -19.09 -23.70
N LEU C 24 8.04 -18.40 -24.01
CA LEU C 24 8.40 -17.20 -23.26
C LEU C 24 7.37 -16.11 -23.43
N ALA C 25 6.89 -15.90 -24.66
CA ALA C 25 5.87 -14.88 -24.89
C ALA C 25 4.57 -15.23 -24.18
N ALA C 26 4.17 -16.50 -24.20
CA ALA C 26 2.95 -16.91 -23.51
C ALA C 26 3.07 -16.68 -22.02
N GLU C 27 4.18 -17.11 -21.41
CA GLU C 27 4.35 -16.88 -19.99
C GLU C 27 4.37 -15.40 -19.67
N LEU C 28 5.06 -14.60 -20.50
CA LEU C 28 5.15 -13.17 -20.24
C LEU C 28 3.78 -12.51 -20.34
N THR C 29 2.99 -12.86 -21.35
CA THR C 29 1.69 -12.24 -21.50
C THR C 29 0.76 -12.68 -20.39
N TRP C 30 0.90 -13.92 -19.90
CA TRP C 30 0.07 -14.36 -18.78
C TRP C 30 0.43 -13.60 -17.51
N LEU C 31 1.72 -13.42 -17.24
CA LEU C 31 2.12 -12.63 -16.08
C LEU C 31 1.70 -11.18 -16.22
N LEU C 32 1.73 -10.63 -17.44
CA LEU C 32 1.29 -9.26 -17.64
C LEU C 32 -0.21 -9.12 -17.37
N ARG C 33 -1.01 -10.06 -17.87
CA ARG C 33 -2.44 -10.02 -17.60
C ARG C 33 -2.73 -10.19 -16.11
N ALA C 34 -2.02 -11.10 -15.45
CA ALA C 34 -2.23 -11.31 -14.02
C ALA C 34 -1.82 -10.07 -13.22
N ALA C 35 -0.77 -9.39 -13.66
CA ALA C 35 -0.33 -8.19 -12.97
C ALA C 35 -1.32 -7.05 -13.16
N GLY C 36 -2.15 -7.13 -14.18
CA GLY C 36 -3.07 -6.07 -14.49
C GLY C 36 -2.76 -5.32 -15.76
N ILE C 37 -1.72 -5.72 -16.49
CA ILE C 37 -1.30 -5.03 -17.70
C ILE C 37 -2.16 -5.49 -18.87
N PRO C 38 -2.88 -4.60 -19.53
CA PRO C 38 -3.55 -4.97 -20.78
C PRO C 38 -2.51 -5.23 -21.86
N VAL C 39 -2.63 -6.33 -22.59
CA VAL C 39 -1.61 -6.77 -23.51
C VAL C 39 -2.22 -7.18 -24.84
N TRP C 40 -1.47 -6.99 -25.91
CA TRP C 40 -1.86 -7.44 -27.24
C TRP C 40 -0.79 -8.39 -27.76
N ARG C 41 -1.19 -9.62 -28.06
CA ARG C 41 -0.25 -10.64 -28.52
C ARG C 41 -0.73 -11.22 -29.84
N ASP C 42 0.16 -12.00 -30.48
CA ASP C 42 -0.14 -12.53 -31.79
C ASP C 42 -1.22 -13.62 -31.72
N VAL C 43 -1.12 -14.52 -30.75
CA VAL C 43 -2.08 -15.63 -30.68
C VAL C 43 -3.48 -15.12 -30.42
N ASP C 44 -3.64 -14.18 -29.47
CA ASP C 44 -4.97 -13.77 -29.07
C ASP C 44 -5.67 -12.93 -30.14
N ASP C 45 -5.01 -11.87 -30.63
CA ASP C 45 -5.69 -10.83 -31.38
C ASP C 45 -4.90 -10.41 -32.61
N LEU C 46 -5.20 -11.05 -33.75
CA LEU C 46 -4.96 -10.49 -35.07
C LEU C 46 -6.29 -10.31 -35.77
N PRO C 47 -6.80 -9.08 -35.88
CA PRO C 47 -7.94 -8.85 -36.75
C PRO C 47 -7.62 -9.30 -38.16
N PRO C 48 -8.56 -9.96 -38.84
CA PRO C 48 -8.23 -10.57 -40.13
C PRO C 48 -7.78 -9.54 -41.15
N GLY C 49 -6.78 -9.93 -41.93
CA GLY C 49 -6.15 -9.02 -42.86
C GLY C 49 -4.65 -9.26 -42.86
N ASP C 50 -3.94 -8.30 -43.45
CA ASP C 50 -2.49 -8.39 -43.52
C ASP C 50 -1.90 -8.31 -42.11
N THR C 51 -1.05 -9.28 -41.78
CA THR C 51 -0.47 -9.33 -40.44
C THR C 51 0.42 -8.11 -40.19
N ASP C 52 1.30 -7.80 -41.13
CA ASP C 52 2.16 -6.63 -40.99
C ASP C 52 1.33 -5.35 -40.90
N ALA C 53 0.35 -5.21 -41.80
CA ALA C 53 -0.50 -4.01 -41.78
C ALA C 53 -1.31 -3.93 -40.50
N ARG C 54 -1.87 -5.06 -40.05
CA ARG C 54 -2.68 -5.04 -38.83
C ARG C 54 -1.83 -4.67 -37.63
N LEU C 55 -0.62 -5.22 -37.54
CA LEU C 55 0.30 -4.80 -36.49
C LEU C 55 0.59 -3.31 -36.58
N GLN C 56 0.74 -2.80 -37.81
CA GLN C 56 1.01 -1.38 -38.00
C GLN C 56 -0.13 -0.53 -37.44
N GLN C 57 -1.38 -0.85 -37.79
CA GLN C 57 -2.49 -0.05 -37.29
C GLN C 57 -2.67 -0.22 -35.79
N ALA C 58 -2.40 -1.41 -35.26
CA ALA C 58 -2.53 -1.61 -33.82
C ALA C 58 -1.51 -0.78 -33.05
N ILE C 59 -0.27 -0.72 -33.55
CA ILE C 59 0.74 0.10 -32.90
C ILE C 59 0.41 1.57 -33.05
N ASP C 60 -0.07 1.99 -34.23
CA ASP C 60 -0.40 3.40 -34.44
C ASP C 60 -1.59 3.82 -33.60
N GLU C 61 -2.47 2.87 -33.26
CA GLU C 61 -3.63 3.19 -32.44
C GLU C 61 -3.22 3.72 -31.07
N GLY C 62 -2.22 3.09 -30.47
CA GLY C 62 -1.63 3.58 -29.26
C GLY C 62 -1.33 2.50 -28.24
N ILE C 63 -0.07 2.40 -27.83
CA ILE C 63 0.36 1.43 -26.83
C ILE C 63 1.14 2.21 -25.78
N SER C 64 0.75 2.03 -24.51
CA SER C 64 1.51 2.65 -23.43
C SER C 64 2.91 2.06 -23.34
N GLY C 65 3.02 0.75 -23.50
CA GLY C 65 4.30 0.07 -23.42
C GLY C 65 4.48 -0.97 -24.50
N ALA C 66 5.70 -1.51 -24.60
CA ALA C 66 6.01 -2.59 -25.52
C ALA C 66 7.12 -3.44 -24.95
N VAL C 67 7.06 -4.74 -25.19
CA VAL C 67 8.10 -5.68 -24.76
C VAL C 67 8.50 -6.54 -25.95
N ILE C 68 9.77 -6.87 -26.04
CA ILE C 68 10.30 -7.70 -27.12
C ILE C 68 10.95 -8.93 -26.51
N ILE C 69 10.57 -10.11 -27.01
CA ILE C 69 11.13 -11.37 -26.57
C ILE C 69 12.28 -11.74 -27.49
N ILE C 70 13.50 -11.69 -26.97
CA ILE C 70 14.71 -11.93 -27.75
C ILE C 70 14.96 -13.44 -27.81
N THR C 71 14.84 -13.99 -29.00
CA THR C 71 15.07 -15.42 -29.22
C THR C 71 15.99 -15.55 -30.43
N PRO C 72 16.72 -16.66 -30.53
CA PRO C 72 17.63 -16.82 -31.67
C PRO C 72 16.93 -16.75 -33.02
N GLN C 73 15.66 -17.14 -33.09
CA GLN C 73 14.94 -17.18 -34.36
C GLN C 73 14.60 -15.79 -34.89
N ILE C 74 14.81 -14.73 -34.09
CA ILE C 74 14.55 -13.38 -34.58
C ILE C 74 15.42 -13.04 -35.77
N ALA C 75 16.59 -13.66 -35.89
CA ALA C 75 17.45 -13.42 -37.04
C ALA C 75 16.73 -13.73 -38.35
N ASP C 76 15.77 -14.66 -38.31
CA ASP C 76 14.94 -14.98 -39.46
C ASP C 76 13.51 -14.47 -39.31
N SER C 77 13.27 -13.56 -38.38
CA SER C 77 11.91 -13.06 -38.14
C SER C 77 11.32 -12.34 -39.34
N ARG C 78 10.21 -12.86 -39.85
CA ARG C 78 9.58 -12.26 -41.02
C ARG C 78 8.94 -10.91 -40.70
N VAL C 79 8.37 -10.79 -39.50
CA VAL C 79 7.64 -9.57 -39.17
C VAL C 79 8.36 -8.65 -38.20
N VAL C 80 9.18 -9.20 -37.31
CA VAL C 80 9.75 -8.41 -36.21
C VAL C 80 10.69 -7.35 -36.75
N ARG C 81 11.78 -7.77 -37.41
CA ARG C 81 12.77 -6.82 -37.89
C ARG C 81 12.19 -5.91 -38.97
N GLU C 82 11.12 -6.34 -39.63
CA GLU C 82 10.59 -5.57 -40.74
C GLU C 82 9.67 -4.45 -40.24
N VAL C 83 8.56 -4.81 -39.58
CA VAL C 83 7.58 -3.81 -39.19
C VAL C 83 7.35 -3.82 -37.69
N GLU C 84 7.32 -5.01 -37.10
CA GLU C 84 6.94 -5.15 -35.70
C GLU C 84 7.91 -4.41 -34.77
N ALA C 85 9.21 -4.60 -34.97
CA ALA C 85 10.18 -3.97 -34.08
C ALA C 85 10.49 -2.51 -34.43
N PRO C 86 10.68 -2.12 -35.70
CA PRO C 86 11.04 -0.71 -35.97
C PRO C 86 10.05 0.29 -35.42
N ARG C 87 8.76 -0.02 -35.47
CA ARG C 87 7.76 0.87 -34.88
C ARG C 87 7.95 0.98 -33.37
N LEU C 88 8.27 -0.15 -32.72
CA LEU C 88 8.54 -0.12 -31.29
C LEU C 88 9.73 0.76 -30.98
N LEU C 89 10.81 0.64 -31.77
CA LEU C 89 12.00 1.44 -31.52
C LEU C 89 11.72 2.92 -31.77
N ARG C 90 10.94 3.23 -32.81
CA ARG C 90 10.59 4.61 -33.09
C ARG C 90 9.78 5.21 -31.95
N LEU C 91 8.83 4.46 -31.41
CA LEU C 91 8.07 4.95 -30.26
C LEU C 91 8.97 5.12 -29.04
N HIS C 92 9.90 4.18 -28.82
CA HIS C 92 10.82 4.27 -27.71
C HIS C 92 11.66 5.54 -27.80
N ARG C 93 12.18 5.84 -28.99
CA ARG C 93 12.99 7.04 -29.18
C ARG C 93 12.12 8.29 -29.17
N SER C 94 10.83 8.13 -29.41
CA SER C 94 9.96 9.29 -29.64
C SER C 94 9.56 9.96 -28.32
N SER C 95 8.95 9.20 -27.41
CA SER C 95 8.37 9.79 -26.22
C SER C 95 9.00 9.23 -24.97
N PRO C 96 9.18 10.06 -23.94
CA PRO C 96 9.81 9.56 -22.70
C PRO C 96 8.99 8.49 -21.98
N GLN C 97 7.73 8.75 -21.66
CA GLN C 97 6.91 7.80 -20.91
C GLN C 97 6.31 6.75 -21.84
N PHE C 98 7.21 6.09 -22.57
CA PHE C 98 6.88 4.90 -23.34
C PHE C 98 7.85 3.79 -22.93
N ALA C 99 7.32 2.58 -22.80
CA ALA C 99 8.09 1.46 -22.27
C ALA C 99 8.52 0.54 -23.40
N LEU C 100 9.81 0.26 -23.48
CA LEU C 100 10.36 -0.78 -24.33
C LEU C 100 11.02 -1.83 -23.45
N GLY C 101 10.38 -2.99 -23.33
CA GLY C 101 10.90 -4.04 -22.48
C GLY C 101 11.63 -5.11 -23.28
N ILE C 102 12.78 -5.54 -22.79
CA ILE C 102 13.59 -6.54 -23.47
C ILE C 102 13.74 -7.76 -22.58
N VAL C 103 13.33 -8.91 -23.10
CA VAL C 103 13.55 -10.20 -22.48
C VAL C 103 14.40 -11.04 -23.41
N ASN C 104 15.54 -11.52 -22.92
CA ASN C 104 16.53 -12.19 -23.74
C ASN C 104 16.58 -13.68 -23.39
N ALA C 105 16.36 -14.52 -24.38
CA ALA C 105 16.54 -15.96 -24.23
C ALA C 105 17.88 -16.43 -24.77
N ILE C 106 18.62 -15.55 -25.45
CA ILE C 106 19.92 -15.91 -26.01
C ILE C 106 20.97 -15.68 -24.94
N GLN C 107 21.17 -16.68 -24.09
CA GLN C 107 22.10 -16.53 -22.97
C GLN C 107 23.54 -16.63 -23.46
N THR C 108 24.42 -15.89 -22.80
CA THR C 108 25.84 -16.00 -23.09
C THR C 108 26.36 -17.37 -22.69
N SER C 109 27.46 -17.79 -23.32
CA SER C 109 28.11 -19.03 -22.92
C SER C 109 28.54 -18.98 -21.46
N THR C 110 28.88 -17.79 -20.97
CA THR C 110 29.15 -17.62 -19.54
C THR C 110 27.90 -17.87 -18.71
N GLY C 111 26.76 -17.38 -19.18
CA GLY C 111 25.50 -17.54 -18.47
C GLY C 111 24.85 -16.28 -17.97
N VAL C 112 25.52 -15.13 -18.11
CA VAL C 112 24.95 -13.85 -17.68
C VAL C 112 24.03 -13.32 -18.76
N VAL C 113 23.25 -12.29 -18.42
CA VAL C 113 22.36 -11.68 -19.40
C VAL C 113 23.18 -11.07 -20.52
N ASP C 114 22.78 -11.34 -21.76
CA ASP C 114 23.52 -10.91 -22.95
C ASP C 114 22.95 -9.57 -23.40
N TYR C 115 23.71 -8.50 -23.17
CA TYR C 115 23.24 -7.18 -23.55
C TYR C 115 23.34 -6.94 -25.05
N ASP C 116 24.35 -7.54 -25.69
CA ASP C 116 24.57 -7.28 -27.11
C ASP C 116 23.72 -8.16 -28.00
N ALA C 117 23.23 -9.29 -27.48
CA ALA C 117 22.42 -10.19 -28.31
C ALA C 117 21.15 -9.56 -28.86
N PRO C 118 20.33 -8.84 -28.07
CA PRO C 118 19.14 -8.20 -28.68
C PRO C 118 19.51 -7.21 -29.77
N ASP C 119 20.57 -6.44 -29.57
CA ASP C 119 20.99 -5.48 -30.58
C ASP C 119 21.44 -6.18 -31.85
N ARG C 120 22.17 -7.30 -31.71
CA ARG C 120 22.66 -8.02 -32.87
C ARG C 120 21.50 -8.67 -33.64
N VAL C 121 20.62 -9.37 -32.93
CA VAL C 121 19.57 -10.11 -33.62
C VAL C 121 18.51 -9.16 -34.17
N LEU C 122 18.26 -8.04 -33.48
CA LEU C 122 17.27 -7.09 -33.97
C LEU C 122 17.73 -6.41 -35.25
N GLY C 123 19.04 -6.43 -35.51
CA GLY C 123 19.58 -5.91 -36.75
C GLY C 123 19.74 -4.41 -36.81
N MET C 124 19.36 -3.69 -35.76
CA MET C 124 19.46 -2.23 -35.78
C MET C 124 20.91 -1.81 -35.68
N GLU C 125 21.30 -0.87 -36.56
CA GLU C 125 22.67 -0.36 -36.52
C GLU C 125 22.93 0.44 -35.25
N ARG C 126 21.89 1.06 -34.70
CA ARG C 126 22.06 1.81 -33.47
C ARG C 126 22.26 0.86 -32.29
N PRO C 127 23.23 1.15 -31.42
CA PRO C 127 23.51 0.27 -30.28
C PRO C 127 22.63 0.57 -29.08
N GLU C 128 21.53 1.30 -29.31
CA GLU C 128 20.64 1.66 -28.21
C GLU C 128 20.05 0.45 -27.52
N LEU C 129 20.00 -0.69 -28.21
CA LEU C 129 19.45 -1.91 -27.61
C LEU C 129 20.39 -2.46 -26.54
N ARG C 130 21.65 -2.04 -26.55
CA ARG C 130 22.55 -2.43 -25.47
C ARG C 130 22.26 -1.64 -24.20
N SER C 131 22.00 -0.34 -24.35
CA SER C 131 21.81 0.52 -23.18
C SER C 131 20.43 0.33 -22.57
N VAL C 132 19.48 -0.21 -23.33
CA VAL C 132 18.13 -0.39 -22.80
C VAL C 132 18.14 -1.49 -21.75
N ASP C 133 17.23 -1.40 -20.79
CA ASP C 133 17.15 -2.40 -19.74
C ASP C 133 16.75 -3.74 -20.34
N GLN C 134 17.20 -4.82 -19.70
CA GLN C 134 17.11 -6.16 -20.26
C GLN C 134 17.11 -7.18 -19.14
N LYS C 135 16.18 -8.12 -19.19
CA LYS C 135 16.02 -9.12 -18.14
C LYS C 135 16.16 -10.52 -18.72
N SER C 136 16.55 -11.47 -17.87
CA SER C 136 16.85 -12.83 -18.29
C SER C 136 15.58 -13.59 -18.65
N ALA C 137 15.78 -14.77 -19.23
CA ALA C 137 14.68 -15.64 -19.67
C ALA C 137 14.46 -16.71 -18.61
N SER C 138 13.61 -16.40 -17.64
CA SER C 138 13.19 -17.36 -16.63
C SER C 138 11.89 -16.86 -16.03
N ARG C 139 11.21 -17.72 -15.29
CA ARG C 139 9.97 -17.31 -14.66
C ARG C 139 10.19 -16.16 -13.68
N LEU C 140 11.26 -16.25 -12.89
CA LEU C 140 11.59 -15.15 -11.99
C LEU C 140 11.94 -13.88 -12.78
N GLY C 141 12.71 -14.03 -13.86
CA GLY C 141 13.04 -12.88 -14.67
C GLY C 141 11.84 -12.26 -15.36
N LEU C 142 10.95 -13.10 -15.89
CA LEU C 142 9.73 -12.58 -16.51
C LEU C 142 8.87 -11.87 -15.48
N VAL C 143 8.78 -12.43 -14.27
CA VAL C 143 8.03 -11.78 -13.20
C VAL C 143 8.65 -10.45 -12.84
N THR C 144 9.98 -10.37 -12.79
CA THR C 144 10.63 -9.10 -12.46
C THR C 144 10.38 -8.05 -13.55
N MET C 145 10.44 -8.46 -14.82
CA MET C 145 10.23 -7.46 -15.86
C MET C 145 8.77 -7.03 -15.90
N ALA C 146 7.85 -7.96 -15.64
CA ALA C 146 6.44 -7.58 -15.51
C ALA C 146 6.24 -6.62 -14.34
N ARG C 147 6.99 -6.84 -13.26
CA ARG C 147 7.05 -5.87 -12.16
C ARG C 147 7.42 -4.49 -12.68
N GLN C 148 8.49 -4.41 -13.47
CA GLN C 148 8.93 -3.13 -14.00
C GLN C 148 7.87 -2.51 -14.90
N MET C 149 7.24 -3.33 -15.77
CA MET C 149 6.20 -2.82 -16.66
C MET C 149 5.00 -2.30 -15.88
N LEU C 150 4.57 -3.05 -14.87
CA LEU C 150 3.46 -2.59 -14.02
C LEU C 150 3.83 -1.29 -13.32
N TRP C 151 5.06 -1.20 -12.83
CA TRP C 151 5.47 0.03 -12.15
C TRP C 151 5.48 1.21 -13.11
N HIS C 152 5.91 0.98 -14.35
CA HIS C 152 5.88 2.06 -15.34
C HIS C 152 4.46 2.49 -15.64
N ARG C 153 3.55 1.53 -15.83
CA ARG C 153 2.16 1.88 -16.11
C ARG C 153 1.55 2.65 -14.95
N ILE C 154 1.80 2.19 -13.73
CA ILE C 154 1.25 2.86 -12.55
C ILE C 154 1.85 4.24 -12.39
N ALA C 155 3.15 4.38 -12.64
CA ALA C 155 3.78 5.69 -12.55
C ALA C 155 3.21 6.65 -13.58
N ALA C 156 2.98 6.17 -14.80
CA ALA C 156 2.39 7.02 -15.82
C ALA C 156 0.98 7.46 -15.45
N ILE C 157 0.21 6.55 -14.84
CA ILE C 157 -1.15 6.91 -14.45
C ILE C 157 -1.18 7.66 -13.13
N ARG C 158 -0.07 7.70 -12.40
CA ARG C 158 -0.07 8.29 -11.06
C ARG C 158 -0.44 9.77 -11.02
N PRO C 159 0.11 10.65 -11.88
CA PRO C 159 -0.34 12.05 -11.81
C PRO C 159 -1.82 12.22 -12.08
N LEU C 160 -2.39 11.38 -12.94
CA LEU C 160 -3.82 11.45 -13.21
C LEU C 160 -4.64 11.14 -11.96
N LEU C 161 -4.23 10.10 -11.22
CA LEU C 161 -4.96 9.75 -10.00
C LEU C 161 -4.74 10.78 -8.91
N SER C 162 -3.52 11.31 -8.80
CA SER C 162 -3.25 12.33 -7.79
C SER C 162 -4.07 13.60 -8.06
N ALA C 163 -4.18 13.99 -9.33
CA ALA C 163 -4.95 15.18 -9.66
C ALA C 163 -6.44 14.96 -9.51
N SER C 164 -6.95 13.84 -10.01
CA SER C 164 -8.39 13.58 -10.02
C SER C 164 -8.66 12.13 -9.64
N GLY C 165 -9.77 11.92 -8.92
CA GLY C 165 -10.22 10.59 -8.56
C GLY C 165 -9.74 10.07 -7.23
N GLY C 166 -8.43 9.91 -7.05
CA GLY C 166 -7.90 9.37 -5.82
C GLY C 166 -8.30 7.92 -5.59
N GLU C 167 -8.74 7.24 -6.64
CA GLU C 167 -9.14 5.85 -6.57
C GLU C 167 -8.47 5.09 -7.69
N LEU C 168 -7.79 4.00 -7.34
CA LEU C 168 -7.11 3.15 -8.30
C LEU C 168 -8.06 2.04 -8.72
N ARG C 169 -8.39 2.00 -10.01
CA ARG C 169 -9.39 1.07 -10.53
C ARG C 169 -8.68 -0.19 -11.03
N LEU C 170 -8.72 -1.24 -10.22
CA LEU C 170 -8.19 -2.55 -10.59
C LEU C 170 -9.35 -3.44 -11.01
N SER C 171 -9.35 -3.84 -12.28
CA SER C 171 -10.37 -4.74 -12.80
C SER C 171 -9.78 -6.12 -12.99
N LEU C 172 -10.22 -7.08 -12.19
CA LEU C 172 -9.78 -8.46 -12.32
C LEU C 172 -10.92 -9.30 -12.84
N GLN C 173 -10.61 -10.21 -13.77
CA GLN C 173 -11.58 -11.12 -14.35
C GLN C 173 -10.89 -12.43 -14.69
N THR C 174 -11.63 -13.53 -14.56
CA THR C 174 -11.07 -14.85 -14.82
C THR C 174 -11.56 -15.46 -16.12
N ARG C 175 -12.87 -15.40 -16.39
CA ARG C 175 -13.41 -16.08 -17.56
C ARG C 175 -13.39 -15.20 -18.80
N ASN C 176 -12.94 -13.95 -18.70
CA ASN C 176 -12.65 -13.22 -19.92
C ASN C 176 -11.45 -13.83 -20.60
N THR C 177 -11.67 -14.33 -21.82
CA THR C 177 -10.63 -14.92 -22.61
C THR C 177 -9.58 -13.85 -22.95
N PRO C 178 -8.30 -14.18 -22.86
CA PRO C 178 -7.25 -13.19 -23.10
C PRO C 178 -7.43 -12.46 -24.43
N GLN C 179 -7.52 -11.13 -24.34
CA GLN C 179 -7.78 -10.28 -25.49
C GLN C 179 -7.35 -8.86 -25.18
N VAL C 180 -6.98 -8.11 -26.22
CA VAL C 180 -6.40 -6.78 -26.01
C VAL C 180 -7.45 -5.79 -25.53
N TYR C 181 -8.66 -5.82 -26.11
CA TYR C 181 -9.63 -4.77 -25.85
C TYR C 181 -10.52 -5.06 -24.64
N ASP C 182 -10.22 -6.10 -23.88
CA ASP C 182 -10.93 -6.32 -22.62
C ASP C 182 -10.67 -5.19 -21.63
N ARG C 183 -9.62 -4.40 -21.84
CA ARG C 183 -9.33 -3.27 -20.96
C ARG C 183 -10.50 -2.29 -20.95
N THR C 184 -10.86 -1.84 -19.76
CA THR C 184 -11.92 -0.86 -19.63
C THR C 184 -11.33 0.52 -19.33
N ASP C 185 -12.21 1.47 -19.04
CA ASP C 185 -11.81 2.83 -18.68
C ASP C 185 -11.30 2.84 -17.24
N ALA C 186 -10.27 2.03 -17.01
CA ALA C 186 -9.70 1.85 -15.68
C ALA C 186 -8.18 1.97 -15.77
N ASP C 187 -7.54 1.93 -14.60
CA ASP C 187 -6.10 2.12 -14.54
C ASP C 187 -5.36 0.81 -14.78
N LEU C 188 -5.63 -0.19 -13.95
CA LEU C 188 -4.96 -1.48 -14.05
C LEU C 188 -6.03 -2.55 -14.26
N ASP C 189 -5.80 -3.43 -15.23
CA ASP C 189 -6.81 -4.40 -15.65
C ASP C 189 -6.25 -5.81 -15.54
N ILE C 190 -6.58 -6.49 -14.44
CA ILE C 190 -6.10 -7.83 -14.14
C ILE C 190 -6.95 -8.84 -14.90
N ARG C 191 -6.30 -9.82 -15.54
CA ARG C 191 -6.99 -10.93 -16.17
C ARG C 191 -6.24 -12.22 -15.90
N ILE C 192 -6.99 -13.31 -15.80
CA ILE C 192 -6.42 -14.65 -15.62
C ILE C 192 -6.84 -15.47 -16.83
N ARG C 193 -6.22 -16.64 -17.02
CA ARG C 193 -6.53 -17.49 -18.14
C ARG C 193 -7.67 -18.43 -17.78
N PRO C 194 -8.73 -18.50 -18.57
CA PRO C 194 -9.79 -19.50 -18.32
C PRO C 194 -9.34 -20.87 -18.80
N SER C 195 -9.84 -21.92 -18.15
CA SER C 195 -9.49 -23.28 -18.51
C SER C 195 -10.74 -24.15 -18.56
N ALA C 196 -10.52 -25.46 -18.70
CA ALA C 196 -11.59 -26.36 -19.12
C ALA C 196 -12.56 -26.66 -17.97
N HIS C 197 -12.09 -26.64 -16.73
CA HIS C 197 -12.91 -27.17 -15.64
C HIS C 197 -14.06 -26.23 -15.29
N GLU C 198 -14.09 -25.06 -15.91
CA GLU C 198 -15.20 -24.10 -15.96
C GLU C 198 -15.57 -23.49 -14.62
N LYS C 199 -14.94 -23.94 -13.53
CA LYS C 199 -15.22 -23.28 -12.26
C LYS C 199 -13.95 -23.05 -11.45
N LEU C 200 -12.92 -23.84 -11.69
CA LEU C 200 -11.66 -23.63 -11.00
C LEU C 200 -10.79 -22.68 -11.80
N PRO C 201 -10.17 -21.69 -11.17
CA PRO C 201 -9.17 -20.89 -11.86
C PRO C 201 -8.04 -21.78 -12.35
N SER C 202 -7.53 -21.44 -13.53
CA SER C 202 -6.47 -22.25 -14.12
C SER C 202 -5.25 -22.27 -13.21
N ALA C 203 -4.68 -23.47 -13.03
CA ALA C 203 -3.52 -23.61 -12.16
C ALA C 203 -2.37 -22.74 -12.64
N HIS C 204 -2.13 -22.72 -13.95
CA HIS C 204 -1.06 -21.87 -14.48
C HIS C 204 -1.40 -20.39 -14.31
N GLY C 205 -2.62 -20.00 -14.67
CA GLY C 205 -3.04 -18.63 -14.46
C GLY C 205 -3.07 -18.26 -12.99
N LEU C 206 -3.44 -19.22 -12.14
CA LEU C 206 -3.43 -18.96 -10.70
C LEU C 206 -2.00 -18.74 -10.20
N GLU C 207 -1.04 -19.50 -10.72
CA GLU C 207 0.35 -19.28 -10.34
C GLU C 207 0.83 -17.91 -10.82
N ASP C 208 0.37 -17.50 -12.00
CA ASP C 208 0.71 -16.17 -12.49
C ASP C 208 0.16 -15.10 -11.57
N PHE C 209 -1.10 -15.24 -11.14
CA PHE C 209 -1.67 -14.28 -10.22
C PHE C 209 -0.97 -14.34 -8.86
N ALA C 210 -0.48 -15.52 -8.48
CA ALA C 210 0.30 -15.63 -7.25
C ALA C 210 1.59 -14.82 -7.35
N GLU C 211 2.28 -14.91 -8.49
CA GLU C 211 3.50 -14.14 -8.67
C GLU C 211 3.20 -12.64 -8.69
N THR C 212 2.09 -12.25 -9.31
CA THR C 212 1.75 -10.83 -9.42
C THR C 212 1.01 -10.29 -8.20
N ALA C 213 0.67 -11.14 -7.24
CA ALA C 213 0.05 -10.67 -6.01
C ALA C 213 1.07 -10.02 -5.10
N GLN C 214 2.36 -10.28 -5.35
CA GLN C 214 3.40 -9.46 -4.74
C GLN C 214 3.36 -8.04 -5.28
N PHE C 215 2.87 -7.89 -6.51
CA PHE C 215 3.05 -6.63 -7.23
C PHE C 215 1.82 -5.75 -7.11
N LEU C 216 0.65 -6.37 -7.00
CA LEU C 216 -0.58 -5.59 -6.94
C LEU C 216 -0.66 -4.63 -5.75
N PRO C 217 -0.31 -5.03 -4.52
CA PRO C 217 -0.24 -4.02 -3.44
C PRO C 217 0.78 -2.95 -3.74
N ASP C 218 1.89 -3.33 -4.39
CA ASP C 218 2.85 -2.33 -4.85
C ASP C 218 2.22 -1.41 -5.88
N ALA C 219 1.39 -1.96 -6.77
CA ALA C 219 0.66 -1.12 -7.71
C ALA C 219 -0.19 -0.10 -6.97
N VAL C 220 -0.88 -0.53 -5.93
CA VAL C 220 -1.73 0.39 -5.18
C VAL C 220 -0.90 1.48 -4.51
N THR C 221 0.17 1.08 -3.82
CA THR C 221 0.95 2.06 -3.07
C THR C 221 1.70 3.00 -4.01
N ARG C 222 1.94 2.58 -5.25
CA ARG C 222 2.59 3.46 -6.21
C ARG C 222 1.58 4.38 -6.87
N ALA C 223 0.34 3.93 -7.03
CA ALA C 223 -0.69 4.78 -7.61
C ALA C 223 -0.96 5.98 -6.71
N GLY C 224 -0.74 5.82 -5.41
CA GLY C 224 -0.98 6.92 -4.48
C GLY C 224 -2.43 7.22 -4.23
N ALA C 225 -3.35 6.38 -4.72
CA ALA C 225 -4.76 6.63 -4.54
C ALA C 225 -5.16 6.48 -3.08
N ASN C 226 -6.14 7.28 -2.67
CA ASN C 226 -6.65 7.19 -1.30
C ASN C 226 -7.27 5.82 -1.04
N GLY C 227 -7.97 5.28 -2.04
CA GLY C 227 -8.59 3.98 -1.90
C GLY C 227 -8.39 3.15 -3.14
N VAL C 228 -9.00 1.97 -3.14
CA VAL C 228 -8.92 1.02 -4.24
C VAL C 228 -10.32 0.79 -4.78
N ARG C 229 -10.46 0.83 -6.10
CA ARG C 229 -11.72 0.50 -6.75
C ARG C 229 -11.52 -0.73 -7.63
N ILE C 230 -12.49 -1.65 -7.59
CA ILE C 230 -12.51 -2.81 -8.47
C ILE C 230 -13.81 -2.80 -9.26
N GLU C 231 -13.69 -2.97 -10.58
CA GLU C 231 -14.84 -3.13 -11.46
C GLU C 231 -14.72 -4.45 -12.18
N GLY C 232 -15.78 -5.26 -12.12
CA GLY C 232 -15.76 -6.55 -12.77
C GLY C 232 -16.07 -7.70 -11.84
N GLY C 233 -15.54 -8.88 -12.15
CA GLY C 233 -15.76 -10.04 -11.31
C GLY C 233 -14.80 -11.14 -11.68
N ALA C 234 -14.58 -12.04 -10.72
CA ALA C 234 -13.62 -13.13 -10.91
C ALA C 234 -14.09 -14.35 -10.13
N HIS C 235 -13.45 -15.48 -10.43
CA HIS C 235 -13.63 -16.67 -9.60
C HIS C 235 -13.50 -16.31 -8.13
N LEU C 236 -14.42 -16.83 -7.32
CA LEU C 236 -14.59 -16.29 -5.98
C LEU C 236 -13.36 -16.58 -5.13
N SER C 237 -12.65 -17.67 -5.42
CA SER C 237 -11.36 -17.90 -4.79
C SER C 237 -10.36 -16.83 -5.17
N VAL C 238 -10.33 -16.45 -6.45
CA VAL C 238 -9.48 -15.34 -6.87
C VAL C 238 -9.95 -14.05 -6.23
N SER C 239 -11.25 -13.93 -5.96
CA SER C 239 -11.76 -12.77 -5.24
C SER C 239 -11.17 -12.70 -3.83
N ILE C 240 -11.17 -13.83 -3.12
CA ILE C 240 -10.54 -13.86 -1.79
C ILE C 240 -9.05 -13.57 -1.92
N ALA C 241 -8.44 -14.07 -2.99
CA ALA C 241 -7.01 -13.86 -3.19
C ALA C 241 -6.67 -12.39 -3.37
N ILE C 242 -7.44 -11.68 -4.20
CA ILE C 242 -7.17 -10.25 -4.39
C ILE C 242 -7.54 -9.46 -3.14
N GLY C 243 -8.55 -9.92 -2.40
CA GLY C 243 -8.83 -9.31 -1.12
C GLY C 243 -7.66 -9.41 -0.16
N ALA C 244 -7.03 -10.59 -0.12
CA ALA C 244 -5.81 -10.73 0.67
C ALA C 244 -4.70 -9.85 0.12
N ALA C 245 -4.59 -9.76 -1.21
CA ALA C 245 -3.57 -8.92 -1.82
C ALA C 245 -3.82 -7.45 -1.54
N ILE C 246 -5.09 -7.06 -1.40
CA ILE C 246 -5.44 -5.67 -1.15
C ILE C 246 -6.14 -5.62 0.21
N PRO C 247 -5.45 -5.89 1.30
CA PRO C 247 -6.12 -5.94 2.61
C PRO C 247 -6.52 -4.56 3.08
N SER C 248 -7.56 -4.54 3.91
CA SER C 248 -8.09 -3.26 4.43
C SER C 248 -7.03 -2.50 5.21
N THR C 249 -6.03 -3.22 5.74
CA THR C 249 -5.00 -2.58 6.55
C THR C 249 -4.21 -1.56 5.75
N ARG C 250 -4.08 -1.76 4.44
CA ARG C 250 -3.27 -0.88 3.62
C ARG C 250 -4.08 0.18 2.88
N VAL C 251 -5.33 -0.10 2.51
CA VAL C 251 -5.97 0.71 1.49
C VAL C 251 -7.33 1.30 1.91
N GLY C 252 -7.28 2.50 2.51
CA GLY C 252 -8.38 3.43 2.53
C GLY C 252 -9.78 2.85 2.65
N PRO C 253 -10.73 3.49 1.96
CA PRO C 253 -12.00 2.83 1.66
C PRO C 253 -11.92 2.14 0.30
N MET C 254 -12.38 0.91 0.19
CA MET C 254 -12.27 0.14 -1.03
C MET C 254 -13.64 -0.10 -1.62
N THR C 255 -13.88 0.46 -2.79
CA THR C 255 -15.18 0.37 -3.46
C THR C 255 -15.08 -0.63 -4.60
N VAL C 256 -15.93 -1.65 -4.57
CA VAL C 256 -15.85 -2.76 -5.52
C VAL C 256 -17.12 -2.79 -6.35
N VAL C 257 -16.97 -2.76 -7.67
CA VAL C 257 -18.07 -2.90 -8.61
C VAL C 257 -18.08 -4.34 -9.10
N ASP C 258 -19.24 -4.98 -9.01
CA ASP C 258 -19.37 -6.39 -9.31
C ASP C 258 -19.70 -6.68 -10.76
N GLY C 259 -19.63 -5.68 -11.64
CA GLY C 259 -19.99 -5.84 -13.02
C GLY C 259 -21.45 -5.60 -13.33
N ARG C 260 -22.27 -5.39 -12.30
CA ARG C 260 -23.68 -5.07 -12.47
C ARG C 260 -23.96 -3.58 -12.43
N GLY C 261 -22.92 -2.75 -12.36
CA GLY C 261 -23.13 -1.33 -12.20
C GLY C 261 -23.42 -0.89 -10.79
N VAL C 262 -23.45 -1.82 -9.84
CA VAL C 262 -23.66 -1.53 -8.43
C VAL C 262 -22.35 -1.76 -7.70
N HIS C 263 -21.95 -0.80 -6.88
CA HIS C 263 -20.65 -0.80 -6.23
C HIS C 263 -20.80 -1.03 -4.74
N TRP C 264 -19.98 -1.93 -4.20
CA TRP C 264 -19.95 -2.23 -2.78
C TRP C 264 -18.92 -1.34 -2.11
N VAL C 265 -19.35 -0.60 -1.10
CA VAL C 265 -18.46 0.30 -0.36
C VAL C 265 -17.86 -0.49 0.79
N SER C 266 -16.71 -0.04 1.30
CA SER C 266 -16.08 -0.67 2.45
C SER C 266 -16.37 0.17 3.69
N SER C 267 -16.98 -0.46 4.69
CA SER C 267 -17.29 0.21 5.95
C SER C 267 -16.82 -0.68 7.09
N THR C 268 -15.85 -0.19 7.86
CA THR C 268 -15.45 -0.78 9.14
C THR C 268 -14.71 -2.09 8.96
N GLU C 269 -13.75 -2.35 9.85
CA GLU C 269 -12.95 -3.57 9.89
C GLU C 269 -13.74 -4.68 10.58
N PRO C 270 -13.18 -5.89 10.74
CA PRO C 270 -13.97 -6.97 11.36
C PRO C 270 -14.65 -6.55 12.65
N GLN C 271 -15.98 -6.66 12.65
CA GLN C 271 -16.80 -6.27 13.78
C GLN C 271 -18.06 -7.12 13.81
N LEU C 272 -18.55 -7.41 15.00
CA LEU C 272 -19.93 -7.84 15.12
C LEU C 272 -20.82 -6.61 15.27
N PRO C 273 -21.59 -6.25 14.25
CA PRO C 273 -22.34 -4.99 14.29
C PRO C 273 -23.42 -5.00 15.35
N ASP C 274 -23.98 -3.82 15.61
CA ASP C 274 -25.04 -3.69 16.59
C ASP C 274 -26.24 -4.56 16.22
N GLU C 275 -26.52 -4.69 14.93
CA GLU C 275 -27.56 -5.58 14.45
C GLU C 275 -26.95 -6.68 13.59
N PRO C 276 -27.11 -7.94 13.96
CA PRO C 276 -26.50 -9.03 13.18
C PRO C 276 -27.31 -9.42 11.95
N ARG C 277 -27.07 -8.72 10.83
CA ARG C 277 -27.79 -9.04 9.59
C ARG C 277 -27.49 -10.45 9.13
N LEU C 278 -26.39 -11.04 9.60
CA LEU C 278 -25.99 -12.39 9.25
C LEU C 278 -26.05 -13.26 10.51
N ARG C 279 -26.67 -14.42 10.40
CA ARG C 279 -26.80 -15.35 11.51
C ARG C 279 -26.01 -16.62 11.21
N ILE C 280 -25.77 -17.40 12.25
CA ILE C 280 -25.05 -18.66 12.13
C ILE C 280 -26.08 -19.78 12.10
N VAL C 281 -26.29 -20.34 10.90
CA VAL C 281 -27.29 -21.39 10.76
C VAL C 281 -26.84 -22.66 11.46
N ARG C 282 -25.59 -23.06 11.26
CA ARG C 282 -25.06 -24.27 11.85
C ARG C 282 -23.71 -23.95 12.50
N GLU C 283 -23.50 -24.49 13.71
CA GLU C 283 -22.28 -24.24 14.46
C GLU C 283 -21.75 -25.59 14.95
N SER C 284 -20.43 -25.70 15.06
CA SER C 284 -19.76 -26.96 15.35
C SER C 284 -19.27 -26.96 16.79
N THR C 285 -19.73 -27.92 17.58
CA THR C 285 -19.20 -28.20 18.90
C THR C 285 -19.02 -29.70 19.05
N ILE C 286 -17.87 -30.19 18.60
CA ILE C 286 -17.54 -31.62 18.69
C ILE C 286 -16.16 -31.77 19.32
N PRO C 287 -16.03 -32.54 20.39
CA PRO C 287 -14.72 -32.66 21.05
C PRO C 287 -13.88 -33.80 20.49
N SER C 288 -12.66 -33.48 20.08
CA SER C 288 -11.67 -34.48 19.75
C SER C 288 -10.74 -34.65 20.94
N THR C 289 -10.01 -35.78 21.00
CA THR C 289 -9.05 -35.98 22.07
C THR C 289 -8.07 -34.83 22.14
N ALA C 290 -7.51 -34.45 21.00
CA ALA C 290 -6.67 -33.26 20.85
C ALA C 290 -6.83 -32.73 19.44
N PRO C 291 -6.61 -31.44 19.23
CA PRO C 291 -6.56 -30.92 17.85
C PRO C 291 -5.48 -31.62 17.06
N ALA C 292 -5.73 -31.80 15.77
CA ALA C 292 -4.82 -32.57 14.92
C ALA C 292 -3.43 -31.95 14.97
N PRO C 293 -2.40 -32.70 15.36
CA PRO C 293 -1.05 -32.14 15.42
C PRO C 293 -0.59 -31.63 14.07
N GLY C 294 0.11 -30.50 14.08
CA GLY C 294 0.47 -29.79 12.89
C GLY C 294 -0.44 -28.60 12.71
N ARG C 295 -0.65 -28.20 11.46
CA ARG C 295 -1.53 -27.08 11.19
C ARG C 295 -2.98 -27.48 11.50
N PRO C 296 -3.63 -26.81 12.45
CA PRO C 296 -5.05 -27.10 12.70
C PRO C 296 -5.90 -26.60 11.55
N ASP C 297 -7.01 -27.26 11.29
CA ASP C 297 -7.88 -26.93 10.17
C ASP C 297 -9.19 -26.36 10.66
N VAL C 298 -9.61 -25.25 10.05
CA VAL C 298 -10.90 -24.64 10.32
C VAL C 298 -11.61 -24.43 8.98
N ALA C 299 -12.86 -24.86 8.90
CA ALA C 299 -13.65 -24.73 7.68
C ALA C 299 -14.83 -23.81 7.93
N ALA C 300 -14.74 -22.58 7.41
CA ALA C 300 -15.80 -21.61 7.57
C ALA C 300 -16.57 -21.51 6.27
N TYR C 301 -17.89 -21.70 6.35
CA TYR C 301 -18.79 -21.66 5.21
C TYR C 301 -19.67 -20.43 5.33
N ILE C 302 -19.57 -19.52 4.36
CA ILE C 302 -20.28 -18.26 4.38
C ILE C 302 -21.02 -18.10 3.07
N ASP C 303 -22.29 -18.47 3.06
CA ASP C 303 -23.13 -18.32 1.87
C ASP C 303 -24.09 -17.16 2.09
N LEU C 304 -24.12 -16.24 1.13
CA LEU C 304 -24.91 -15.03 1.28
C LEU C 304 -26.23 -15.12 0.52
N GLN C 305 -26.54 -16.28 -0.03
CA GLN C 305 -27.74 -16.48 -0.84
C GLN C 305 -28.79 -17.18 0.00
N HIS C 306 -30.02 -16.66 -0.02
CA HIS C 306 -31.11 -17.36 0.65
C HIS C 306 -31.33 -18.75 0.06
N PRO C 307 -31.32 -18.98 -1.25
CA PRO C 307 -31.28 -20.35 -1.75
C PRO C 307 -30.10 -21.10 -1.15
N ARG C 308 -30.40 -22.07 -0.30
CA ARG C 308 -29.40 -22.79 0.47
C ARG C 308 -28.84 -23.92 -0.37
N SER C 309 -27.51 -23.96 -0.47
CA SER C 309 -26.80 -25.04 -1.16
C SER C 309 -25.96 -25.78 -0.12
N ASP C 310 -26.61 -26.72 0.56
CA ASP C 310 -25.96 -27.42 1.66
C ASP C 310 -25.29 -28.71 1.20
N ALA C 311 -25.62 -29.20 0.01
CA ALA C 311 -25.10 -30.51 -0.41
C ALA C 311 -23.59 -30.51 -0.54
N ALA C 312 -23.04 -29.53 -1.26
CA ALA C 312 -21.60 -29.49 -1.49
C ALA C 312 -20.83 -29.26 -0.19
N PHE C 313 -21.29 -28.31 0.62
CA PHE C 313 -20.60 -28.04 1.88
C PHE C 313 -20.68 -29.23 2.81
N ASP C 314 -21.82 -29.91 2.86
CA ASP C 314 -21.94 -31.10 3.70
C ASP C 314 -21.03 -32.21 3.20
N ASN C 315 -20.91 -32.36 1.88
CA ASN C 315 -19.99 -33.35 1.34
C ASN C 315 -18.56 -33.04 1.74
N TYR C 316 -18.14 -31.79 1.60
CA TYR C 316 -16.80 -31.41 2.02
C TYR C 316 -16.59 -31.64 3.50
N LEU C 317 -17.60 -31.29 4.31
CA LEU C 317 -17.50 -31.47 5.75
C LEU C 317 -17.33 -32.93 6.12
N THR C 318 -18.17 -33.81 5.55
CA THR C 318 -18.03 -35.24 5.80
C THR C 318 -16.69 -35.75 5.32
N GLU C 319 -16.14 -35.15 4.26
CA GLU C 319 -14.81 -35.53 3.80
C GLU C 319 -13.74 -35.13 4.82
N HIS C 320 -13.89 -33.97 5.46
CA HIS C 320 -12.85 -33.43 6.33
C HIS C 320 -13.31 -33.19 7.76
N ALA C 321 -14.36 -33.88 8.22
CA ALA C 321 -14.88 -33.64 9.56
C ALA C 321 -13.82 -33.96 10.62
N ALA C 322 -13.09 -35.05 10.45
CA ALA C 322 -12.08 -35.43 11.45
C ALA C 322 -10.96 -34.41 11.51
N GLU C 323 -10.50 -33.93 10.36
CA GLU C 323 -9.33 -33.05 10.34
C GLU C 323 -9.63 -31.68 10.91
N LEU C 324 -10.73 -31.05 10.49
CA LEU C 324 -10.99 -29.68 10.89
C LEU C 324 -11.47 -29.62 12.33
N VAL C 325 -10.98 -28.60 13.06
CA VAL C 325 -11.34 -28.47 14.47
C VAL C 325 -12.81 -28.08 14.62
N ALA C 326 -13.26 -27.08 13.87
CA ALA C 326 -14.62 -26.60 13.97
C ALA C 326 -15.04 -25.95 12.66
N TRP C 327 -16.35 -25.92 12.41
CA TRP C 327 -16.91 -25.38 11.19
C TRP C 327 -18.08 -24.46 11.54
N GLN C 328 -18.32 -23.47 10.69
CA GLN C 328 -19.38 -22.50 10.93
C GLN C 328 -20.08 -22.17 9.62
N HIS C 329 -21.41 -22.07 9.66
CA HIS C 329 -22.23 -21.75 8.51
C HIS C 329 -22.90 -20.41 8.73
N LEU C 330 -22.67 -19.48 7.81
CA LEU C 330 -23.20 -18.12 7.92
C LEU C 330 -24.10 -17.81 6.73
N ALA C 331 -25.37 -17.54 7.02
CA ALA C 331 -26.35 -17.18 6.01
C ALA C 331 -27.10 -15.94 6.48
N PRO C 332 -27.56 -15.11 5.55
CA PRO C 332 -28.21 -13.85 5.94
C PRO C 332 -29.52 -14.10 6.67
N THR C 333 -29.80 -13.25 7.66
CA THR C 333 -31.06 -13.34 8.38
C THR C 333 -32.24 -12.98 7.49
N ARG C 334 -32.09 -11.91 6.70
CA ARG C 334 -33.17 -11.40 5.88
C ARG C 334 -33.24 -12.18 4.56
N THR C 335 -34.47 -12.43 4.09
CA THR C 335 -34.65 -13.22 2.89
C THR C 335 -34.27 -12.43 1.64
N GLY C 336 -34.38 -11.11 1.69
CA GLY C 336 -34.10 -10.32 0.51
C GLY C 336 -32.62 -10.29 0.19
N LEU C 337 -32.31 -9.91 -1.05
CA LEU C 337 -30.92 -9.81 -1.47
C LEU C 337 -30.22 -8.70 -0.72
N LEU C 338 -28.92 -8.89 -0.49
CA LEU C 338 -28.16 -7.96 0.33
C LEU C 338 -27.99 -6.62 -0.38
N ASP C 339 -28.14 -5.54 0.38
CA ASP C 339 -28.01 -4.20 -0.18
C ASP C 339 -26.55 -3.80 -0.29
N ALA C 340 -26.27 -2.95 -1.28
CA ALA C 340 -24.90 -2.48 -1.48
C ALA C 340 -24.49 -1.48 -0.41
N ALA C 341 -25.47 -0.77 0.17
CA ALA C 341 -25.17 0.29 1.13
C ALA C 341 -24.43 -0.25 2.35
N ASP C 342 -24.86 -1.41 2.87
CA ASP C 342 -24.26 -1.99 4.05
C ASP C 342 -23.37 -3.18 3.74
N GLY C 343 -22.96 -3.34 2.48
CA GLY C 343 -22.16 -4.50 2.11
C GLY C 343 -20.83 -4.56 2.83
N GLY C 344 -20.21 -3.41 3.07
CA GLY C 344 -18.96 -3.39 3.81
C GLY C 344 -19.12 -3.90 5.22
N THR C 345 -20.16 -3.43 5.92
CA THR C 345 -20.39 -3.89 7.29
C THR C 345 -20.79 -5.36 7.30
N ILE C 346 -21.50 -5.82 6.28
CA ILE C 346 -21.85 -7.24 6.18
C ILE C 346 -20.58 -8.08 6.04
N ALA C 347 -19.67 -7.67 5.17
CA ALA C 347 -18.42 -8.40 5.03
C ALA C 347 -17.61 -8.34 6.32
N ALA C 348 -17.65 -7.21 7.01
CA ALA C 348 -16.98 -7.11 8.30
C ALA C 348 -17.54 -8.09 9.30
N GLU C 349 -18.87 -8.22 9.33
CA GLU C 349 -19.55 -9.18 10.19
C GLU C 349 -19.12 -10.61 9.86
N ALA C 350 -19.10 -10.95 8.57
CA ALA C 350 -18.68 -12.29 8.17
C ALA C 350 -17.24 -12.58 8.58
N VAL C 351 -16.35 -11.64 8.32
CA VAL C 351 -14.95 -11.84 8.70
C VAL C 351 -14.81 -11.87 10.21
N ALA C 352 -15.69 -11.18 10.93
CA ALA C 352 -15.66 -11.22 12.38
C ALA C 352 -15.97 -12.63 12.89
N HIS C 353 -17.00 -13.27 12.33
CA HIS C 353 -17.26 -14.66 12.72
C HIS C 353 -16.14 -15.58 12.29
N ILE C 354 -15.57 -15.35 11.10
CA ILE C 354 -14.44 -16.15 10.66
C ILE C 354 -13.29 -16.06 11.65
N ARG C 355 -13.02 -14.83 12.12
CA ARG C 355 -11.94 -14.63 13.07
C ARG C 355 -12.27 -15.23 14.43
N GLU C 356 -13.53 -15.12 14.87
CA GLU C 356 -13.93 -15.82 16.09
C GLU C 356 -13.61 -17.30 15.98
N LEU C 357 -14.05 -17.93 14.90
CA LEU C 357 -13.87 -19.37 14.75
C LEU C 357 -12.40 -19.74 14.62
N SER C 358 -11.60 -18.87 14.01
CA SER C 358 -10.18 -19.18 13.85
C SER C 358 -9.42 -19.01 15.16
N MET C 359 -9.51 -17.83 15.78
CA MET C 359 -8.69 -17.55 16.96
C MET C 359 -9.17 -18.33 18.18
N THR C 360 -10.48 -18.50 18.33
CA THR C 360 -10.96 -19.31 19.45
C THR C 360 -10.47 -20.75 19.32
N ASN C 361 -10.36 -21.25 18.09
CA ASN C 361 -9.86 -22.60 17.84
C ASN C 361 -8.40 -22.52 17.43
N GLY C 362 -7.54 -22.12 18.38
CA GLY C 362 -6.11 -22.29 18.23
C GLY C 362 -5.44 -21.50 17.13
N ASN C 363 -6.09 -20.45 16.60
CA ASN C 363 -5.49 -19.60 15.57
C ASN C 363 -5.04 -20.42 14.37
N ALA C 364 -6.03 -21.04 13.72
CA ALA C 364 -5.76 -22.02 12.68
C ALA C 364 -6.11 -21.44 11.31
N VAL C 365 -5.64 -22.13 10.27
CA VAL C 365 -6.01 -21.78 8.91
C VAL C 365 -7.50 -21.97 8.72
N VAL C 366 -8.12 -21.08 7.95
CA VAL C 366 -9.55 -21.11 7.70
C VAL C 366 -9.79 -21.59 6.28
N HIS C 367 -10.50 -22.72 6.15
CA HIS C 367 -10.96 -23.22 4.87
C HIS C 367 -12.24 -22.47 4.52
N LEU C 368 -12.10 -21.46 3.67
CA LEU C 368 -13.17 -20.52 3.41
C LEU C 368 -13.99 -20.97 2.21
N MET C 369 -15.29 -21.13 2.42
CA MET C 369 -16.24 -21.43 1.36
C MET C 369 -17.24 -20.26 1.30
N VAL C 370 -17.27 -19.58 0.15
CA VAL C 370 -18.05 -18.36 0.00
C VAL C 370 -19.04 -18.55 -1.13
N ARG C 371 -20.26 -18.05 -0.94
CA ARG C 371 -21.26 -17.99 -2.00
C ARG C 371 -21.75 -16.56 -2.24
N GLY C 372 -21.14 -15.58 -1.59
CA GLY C 372 -21.60 -14.22 -1.68
C GLY C 372 -21.29 -13.60 -3.03
N PRO C 373 -21.86 -12.44 -3.29
CA PRO C 373 -21.53 -11.71 -4.52
C PRO C 373 -20.06 -11.30 -4.53
N PHE C 374 -19.61 -10.84 -5.70
CA PHE C 374 -18.20 -10.57 -5.90
C PHE C 374 -17.67 -9.55 -4.91
N GLY C 375 -18.41 -8.46 -4.70
CA GLY C 375 -17.94 -7.43 -3.79
C GLY C 375 -17.84 -7.91 -2.36
N LEU C 376 -18.83 -8.67 -1.90
CA LEU C 376 -18.78 -9.19 -0.55
C LEU C 376 -17.60 -10.14 -0.37
N ALA C 377 -17.33 -10.98 -1.36
CA ALA C 377 -16.22 -11.92 -1.23
C ALA C 377 -14.87 -11.19 -1.26
N VAL C 378 -14.72 -10.20 -2.13
CA VAL C 378 -13.44 -9.49 -2.17
C VAL C 378 -13.25 -8.70 -0.88
N LEU C 379 -14.33 -8.17 -0.30
CA LEU C 379 -14.21 -7.53 1.00
C LEU C 379 -13.85 -8.54 2.09
N ILE C 380 -14.43 -9.75 2.03
CA ILE C 380 -14.10 -10.78 3.00
C ILE C 380 -12.61 -11.10 2.94
N GLY C 381 -12.09 -11.25 1.73
CA GLY C 381 -10.65 -11.42 1.59
C GLY C 381 -9.88 -10.19 2.03
N ARG C 382 -10.49 -9.01 1.91
CA ARG C 382 -9.81 -7.77 2.28
C ARG C 382 -9.58 -7.68 3.77
N LEU C 383 -10.59 -8.03 4.57
CA LEU C 383 -10.50 -7.81 6.01
C LEU C 383 -9.78 -8.92 6.76
N THR C 384 -9.39 -10.00 6.10
CA THR C 384 -8.74 -11.13 6.77
C THR C 384 -7.22 -10.97 6.78
N ASN C 385 -6.77 -9.86 7.35
CA ASN C 385 -5.37 -9.48 7.26
C ASN C 385 -4.45 -10.49 7.94
N THR C 386 -4.71 -10.81 9.21
CA THR C 386 -3.88 -11.75 9.94
C THR C 386 -4.39 -13.18 9.87
N LEU C 387 -5.67 -13.38 9.61
CA LEU C 387 -6.22 -14.73 9.48
C LEU C 387 -5.77 -15.36 8.16
N ARG C 388 -5.56 -16.67 8.21
CA ARG C 388 -5.07 -17.43 7.08
C ARG C 388 -6.25 -18.08 6.37
N VAL C 389 -6.35 -17.87 5.07
CA VAL C 389 -7.51 -18.30 4.29
C VAL C 389 -7.08 -19.33 3.26
N VAL C 390 -7.88 -20.39 3.13
CA VAL C 390 -7.82 -21.30 2.00
C VAL C 390 -9.20 -21.32 1.36
N ALA C 391 -9.28 -20.83 0.13
CA ALA C 391 -10.56 -20.60 -0.52
C ALA C 391 -10.99 -21.83 -1.31
N TYR C 392 -12.30 -22.07 -1.32
CA TYR C 392 -12.89 -23.19 -2.02
C TYR C 392 -14.01 -22.70 -2.93
N GLU C 393 -14.16 -23.37 -4.07
CA GLU C 393 -15.28 -23.14 -4.97
C GLU C 393 -15.95 -24.46 -5.31
N TRP C 394 -17.22 -24.37 -5.67
CA TRP C 394 -18.10 -25.53 -5.79
C TRP C 394 -17.93 -26.12 -7.18
N THR C 395 -18.08 -27.43 -7.29
CA THR C 395 -18.00 -28.11 -8.57
C THR C 395 -19.13 -29.13 -8.68
N ASP C 396 -20.16 -28.79 -9.45
CA ASP C 396 -21.10 -29.79 -9.92
C ASP C 396 -20.56 -30.53 -11.13
N SER C 397 -19.45 -30.04 -11.69
CA SER C 397 -18.84 -30.68 -12.84
C SER C 397 -18.35 -32.07 -12.49
N ASP C 398 -18.48 -32.98 -13.43
CA ASP C 398 -17.97 -34.34 -13.25
C ASP C 398 -16.46 -34.33 -13.12
N ALA C 399 -15.91 -35.50 -12.79
CA ALA C 399 -14.48 -35.66 -12.69
C ALA C 399 -13.84 -35.47 -14.06
N PRO C 400 -12.54 -35.18 -14.10
CA PRO C 400 -11.89 -34.99 -15.42
C PRO C 400 -12.05 -36.16 -16.37
N ASP C 401 -12.15 -37.38 -15.83
CA ASP C 401 -12.38 -38.55 -16.67
C ASP C 401 -13.83 -38.67 -17.12
N GLY C 402 -14.74 -37.85 -16.59
CA GLY C 402 -16.13 -37.89 -16.97
C GLY C 402 -17.05 -38.59 -15.98
N THR C 403 -16.51 -39.37 -15.06
CA THR C 403 -17.33 -40.02 -14.04
C THR C 403 -17.89 -38.98 -13.09
N PHE C 404 -19.17 -39.12 -12.74
CA PHE C 404 -19.81 -38.17 -11.84
C PHE C 404 -19.17 -38.21 -10.46
N MET C 405 -19.10 -37.02 -9.86
CA MET C 405 -18.71 -36.82 -8.48
C MET C 405 -19.68 -35.80 -7.89
N PRO C 406 -20.20 -36.06 -6.70
CA PRO C 406 -21.25 -35.21 -6.14
C PRO C 406 -20.76 -33.79 -5.91
N PRO C 407 -21.67 -32.83 -5.73
CA PRO C 407 -21.25 -31.44 -5.51
C PRO C 407 -20.18 -31.34 -4.44
N ARG C 408 -19.10 -30.64 -4.78
CA ARG C 408 -17.88 -30.71 -4.01
C ARG C 408 -17.32 -29.30 -3.83
N TYR C 409 -16.65 -29.08 -2.71
CA TYR C 409 -15.81 -27.91 -2.52
C TYR C 409 -14.35 -28.34 -2.63
N GLU C 410 -13.62 -27.68 -3.53
CA GLU C 410 -12.25 -28.02 -3.85
C GLU C 410 -11.38 -26.82 -3.59
N PRO C 411 -10.22 -27.00 -2.95
CA PRO C 411 -9.39 -25.85 -2.60
C PRO C 411 -8.61 -25.30 -3.79
N ILE C 412 -8.60 -23.98 -3.94
CA ILE C 412 -7.90 -23.31 -5.02
C ILE C 412 -6.61 -22.66 -4.53
N VAL C 413 -6.70 -21.80 -3.52
CA VAL C 413 -5.58 -21.02 -3.04
C VAL C 413 -5.39 -21.27 -1.56
N GLN C 414 -4.14 -21.11 -1.10
CA GLN C 414 -3.81 -21.06 0.31
C GLN C 414 -3.26 -19.67 0.60
N LEU C 415 -4.10 -18.80 1.14
CA LEU C 415 -3.78 -17.39 1.29
C LEU C 415 -3.29 -17.11 2.71
N ARG C 416 -2.10 -16.51 2.80
CA ARG C 416 -1.59 -15.95 4.04
C ARG C 416 -1.57 -14.45 3.79
N ALA C 417 -2.64 -13.78 4.20
CA ALA C 417 -2.92 -12.46 3.66
C ALA C 417 -1.82 -11.47 3.97
N SER C 418 -1.60 -10.55 3.02
CA SER C 418 -0.67 -9.43 3.18
C SER C 418 0.75 -9.93 3.45
N THR C 419 1.30 -10.69 2.50
CA THR C 419 2.60 -11.33 2.61
C THR C 419 3.56 -10.75 1.59
N PRO C 420 4.77 -10.36 2.00
CA PRO C 420 5.75 -9.89 1.01
C PRO C 420 6.11 -10.94 -0.03
N ALA C 421 6.18 -12.21 0.37
CA ALA C 421 6.47 -13.27 -0.60
C ALA C 421 5.36 -13.38 -1.62
N GLY C 422 4.11 -13.32 -1.17
CA GLY C 422 2.96 -13.39 -2.04
C GLY C 422 1.73 -13.82 -1.26
N VAL C 423 0.58 -13.19 -1.49
CA VAL C 423 -0.60 -13.52 -0.71
C VAL C 423 -1.10 -14.91 -1.06
N ILE C 424 -0.88 -15.35 -2.29
CA ILE C 424 -1.17 -16.74 -2.68
C ILE C 424 0.11 -17.52 -2.39
N GLU C 425 0.22 -17.98 -1.15
CA GLU C 425 1.43 -18.70 -0.74
C GLU C 425 1.62 -19.98 -1.53
N ARG C 426 0.52 -20.72 -1.75
CA ARG C 426 0.58 -21.97 -2.47
C ARG C 426 -0.67 -22.12 -3.34
N VAL C 427 -0.48 -22.57 -4.57
CA VAL C 427 -1.58 -22.85 -5.49
C VAL C 427 -2.00 -24.30 -5.23
N ILE C 428 -2.91 -24.47 -4.27
CA ILE C 428 -3.24 -25.81 -3.79
C ILE C 428 -4.07 -26.56 -4.82
N VAL C 429 -4.69 -25.83 -5.76
CA VAL C 429 -5.53 -26.49 -6.77
C VAL C 429 -4.65 -27.29 -7.72
N ALA C 430 -5.04 -28.53 -7.97
CA ALA C 430 -4.33 -29.41 -8.89
C ALA C 430 -5.20 -29.64 -10.12
N ASP C 431 -4.93 -28.90 -11.18
CA ASP C 431 -5.69 -29.01 -12.43
C ASP C 431 -4.86 -29.82 -13.42
N ALA C 432 -5.44 -30.91 -13.92
CA ALA C 432 -4.71 -31.81 -14.81
C ALA C 432 -4.35 -31.12 -16.11
N GLU C 433 -5.27 -30.33 -16.67
CA GLU C 433 -5.09 -29.67 -17.96
C GLU C 433 -4.81 -30.68 -19.06
N MET D 1 -14.18 4.80 -50.44
CA MET D 1 -13.14 3.79 -50.45
C MET D 1 -12.56 3.55 -49.04
N PRO D 2 -12.45 4.60 -48.20
CA PRO D 2 -12.08 4.36 -46.80
C PRO D 2 -13.29 4.40 -45.88
N ASP D 3 -13.35 5.39 -45.00
CA ASP D 3 -14.43 5.48 -44.02
C ASP D 3 -15.79 5.58 -44.71
N THR D 4 -15.85 6.27 -45.85
CA THR D 4 -17.11 6.36 -46.57
C THR D 4 -17.55 4.99 -47.10
N ALA D 5 -16.60 4.08 -47.27
CA ALA D 5 -16.95 2.74 -47.78
C ALA D 5 -17.08 1.73 -46.64
N ILE D 6 -16.39 1.95 -45.52
CA ILE D 6 -16.39 1.01 -44.41
C ILE D 6 -17.31 1.54 -43.31
N ASN D 7 -18.22 0.68 -42.87
CA ASN D 7 -19.11 0.99 -41.77
C ASN D 7 -19.05 -0.15 -40.77
N PRO D 8 -18.77 0.11 -39.49
CA PRO D 8 -18.55 -1.00 -38.56
C PRO D 8 -19.68 -2.01 -38.49
N ARG D 9 -20.93 -1.56 -38.54
CA ARG D 9 -22.08 -2.47 -38.50
C ARG D 9 -22.62 -2.71 -39.91
N ASP D 10 -21.82 -3.39 -40.72
CA ASP D 10 -22.15 -3.73 -42.09
C ASP D 10 -21.95 -5.21 -42.32
N PRO D 11 -22.61 -5.78 -43.33
CA PRO D 11 -22.51 -7.22 -43.56
C PRO D 11 -21.13 -7.64 -44.02
N VAL D 12 -20.86 -8.93 -43.90
CA VAL D 12 -19.58 -9.54 -44.28
C VAL D 12 -19.81 -10.41 -45.51
N PHE D 13 -18.97 -10.23 -46.52
CA PHE D 13 -19.10 -10.96 -47.78
C PHE D 13 -18.31 -12.25 -47.70
N VAL D 14 -18.84 -13.31 -48.31
CA VAL D 14 -18.21 -14.62 -48.35
C VAL D 14 -18.10 -15.03 -49.81
N SER D 15 -16.90 -15.48 -50.21
CA SER D 15 -16.63 -15.88 -51.59
C SER D 15 -16.33 -17.37 -51.62
N TYR D 16 -16.89 -18.08 -52.60
CA TYR D 16 -16.78 -19.52 -52.69
C TYR D 16 -17.39 -19.99 -54.01
N ARG D 17 -17.18 -21.27 -54.33
CA ARG D 17 -17.81 -21.89 -55.49
C ARG D 17 -17.65 -23.40 -55.42
N HIS D 18 -18.57 -24.12 -56.07
CA HIS D 18 -18.52 -25.57 -56.25
C HIS D 18 -18.84 -26.34 -54.97
N SER D 19 -18.79 -27.67 -55.05
CA SER D 19 -19.35 -28.52 -53.99
C SER D 19 -18.60 -28.33 -52.68
N ASP D 20 -17.28 -28.46 -52.71
CA ASP D 20 -16.50 -28.17 -51.50
C ASP D 20 -16.69 -26.73 -51.07
N GLY D 21 -16.69 -25.80 -52.04
CA GLY D 21 -16.91 -24.41 -51.71
C GLY D 21 -18.26 -24.19 -51.05
N ILE D 22 -19.34 -24.75 -51.61
CA ILE D 22 -20.66 -24.52 -51.06
C ILE D 22 -20.79 -25.15 -49.67
N ALA D 23 -20.23 -26.35 -49.49
CA ALA D 23 -20.33 -27.02 -48.20
C ALA D 23 -19.60 -26.22 -47.12
N LEU D 24 -18.32 -25.91 -47.36
CA LEU D 24 -17.55 -25.16 -46.38
C LEU D 24 -18.10 -23.76 -46.18
N ALA D 25 -18.68 -23.17 -47.23
CA ALA D 25 -19.22 -21.83 -47.10
C ALA D 25 -20.52 -21.82 -46.31
N ALA D 26 -21.37 -22.83 -46.49
CA ALA D 26 -22.57 -22.94 -45.68
C ALA D 26 -22.21 -23.14 -44.22
N GLU D 27 -21.25 -24.03 -43.95
CA GLU D 27 -20.80 -24.21 -42.57
C GLU D 27 -20.26 -22.91 -41.99
N LEU D 28 -19.41 -22.22 -42.76
CA LEU D 28 -18.80 -20.98 -42.31
C LEU D 28 -19.86 -19.90 -42.05
N THR D 29 -20.81 -19.76 -42.97
CA THR D 29 -21.83 -18.73 -42.83
C THR D 29 -22.73 -18.99 -41.64
N TRP D 30 -23.14 -20.25 -41.46
CA TRP D 30 -24.01 -20.57 -40.33
C TRP D 30 -23.27 -20.37 -39.01
N LEU D 31 -22.01 -20.80 -38.94
CA LEU D 31 -21.25 -20.61 -37.70
C LEU D 31 -21.01 -19.13 -37.43
N LEU D 32 -20.69 -18.37 -38.47
CA LEU D 32 -20.45 -16.93 -38.31
C LEU D 32 -21.73 -16.22 -37.87
N ARG D 33 -22.87 -16.63 -38.44
CA ARG D 33 -24.16 -16.08 -38.01
C ARG D 33 -24.43 -16.40 -36.55
N ALA D 34 -24.14 -17.63 -36.14
CA ALA D 34 -24.26 -17.99 -34.73
C ALA D 34 -23.35 -17.12 -33.87
N ALA D 35 -22.21 -16.69 -34.43
CA ALA D 35 -21.33 -15.77 -33.73
C ALA D 35 -21.91 -14.37 -33.63
N GLY D 36 -22.99 -14.08 -34.36
CA GLY D 36 -23.62 -12.78 -34.31
C GLY D 36 -23.31 -11.88 -35.49
N ILE D 37 -22.77 -12.42 -36.57
CA ILE D 37 -22.26 -11.63 -37.67
C ILE D 37 -23.43 -11.11 -38.50
N PRO D 38 -23.30 -9.95 -39.14
CA PRO D 38 -24.08 -9.70 -40.36
C PRO D 38 -23.28 -10.17 -41.56
N VAL D 39 -23.86 -11.00 -42.42
CA VAL D 39 -23.10 -11.64 -43.49
C VAL D 39 -23.81 -11.39 -44.82
N TRP D 40 -23.04 -11.50 -45.90
CA TRP D 40 -23.59 -11.42 -47.25
C TRP D 40 -23.18 -12.69 -47.99
N ARG D 41 -24.16 -13.41 -48.52
CA ARG D 41 -23.91 -14.63 -49.27
C ARG D 41 -24.65 -14.57 -50.60
N ASP D 42 -24.04 -15.16 -51.63
CA ASP D 42 -24.66 -15.14 -52.94
C ASP D 42 -25.95 -15.94 -52.98
N VAL D 43 -25.96 -17.13 -52.38
CA VAL D 43 -27.18 -17.95 -52.36
C VAL D 43 -28.22 -17.32 -51.43
N ASP D 44 -27.79 -16.41 -50.56
CA ASP D 44 -28.72 -15.78 -49.64
C ASP D 44 -29.75 -14.93 -50.38
N ASP D 45 -29.28 -13.95 -51.17
CA ASP D 45 -30.18 -13.03 -51.86
C ASP D 45 -29.46 -12.42 -53.07
N LEU D 46 -29.92 -12.77 -54.26
CA LEU D 46 -29.39 -12.15 -55.46
C LEU D 46 -30.45 -12.19 -56.56
N PRO D 47 -30.61 -11.12 -57.33
CA PRO D 47 -31.40 -11.19 -58.56
C PRO D 47 -30.58 -11.83 -59.67
N PRO D 48 -30.98 -13.01 -60.15
CA PRO D 48 -30.12 -13.77 -61.06
C PRO D 48 -29.92 -13.12 -62.42
N GLY D 49 -29.15 -13.79 -63.28
CA GLY D 49 -28.83 -13.25 -64.59
C GLY D 49 -27.48 -12.55 -64.58
N ASP D 50 -27.51 -11.23 -64.50
CA ASP D 50 -26.28 -10.42 -64.42
C ASP D 50 -25.83 -10.30 -62.96
N THR D 51 -25.40 -11.44 -62.43
CA THR D 51 -25.02 -11.50 -61.01
C THR D 51 -23.77 -10.66 -60.74
N ASP D 52 -22.97 -10.40 -61.77
CA ASP D 52 -21.73 -9.66 -61.57
C ASP D 52 -22.01 -8.24 -61.10
N ALA D 53 -22.95 -7.55 -61.75
CA ALA D 53 -23.29 -6.19 -61.37
C ALA D 53 -23.90 -6.14 -59.98
N ARG D 54 -24.75 -7.10 -59.65
CA ARG D 54 -25.35 -7.13 -58.32
C ARG D 54 -24.29 -7.36 -57.25
N LEU D 55 -23.34 -8.27 -57.50
CA LEU D 55 -22.25 -8.49 -56.55
C LEU D 55 -21.42 -7.23 -56.37
N GLN D 56 -21.09 -6.54 -57.47
CA GLN D 56 -20.30 -5.31 -57.36
C GLN D 56 -21.07 -4.24 -56.59
N GLN D 57 -22.37 -4.11 -56.86
CA GLN D 57 -23.18 -3.14 -56.12
C GLN D 57 -23.25 -3.47 -54.64
N ALA D 58 -23.41 -4.75 -54.30
CA ALA D 58 -23.47 -5.15 -52.91
C ALA D 58 -22.16 -4.86 -52.20
N ILE D 59 -21.04 -5.12 -52.87
CA ILE D 59 -19.73 -4.81 -52.26
C ILE D 59 -19.58 -3.31 -52.09
N ASP D 60 -20.02 -2.53 -53.08
CA ASP D 60 -19.88 -1.07 -52.97
C ASP D 60 -20.83 -0.50 -51.93
N GLU D 61 -21.87 -1.24 -51.57
CA GLU D 61 -22.84 -0.73 -50.59
C GLU D 61 -22.28 -0.68 -49.19
N GLY D 62 -21.09 -1.24 -48.96
CA GLY D 62 -20.49 -1.23 -47.64
C GLY D 62 -20.39 -2.60 -47.02
N ILE D 63 -19.20 -3.17 -47.02
CA ILE D 63 -18.95 -4.50 -46.49
C ILE D 63 -17.93 -4.33 -45.35
N SER D 64 -18.34 -4.72 -44.13
CA SER D 64 -17.46 -4.54 -42.98
C SER D 64 -16.22 -5.44 -43.07
N GLY D 65 -16.41 -6.69 -43.49
CA GLY D 65 -15.30 -7.62 -43.59
C GLY D 65 -15.51 -8.62 -44.70
N ALA D 66 -14.45 -9.32 -45.09
CA ALA D 66 -14.50 -10.27 -46.21
C ALA D 66 -14.02 -11.63 -45.74
N VAL D 67 -14.58 -12.68 -46.32
CA VAL D 67 -14.15 -14.06 -46.09
C VAL D 67 -13.81 -14.68 -47.43
N ILE D 68 -12.63 -15.27 -47.53
CA ILE D 68 -12.15 -15.89 -48.76
C ILE D 68 -11.93 -17.38 -48.51
N ILE D 69 -12.46 -18.21 -49.40
CA ILE D 69 -12.31 -19.66 -49.32
C ILE D 69 -11.34 -20.12 -50.40
N ILE D 70 -10.43 -21.01 -50.04
CA ILE D 70 -9.38 -21.49 -50.93
C ILE D 70 -9.62 -22.96 -51.24
N THR D 71 -9.97 -23.24 -52.49
CA THR D 71 -10.04 -24.58 -53.06
C THR D 71 -9.55 -24.50 -54.49
N PRO D 72 -9.12 -25.62 -55.09
CA PRO D 72 -8.76 -25.58 -56.51
C PRO D 72 -9.90 -25.13 -57.40
N GLN D 73 -11.14 -25.42 -57.02
CA GLN D 73 -12.29 -24.95 -57.78
C GLN D 73 -12.36 -23.43 -57.79
N ILE D 74 -11.85 -22.80 -56.71
CA ILE D 74 -11.72 -21.35 -56.70
C ILE D 74 -10.78 -20.89 -57.81
N ALA D 75 -9.66 -21.59 -58.00
CA ALA D 75 -8.77 -21.28 -59.11
C ALA D 75 -9.49 -21.49 -60.44
N ASP D 76 -10.28 -22.56 -60.54
CA ASP D 76 -11.02 -22.81 -61.77
C ASP D 76 -12.16 -21.82 -61.94
N SER D 77 -12.77 -21.37 -60.84
CA SER D 77 -13.95 -20.53 -60.93
C SER D 77 -13.63 -19.16 -61.52
N ARG D 78 -14.58 -18.63 -62.29
CA ARG D 78 -14.39 -17.32 -62.90
C ARG D 78 -14.74 -16.19 -61.95
N VAL D 79 -15.86 -16.33 -61.23
CA VAL D 79 -16.41 -15.21 -60.46
C VAL D 79 -15.43 -14.74 -59.40
N VAL D 80 -14.82 -15.68 -58.68
CA VAL D 80 -13.90 -15.32 -57.60
C VAL D 80 -12.66 -14.62 -58.14
N ARG D 81 -12.27 -14.97 -59.38
CA ARG D 81 -11.04 -14.41 -59.94
C ARG D 81 -11.12 -12.89 -60.11
N GLU D 82 -12.17 -12.40 -60.76
CA GLU D 82 -12.23 -11.00 -61.16
C GLU D 82 -13.46 -10.25 -60.67
N VAL D 83 -14.57 -10.93 -60.38
CA VAL D 83 -15.81 -10.25 -60.06
C VAL D 83 -15.70 -9.53 -58.72
N GLU D 84 -15.15 -10.22 -57.72
CA GLU D 84 -15.11 -9.65 -56.37
C GLU D 84 -13.73 -9.60 -55.73
N ALA D 85 -12.79 -10.47 -56.10
CA ALA D 85 -11.47 -10.42 -55.48
C ALA D 85 -10.74 -9.10 -55.69
N PRO D 86 -10.69 -8.51 -56.89
CA PRO D 86 -10.08 -7.17 -56.99
C PRO D 86 -10.73 -6.15 -56.08
N ARG D 87 -12.06 -6.15 -55.98
CA ARG D 87 -12.73 -5.18 -55.12
C ARG D 87 -12.39 -5.42 -53.65
N LEU D 88 -12.45 -6.68 -53.21
CA LEU D 88 -12.16 -6.98 -51.81
C LEU D 88 -10.71 -6.65 -51.46
N LEU D 89 -9.78 -7.02 -52.34
CA LEU D 89 -8.38 -6.74 -52.07
C LEU D 89 -8.10 -5.23 -52.10
N ARG D 90 -8.75 -4.50 -53.00
CA ARG D 90 -8.58 -3.06 -53.05
C ARG D 90 -9.10 -2.40 -51.78
N LEU D 91 -10.28 -2.83 -51.32
CA LEU D 91 -10.84 -2.28 -50.08
C LEU D 91 -9.97 -2.64 -48.88
N HIS D 92 -9.37 -3.84 -48.90
CA HIS D 92 -8.44 -4.23 -47.86
C HIS D 92 -7.21 -3.32 -47.83
N ARG D 93 -6.57 -3.15 -48.99
CA ARG D 93 -5.31 -2.41 -49.03
C ARG D 93 -5.53 -0.92 -48.78
N SER D 94 -6.71 -0.42 -49.14
CA SER D 94 -6.97 1.01 -49.02
C SER D 94 -7.47 1.36 -47.62
N SER D 95 -8.40 0.57 -47.08
CA SER D 95 -9.05 0.89 -45.82
C SER D 95 -8.55 -0.03 -44.71
N PRO D 96 -8.02 0.50 -43.58
CA PRO D 96 -7.60 -0.36 -42.47
C PRO D 96 -8.82 -0.93 -41.73
N GLN D 97 -9.86 -0.12 -41.56
CA GLN D 97 -11.03 -0.58 -40.81
C GLN D 97 -11.63 -1.83 -41.43
N PHE D 98 -11.51 -1.97 -42.75
CA PHE D 98 -11.97 -3.18 -43.42
C PHE D 98 -11.06 -4.36 -43.07
N ALA D 99 -11.65 -5.55 -43.13
CA ALA D 99 -10.94 -6.78 -42.79
C ALA D 99 -11.07 -7.78 -43.91
N LEU D 100 -10.01 -8.56 -44.12
CA LEU D 100 -9.99 -9.63 -45.10
C LEU D 100 -9.69 -10.95 -44.39
N GLY D 101 -10.57 -11.92 -44.55
CA GLY D 101 -10.37 -13.22 -43.97
C GLY D 101 -10.20 -14.29 -45.02
N ILE D 102 -9.17 -15.12 -44.89
CA ILE D 102 -8.87 -16.17 -45.85
C ILE D 102 -8.79 -17.51 -45.12
N VAL D 103 -9.43 -18.52 -45.69
CA VAL D 103 -9.46 -19.86 -45.12
C VAL D 103 -8.91 -20.83 -46.16
N ASN D 104 -7.98 -21.67 -45.74
CA ASN D 104 -7.30 -22.61 -46.63
C ASN D 104 -7.92 -23.99 -46.46
N ALA D 105 -8.28 -24.61 -47.59
CA ALA D 105 -8.84 -25.96 -47.57
C ALA D 105 -8.05 -26.98 -48.37
N ILE D 106 -7.14 -26.54 -49.25
CA ILE D 106 -6.37 -27.50 -50.04
C ILE D 106 -5.38 -28.25 -49.16
N GLN D 107 -4.76 -27.56 -48.19
CA GLN D 107 -3.78 -28.17 -47.29
C GLN D 107 -2.52 -28.58 -48.05
N THR D 108 -1.38 -28.63 -47.36
CA THR D 108 -0.16 -29.07 -48.01
C THR D 108 -0.14 -30.59 -48.10
N SER D 109 0.94 -31.12 -48.68
CA SER D 109 1.10 -32.58 -48.75
C SER D 109 1.24 -33.17 -47.35
N THR D 110 2.02 -32.51 -46.49
CA THR D 110 2.21 -33.00 -45.14
C THR D 110 0.94 -32.92 -44.32
N GLY D 111 0.17 -31.85 -44.49
CA GLY D 111 -1.02 -31.62 -43.69
C GLY D 111 -0.98 -30.34 -42.88
N VAL D 112 0.03 -29.48 -43.08
CA VAL D 112 0.03 -28.17 -42.45
C VAL D 112 -0.68 -27.17 -43.35
N VAL D 113 -1.20 -26.09 -42.76
CA VAL D 113 -1.85 -25.05 -43.53
C VAL D 113 -0.82 -24.32 -44.40
N ASP D 114 -1.19 -24.04 -45.64
CA ASP D 114 -0.34 -23.32 -46.58
C ASP D 114 -0.72 -21.85 -46.54
N TYR D 115 0.23 -21.00 -46.14
CA TYR D 115 -0.06 -19.57 -46.04
C TYR D 115 -0.07 -18.91 -47.42
N ASP D 116 0.81 -19.32 -48.32
CA ASP D 116 0.90 -18.73 -49.64
C ASP D 116 0.01 -19.43 -50.67
N ALA D 117 -0.77 -20.42 -50.25
CA ALA D 117 -1.72 -21.05 -51.17
C ALA D 117 -2.72 -20.09 -51.78
N PRO D 118 -3.29 -19.11 -51.07
CA PRO D 118 -4.21 -18.17 -51.74
C PRO D 118 -3.59 -17.44 -52.92
N ASP D 119 -2.27 -17.26 -52.92
CA ASP D 119 -1.63 -16.48 -53.97
C ASP D 119 -1.84 -17.10 -55.34
N ARG D 120 -1.65 -18.41 -55.46
CA ARG D 120 -1.79 -19.07 -56.76
C ARG D 120 -3.25 -19.25 -57.13
N VAL D 121 -4.11 -19.58 -56.15
CA VAL D 121 -5.50 -19.86 -56.45
C VAL D 121 -6.22 -18.58 -56.88
N LEU D 122 -5.96 -17.46 -56.19
CA LEU D 122 -6.57 -16.20 -56.59
C LEU D 122 -5.84 -15.60 -57.80
N GLY D 123 -4.59 -16.01 -58.00
CA GLY D 123 -3.83 -15.57 -59.15
C GLY D 123 -3.35 -14.14 -59.12
N MET D 124 -3.25 -13.52 -57.94
CA MET D 124 -2.78 -12.16 -57.85
C MET D 124 -1.33 -12.04 -58.33
N GLU D 125 -1.07 -10.99 -59.11
CA GLU D 125 0.29 -10.75 -59.60
C GLU D 125 1.24 -10.43 -58.44
N ARG D 126 0.77 -9.65 -57.46
CA ARG D 126 1.48 -9.41 -56.21
C ARG D 126 0.79 -10.20 -55.11
N PRO D 127 1.51 -11.00 -54.32
CA PRO D 127 0.81 -11.93 -53.42
C PRO D 127 -0.05 -11.28 -52.33
N GLU D 128 0.58 -10.65 -51.33
CA GLU D 128 -0.05 -9.98 -50.17
C GLU D 128 -1.03 -10.86 -49.41
N LEU D 129 -1.23 -12.12 -49.83
CA LEU D 129 -2.18 -12.99 -49.12
C LEU D 129 -1.46 -13.89 -48.12
N ARG D 130 -0.24 -14.31 -48.45
CA ARG D 130 0.54 -15.09 -47.48
C ARG D 130 0.79 -14.28 -46.21
N SER D 131 1.03 -12.97 -46.37
CA SER D 131 1.18 -12.12 -45.20
C SER D 131 -0.12 -11.97 -44.43
N VAL D 132 -1.26 -12.17 -45.10
CA VAL D 132 -2.54 -12.14 -44.41
C VAL D 132 -2.68 -13.35 -43.51
N ASP D 133 -3.10 -13.12 -42.27
CA ASP D 133 -3.33 -14.21 -41.34
C ASP D 133 -4.39 -15.15 -41.88
N GLN D 134 -4.15 -16.45 -41.75
CA GLN D 134 -4.97 -17.47 -42.37
C GLN D 134 -5.26 -18.59 -41.38
N LYS D 135 -6.49 -19.10 -41.42
CA LYS D 135 -6.92 -20.21 -40.58
C LYS D 135 -7.32 -21.39 -41.46
N SER D 136 -7.00 -22.60 -40.99
CA SER D 136 -7.31 -23.80 -41.75
C SER D 136 -8.81 -24.02 -41.82
N ALA D 137 -9.23 -24.82 -42.80
CA ALA D 137 -10.65 -25.11 -43.01
C ALA D 137 -11.06 -26.30 -42.14
N SER D 138 -10.76 -26.17 -40.85
CA SER D 138 -11.19 -27.11 -39.84
C SER D 138 -12.20 -26.43 -38.94
N ARG D 139 -13.04 -27.22 -38.28
CA ARG D 139 -14.10 -26.66 -37.46
C ARG D 139 -13.53 -25.77 -36.37
N LEU D 140 -12.46 -26.21 -35.70
CA LEU D 140 -11.80 -25.35 -34.73
C LEU D 140 -11.17 -24.13 -35.40
N GLY D 141 -10.54 -24.34 -36.57
CA GLY D 141 -9.98 -23.20 -37.29
C GLY D 141 -11.06 -22.26 -37.80
N LEU D 142 -12.18 -22.82 -38.27
CA LEU D 142 -13.27 -22.00 -38.76
C LEU D 142 -13.87 -21.16 -37.64
N VAL D 143 -14.08 -21.77 -36.47
CA VAL D 143 -14.67 -21.03 -35.37
C VAL D 143 -13.67 -20.01 -34.82
N THR D 144 -12.37 -20.29 -34.95
CA THR D 144 -11.36 -19.29 -34.60
C THR D 144 -11.39 -18.11 -35.57
N MET D 145 -11.61 -18.38 -36.86
CA MET D 145 -11.73 -17.27 -37.80
C MET D 145 -12.96 -16.42 -37.46
N ALA D 146 -14.05 -17.09 -37.07
CA ALA D 146 -15.23 -16.35 -36.61
C ALA D 146 -14.91 -15.53 -35.36
N ARG D 147 -14.15 -16.11 -34.43
CA ARG D 147 -13.56 -15.36 -33.33
C ARG D 147 -12.93 -14.06 -33.80
N GLN D 148 -11.97 -14.14 -34.72
CA GLN D 148 -11.25 -12.94 -35.14
C GLN D 148 -12.18 -11.93 -35.82
N MET D 149 -13.10 -12.42 -36.66
CA MET D 149 -13.99 -11.49 -37.38
C MET D 149 -14.97 -10.81 -36.43
N LEU D 150 -15.59 -11.56 -35.53
CA LEU D 150 -16.50 -10.96 -34.57
C LEU D 150 -15.76 -9.96 -33.69
N TRP D 151 -14.55 -10.30 -33.27
CA TRP D 151 -13.80 -9.39 -32.42
C TRP D 151 -13.39 -8.14 -33.19
N HIS D 152 -13.10 -8.29 -34.48
CA HIS D 152 -12.82 -7.12 -35.30
C HIS D 152 -14.04 -6.21 -35.39
N ARG D 153 -15.23 -6.79 -35.55
CA ARG D 153 -16.43 -5.97 -35.59
C ARG D 153 -16.65 -5.26 -34.25
N ILE D 154 -16.41 -5.97 -33.15
CA ILE D 154 -16.50 -5.34 -31.83
C ILE D 154 -15.51 -4.20 -31.70
N ALA D 155 -14.28 -4.39 -32.20
CA ALA D 155 -13.30 -3.33 -32.16
C ALA D 155 -13.75 -2.12 -32.97
N ALA D 156 -14.34 -2.37 -34.14
CA ALA D 156 -14.80 -1.27 -34.98
C ALA D 156 -15.93 -0.49 -34.30
N ILE D 157 -16.85 -1.20 -33.63
CA ILE D 157 -17.97 -0.51 -33.01
C ILE D 157 -17.60 0.07 -31.65
N ARG D 158 -16.45 -0.32 -31.09
CA ARG D 158 -16.10 0.11 -29.73
C ARG D 158 -16.12 1.62 -29.54
N PRO D 159 -15.54 2.44 -30.42
CA PRO D 159 -15.68 3.90 -30.23
C PRO D 159 -17.13 4.35 -30.22
N LEU D 160 -17.96 3.77 -31.09
CA LEU D 160 -19.37 4.14 -31.12
C LEU D 160 -20.08 3.74 -29.82
N LEU D 161 -19.75 2.55 -29.30
CA LEU D 161 -20.32 2.13 -28.03
C LEU D 161 -19.90 3.04 -26.89
N SER D 162 -18.61 3.41 -26.84
CA SER D 162 -18.16 4.35 -25.83
C SER D 162 -18.88 5.69 -25.98
N ALA D 163 -19.20 6.07 -27.22
CA ALA D 163 -19.97 7.29 -27.43
C ALA D 163 -21.43 7.10 -27.05
N SER D 164 -22.02 5.95 -27.39
CA SER D 164 -23.45 5.73 -27.23
C SER D 164 -23.76 5.08 -25.88
N GLY D 165 -23.23 5.70 -24.82
CA GLY D 165 -23.58 5.29 -23.47
C GLY D 165 -23.15 3.90 -23.08
N GLY D 166 -22.29 3.27 -23.87
CA GLY D 166 -21.81 1.94 -23.52
C GLY D 166 -22.90 0.89 -23.43
N GLU D 167 -23.81 0.88 -24.39
CA GLU D 167 -24.91 -0.08 -24.43
C GLU D 167 -24.78 -0.97 -25.65
N LEU D 168 -24.32 -2.20 -25.44
CA LEU D 168 -24.12 -3.17 -26.51
C LEU D 168 -25.47 -3.73 -26.93
N ARG D 169 -25.71 -3.79 -28.23
CA ARG D 169 -27.01 -4.16 -28.77
C ARG D 169 -26.86 -5.47 -29.57
N LEU D 170 -27.68 -6.45 -29.23
CA LEU D 170 -27.69 -7.74 -29.91
C LEU D 170 -29.08 -8.02 -30.48
N SER D 171 -29.12 -8.68 -31.62
CA SER D 171 -30.38 -9.09 -32.24
C SER D 171 -30.33 -10.60 -32.47
N LEU D 172 -31.33 -11.31 -31.95
CA LEU D 172 -31.36 -12.77 -31.97
C LEU D 172 -32.72 -13.26 -32.44
N GLN D 173 -32.71 -14.07 -33.49
CA GLN D 173 -33.89 -14.79 -33.98
C GLN D 173 -33.46 -16.11 -34.59
N THR D 174 -34.11 -17.20 -34.19
CA THR D 174 -33.91 -18.48 -34.86
C THR D 174 -34.96 -18.70 -35.94
N ARG D 175 -36.08 -17.99 -35.87
CA ARG D 175 -37.16 -18.20 -36.83
C ARG D 175 -36.85 -17.54 -38.17
N ASN D 176 -36.20 -16.39 -38.15
CA ASN D 176 -35.98 -15.63 -39.38
C ASN D 176 -35.07 -16.40 -40.34
N THR D 177 -35.46 -16.42 -41.60
CA THR D 177 -34.68 -17.03 -42.65
C THR D 177 -33.40 -16.22 -42.87
N PRO D 178 -32.37 -16.82 -43.45
CA PRO D 178 -31.14 -16.07 -43.74
C PRO D 178 -31.43 -14.90 -44.66
N GLN D 179 -30.96 -13.73 -44.28
CA GLN D 179 -31.13 -12.50 -45.06
C GLN D 179 -30.02 -11.53 -44.69
N VAL D 180 -29.41 -10.93 -45.72
CA VAL D 180 -28.37 -9.94 -45.47
C VAL D 180 -28.93 -8.70 -44.81
N TYR D 181 -30.10 -8.25 -45.24
CA TYR D 181 -30.73 -7.05 -44.68
C TYR D 181 -31.42 -7.31 -43.35
N ASP D 182 -31.39 -8.56 -42.86
CA ASP D 182 -31.94 -8.87 -41.56
C ASP D 182 -31.23 -8.10 -40.46
N ARG D 183 -30.02 -7.61 -40.74
CA ARG D 183 -29.31 -6.75 -39.80
C ARG D 183 -30.17 -5.55 -39.41
N THR D 184 -30.23 -5.29 -38.11
CA THR D 184 -30.84 -4.08 -37.59
C THR D 184 -29.74 -3.14 -37.16
N ASP D 185 -30.14 -2.03 -36.52
CA ASP D 185 -29.18 -1.08 -35.98
C ASP D 185 -28.63 -1.64 -34.67
N ALA D 186 -28.11 -2.86 -34.77
CA ALA D 186 -27.63 -3.63 -33.63
C ALA D 186 -26.20 -4.06 -33.88
N ASP D 187 -25.42 -4.17 -32.80
CA ASP D 187 -24.00 -4.43 -32.95
C ASP D 187 -23.73 -5.88 -33.35
N LEU D 188 -24.44 -6.82 -32.75
CA LEU D 188 -24.32 -8.23 -33.09
C LEU D 188 -25.68 -8.75 -33.54
N ASP D 189 -25.67 -9.57 -34.58
CA ASP D 189 -26.90 -10.13 -35.13
C ASP D 189 -26.79 -11.65 -35.17
N ILE D 190 -27.26 -12.30 -34.11
CA ILE D 190 -27.19 -13.76 -33.99
C ILE D 190 -28.42 -14.33 -34.68
N ARG D 191 -28.18 -15.18 -35.68
CA ARG D 191 -29.26 -15.90 -36.36
C ARG D 191 -28.93 -17.37 -36.39
N ILE D 192 -29.94 -18.20 -36.19
CA ILE D 192 -29.80 -19.65 -36.20
C ILE D 192 -30.79 -20.23 -37.19
N ARG D 193 -30.40 -21.32 -37.84
CA ARG D 193 -31.20 -21.91 -38.90
C ARG D 193 -32.59 -22.32 -38.39
N PRO D 194 -33.65 -21.95 -39.10
CA PRO D 194 -34.99 -22.46 -38.74
C PRO D 194 -35.13 -23.92 -39.16
N SER D 195 -35.53 -24.76 -38.21
CA SER D 195 -35.63 -26.18 -38.48
C SER D 195 -36.91 -26.52 -39.23
N ALA D 196 -36.93 -27.72 -39.81
CA ALA D 196 -38.13 -28.20 -40.49
C ALA D 196 -39.17 -28.75 -39.54
N HIS D 197 -38.84 -28.85 -38.25
CA HIS D 197 -39.81 -29.35 -37.27
C HIS D 197 -40.77 -28.24 -36.85
N GLU D 198 -40.65 -27.08 -37.48
CA GLU D 198 -41.59 -25.94 -37.47
C GLU D 198 -41.80 -25.35 -36.09
N LYS D 199 -41.27 -25.97 -35.04
CA LYS D 199 -41.27 -25.30 -33.74
C LYS D 199 -39.94 -25.49 -33.03
N LEU D 200 -39.22 -26.56 -33.36
CA LEU D 200 -37.91 -26.77 -32.76
C LEU D 200 -36.85 -25.95 -33.48
N PRO D 201 -35.82 -25.50 -32.80
CA PRO D 201 -34.66 -24.93 -33.48
C PRO D 201 -33.78 -26.02 -34.08
N SER D 202 -33.00 -25.63 -35.09
CA SER D 202 -32.20 -26.59 -35.84
C SER D 202 -31.06 -27.14 -34.99
N ALA D 203 -30.87 -28.46 -35.03
CA ALA D 203 -29.79 -29.08 -34.26
C ALA D 203 -28.43 -28.62 -34.75
N HIS D 204 -28.24 -28.53 -36.07
CA HIS D 204 -27.00 -27.98 -36.60
C HIS D 204 -26.81 -26.54 -36.17
N GLY D 205 -27.89 -25.75 -36.20
CA GLY D 205 -27.80 -24.37 -35.77
C GLY D 205 -27.42 -24.23 -34.31
N LEU D 206 -27.96 -25.10 -33.45
CA LEU D 206 -27.58 -25.05 -32.04
C LEU D 206 -26.17 -25.58 -31.81
N GLU D 207 -25.70 -26.52 -32.63
CA GLU D 207 -24.30 -26.90 -32.55
C GLU D 207 -23.40 -25.71 -32.89
N ASP D 208 -23.77 -24.96 -33.94
CA ASP D 208 -23.00 -23.79 -34.31
C ASP D 208 -23.07 -22.71 -33.22
N PHE D 209 -24.24 -22.51 -32.63
CA PHE D 209 -24.39 -21.54 -31.55
C PHE D 209 -23.65 -22.01 -30.30
N ALA D 210 -23.48 -23.31 -30.15
CA ALA D 210 -22.65 -23.83 -29.07
C ALA D 210 -21.19 -23.48 -29.30
N GLU D 211 -20.72 -23.68 -30.53
CA GLU D 211 -19.33 -23.35 -30.84
C GLU D 211 -19.07 -21.86 -30.68
N THR D 212 -20.03 -21.03 -31.04
CA THR D 212 -19.84 -19.59 -31.03
C THR D 212 -20.31 -18.90 -29.75
N ALA D 213 -20.97 -19.62 -28.84
CA ALA D 213 -21.51 -18.97 -27.65
C ALA D 213 -20.41 -18.55 -26.70
N GLN D 214 -19.26 -19.21 -26.75
CA GLN D 214 -18.16 -18.83 -25.87
C GLN D 214 -17.63 -17.45 -26.19
N PHE D 215 -17.88 -16.96 -27.41
CA PHE D 215 -17.40 -15.64 -27.78
C PHE D 215 -18.35 -14.54 -27.30
N LEU D 216 -19.61 -14.90 -27.06
CA LEU D 216 -20.56 -13.89 -26.60
C LEU D 216 -20.11 -13.19 -25.31
N PRO D 217 -19.70 -13.89 -24.25
CA PRO D 217 -19.08 -13.15 -23.13
C PRO D 217 -17.85 -12.37 -23.55
N ASP D 218 -17.01 -12.97 -24.40
CA ASP D 218 -15.83 -12.29 -24.88
C ASP D 218 -16.19 -11.10 -25.75
N ALA D 219 -17.21 -11.26 -26.61
CA ALA D 219 -17.65 -10.13 -27.42
C ALA D 219 -18.16 -8.99 -26.55
N VAL D 220 -18.93 -9.31 -25.51
CA VAL D 220 -19.46 -8.26 -24.65
C VAL D 220 -18.34 -7.55 -23.92
N THR D 221 -17.38 -8.31 -23.36
CA THR D 221 -16.31 -7.66 -22.61
C THR D 221 -15.36 -6.91 -23.53
N ARG D 222 -15.29 -7.30 -24.80
CA ARG D 222 -14.56 -6.51 -25.79
C ARG D 222 -15.32 -5.23 -26.13
N ALA D 223 -16.65 -5.28 -26.07
CA ALA D 223 -17.45 -4.11 -26.37
C ALA D 223 -17.25 -2.99 -25.36
N GLY D 224 -16.78 -3.33 -24.15
CA GLY D 224 -16.63 -2.31 -23.12
C GLY D 224 -17.94 -1.65 -22.76
N ALA D 225 -19.01 -2.43 -22.68
CA ALA D 225 -20.36 -1.92 -22.47
C ALA D 225 -20.78 -2.16 -21.03
N ASN D 226 -21.21 -1.09 -20.35
CA ASN D 226 -21.71 -1.24 -18.99
C ASN D 226 -23.07 -1.96 -18.98
N GLY D 227 -23.76 -1.94 -20.12
CA GLY D 227 -25.03 -2.64 -20.23
C GLY D 227 -25.11 -3.39 -21.53
N VAL D 228 -25.95 -4.43 -21.52
CA VAL D 228 -26.15 -5.30 -22.68
C VAL D 228 -27.62 -5.22 -23.07
N ARG D 229 -27.89 -5.00 -24.35
CA ARG D 229 -29.24 -4.93 -24.87
C ARG D 229 -29.44 -6.00 -25.91
N ILE D 230 -30.54 -6.74 -25.82
CA ILE D 230 -30.87 -7.80 -26.77
C ILE D 230 -32.23 -7.49 -27.37
N GLU D 231 -32.29 -7.48 -28.70
CA GLU D 231 -33.53 -7.24 -29.42
C GLU D 231 -33.94 -8.50 -30.17
N GLY D 232 -35.25 -8.69 -30.32
CA GLY D 232 -35.75 -9.86 -31.00
C GLY D 232 -36.36 -10.88 -30.04
N GLY D 233 -35.62 -11.95 -29.79
CA GLY D 233 -36.12 -13.01 -28.93
C GLY D 233 -36.36 -14.28 -29.72
N ALA D 234 -35.42 -15.22 -29.63
CA ALA D 234 -35.48 -16.45 -30.40
C ALA D 234 -36.36 -17.46 -29.66
N HIS D 235 -36.33 -18.72 -30.07
CA HIS D 235 -37.10 -19.76 -29.39
C HIS D 235 -36.71 -19.81 -27.92
N LEU D 236 -37.62 -20.35 -27.10
CA LEU D 236 -37.49 -20.25 -25.65
C LEU D 236 -36.18 -20.86 -25.18
N SER D 237 -35.82 -22.04 -25.70
CA SER D 237 -34.56 -22.67 -25.32
C SER D 237 -33.36 -21.82 -25.75
N VAL D 238 -33.41 -21.26 -26.96
CA VAL D 238 -32.33 -20.40 -27.41
C VAL D 238 -32.30 -19.12 -26.58
N SER D 239 -33.45 -18.66 -26.11
CA SER D 239 -33.48 -17.50 -25.23
C SER D 239 -32.78 -17.81 -23.90
N ILE D 240 -33.06 -18.98 -23.32
CA ILE D 240 -32.32 -19.39 -22.12
C ILE D 240 -30.84 -19.49 -22.43
N ALA D 241 -30.50 -19.98 -23.62
CA ALA D 241 -29.10 -20.12 -24.01
C ALA D 241 -28.40 -18.78 -24.07
N ILE D 242 -29.03 -17.78 -24.71
CA ILE D 242 -28.39 -16.48 -24.84
C ILE D 242 -28.35 -15.77 -23.50
N GLY D 243 -29.32 -16.06 -22.63
CA GLY D 243 -29.21 -15.56 -21.27
C GLY D 243 -28.01 -16.15 -20.54
N ALA D 244 -27.82 -17.46 -20.65
CA ALA D 244 -26.67 -18.09 -20.02
C ALA D 244 -25.37 -17.59 -20.63
N ALA D 245 -25.41 -17.19 -21.90
CA ALA D 245 -24.21 -16.68 -22.55
C ALA D 245 -23.74 -15.37 -21.91
N ILE D 246 -24.68 -14.51 -21.54
CA ILE D 246 -24.34 -13.19 -21.00
C ILE D 246 -25.03 -13.04 -19.66
N PRO D 247 -24.57 -13.71 -18.61
CA PRO D 247 -25.21 -13.56 -17.31
C PRO D 247 -24.87 -12.22 -16.65
N SER D 248 -25.79 -11.73 -15.83
CA SER D 248 -25.54 -10.52 -15.05
C SER D 248 -24.49 -10.77 -13.99
N THR D 249 -24.17 -12.04 -13.73
CA THR D 249 -23.02 -12.35 -12.90
C THR D 249 -21.75 -11.80 -13.52
N ARG D 250 -21.63 -11.88 -14.85
CA ARG D 250 -20.42 -11.41 -15.50
C ARG D 250 -20.43 -9.89 -15.68
N VAL D 251 -21.33 -9.37 -16.50
CA VAL D 251 -21.34 -7.95 -16.82
C VAL D 251 -22.77 -7.49 -17.11
N GLY D 252 -23.08 -6.27 -16.68
CA GLY D 252 -24.15 -5.49 -17.23
C GLY D 252 -25.56 -5.86 -16.81
N PRO D 253 -26.39 -4.83 -16.61
CA PRO D 253 -27.83 -5.06 -16.52
C PRO D 253 -28.42 -5.21 -17.91
N MET D 254 -29.06 -6.33 -18.19
CA MET D 254 -29.53 -6.64 -19.53
C MET D 254 -30.96 -6.14 -19.72
N THR D 255 -31.14 -5.28 -20.71
CA THR D 255 -32.47 -4.84 -21.13
C THR D 255 -32.78 -5.51 -22.45
N VAL D 256 -33.85 -6.31 -22.47
CA VAL D 256 -34.20 -7.11 -23.64
C VAL D 256 -35.49 -6.55 -24.24
N VAL D 257 -35.48 -6.34 -25.55
CA VAL D 257 -36.64 -5.85 -26.28
C VAL D 257 -37.13 -6.95 -27.21
N ASP D 258 -38.42 -7.26 -27.15
CA ASP D 258 -38.99 -8.29 -27.99
C ASP D 258 -39.39 -7.71 -29.34
N GLY D 259 -39.85 -8.60 -30.23
CA GLY D 259 -40.36 -8.15 -31.51
C GLY D 259 -41.57 -7.24 -31.37
N ARG D 260 -42.36 -7.44 -30.32
CA ARG D 260 -43.49 -6.57 -30.01
C ARG D 260 -43.06 -5.23 -29.41
N GLY D 261 -41.76 -4.95 -29.39
CA GLY D 261 -41.27 -3.67 -28.93
C GLY D 261 -41.55 -3.36 -27.48
N VAL D 262 -41.40 -4.36 -26.62
CA VAL D 262 -41.60 -4.21 -25.19
C VAL D 262 -40.24 -4.31 -24.50
N HIS D 263 -39.96 -3.38 -23.60
CA HIS D 263 -38.68 -3.32 -22.91
C HIS D 263 -38.72 -4.17 -21.66
N TRP D 264 -37.97 -5.28 -21.67
CA TRP D 264 -37.76 -6.11 -20.49
C TRP D 264 -36.42 -5.73 -19.87
N VAL D 265 -36.48 -5.05 -18.73
CA VAL D 265 -35.29 -4.53 -18.08
C VAL D 265 -34.85 -5.51 -17.01
N SER D 266 -33.64 -5.28 -16.50
CA SER D 266 -33.08 -6.09 -15.42
C SER D 266 -33.06 -5.27 -14.15
N SER D 267 -33.67 -5.81 -13.09
CA SER D 267 -33.77 -5.09 -11.83
C SER D 267 -32.86 -5.63 -10.74
N THR D 268 -32.71 -6.95 -10.62
CA THR D 268 -31.88 -7.52 -9.58
C THR D 268 -31.57 -8.97 -9.91
N GLU D 269 -30.73 -9.56 -9.07
CA GLU D 269 -30.31 -10.95 -9.21
C GLU D 269 -31.36 -11.86 -8.56
N PRO D 270 -31.17 -13.18 -8.60
CA PRO D 270 -32.11 -14.09 -7.94
C PRO D 270 -32.53 -13.62 -6.55
N GLN D 271 -33.84 -13.45 -6.38
CA GLN D 271 -34.40 -12.92 -5.15
C GLN D 271 -35.84 -13.38 -5.03
N LEU D 272 -36.26 -13.63 -3.78
CA LEU D 272 -37.67 -13.81 -3.48
C LEU D 272 -38.25 -12.46 -3.12
N PRO D 273 -39.11 -11.86 -3.94
CA PRO D 273 -39.51 -10.48 -3.73
C PRO D 273 -40.37 -10.32 -2.48
N ASP D 274 -40.49 -9.08 -2.03
CA ASP D 274 -41.33 -8.78 -0.88
C ASP D 274 -42.79 -9.14 -1.16
N GLU D 275 -43.28 -8.82 -2.35
CA GLU D 275 -44.60 -9.24 -2.79
C GLU D 275 -44.44 -10.19 -3.97
N PRO D 276 -44.72 -11.47 -3.81
CA PRO D 276 -44.37 -12.44 -4.85
C PRO D 276 -45.31 -12.40 -6.05
N ARG D 277 -44.77 -12.05 -7.22
CA ARG D 277 -45.57 -12.06 -8.44
C ARG D 277 -45.84 -13.48 -8.92
N LEU D 278 -45.00 -14.43 -8.55
CA LEU D 278 -45.22 -15.82 -8.90
C LEU D 278 -45.69 -16.63 -7.71
N ARG D 279 -46.26 -17.79 -7.99
CA ARG D 279 -46.81 -18.68 -6.97
C ARG D 279 -46.39 -20.11 -7.25
N ILE D 280 -46.52 -20.94 -6.23
CA ILE D 280 -46.21 -22.36 -6.31
C ILE D 280 -47.51 -23.10 -6.63
N VAL D 281 -47.81 -23.24 -7.92
CA VAL D 281 -49.06 -23.90 -8.30
C VAL D 281 -49.00 -25.39 -8.00
N ARG D 282 -47.90 -26.05 -8.36
CA ARG D 282 -47.74 -27.48 -8.12
C ARG D 282 -46.32 -27.76 -7.68
N GLU D 283 -46.16 -28.76 -6.80
CA GLU D 283 -44.85 -29.21 -6.36
C GLU D 283 -44.82 -30.73 -6.33
N SER D 284 -43.66 -31.27 -6.00
CA SER D 284 -43.45 -32.72 -5.97
C SER D 284 -43.06 -33.17 -4.56
N THR D 285 -43.51 -34.37 -4.21
CA THR D 285 -43.14 -35.02 -2.96
C THR D 285 -42.82 -36.48 -3.26
N ILE D 286 -41.64 -36.93 -2.88
CA ILE D 286 -41.21 -38.30 -3.15
C ILE D 286 -40.09 -38.71 -2.20
N PRO D 287 -40.12 -39.93 -1.66
CA PRO D 287 -38.93 -40.48 -1.00
C PRO D 287 -38.07 -41.27 -1.98
N SER D 288 -36.76 -41.08 -1.94
CA SER D 288 -35.84 -41.69 -2.89
C SER D 288 -35.23 -42.94 -2.27
N THR D 289 -35.57 -44.10 -2.82
CA THR D 289 -34.94 -45.34 -2.38
C THR D 289 -33.49 -45.41 -2.85
N ALA D 290 -33.22 -44.92 -4.06
CA ALA D 290 -31.87 -44.84 -4.61
C ALA D 290 -31.63 -43.42 -5.08
N PRO D 291 -31.33 -42.50 -4.16
CA PRO D 291 -31.13 -41.10 -4.56
C PRO D 291 -29.80 -40.86 -5.27
N ALA D 292 -29.86 -40.20 -6.42
CA ALA D 292 -28.71 -39.76 -7.20
C ALA D 292 -27.71 -40.88 -7.50
N PRO D 293 -28.10 -41.93 -8.24
CA PRO D 293 -27.07 -42.78 -8.86
C PRO D 293 -26.45 -42.03 -10.03
N GLY D 294 -25.24 -41.54 -9.84
CA GLY D 294 -24.70 -40.57 -10.77
C GLY D 294 -25.25 -39.19 -10.44
N ARG D 295 -25.51 -38.41 -11.48
CA ARG D 295 -25.97 -37.04 -11.32
C ARG D 295 -27.45 -36.99 -10.97
N PRO D 296 -27.82 -36.16 -9.99
CA PRO D 296 -29.25 -35.93 -9.70
C PRO D 296 -29.88 -35.00 -10.72
N ASP D 297 -31.20 -35.08 -10.87
CA ASP D 297 -31.93 -34.29 -11.86
C ASP D 297 -33.08 -33.57 -11.18
N VAL D 298 -33.30 -32.31 -11.55
CA VAL D 298 -34.46 -31.54 -11.12
C VAL D 298 -35.07 -30.87 -12.34
N ALA D 299 -36.34 -31.16 -12.60
CA ALA D 299 -37.07 -30.58 -13.72
C ALA D 299 -38.12 -29.62 -13.19
N ALA D 300 -38.15 -28.41 -13.73
CA ALA D 300 -39.14 -27.43 -13.30
C ALA D 300 -39.80 -26.78 -14.50
N TYR D 301 -41.00 -26.26 -14.27
CA TYR D 301 -41.84 -25.68 -15.30
C TYR D 301 -42.28 -24.29 -14.84
N ILE D 302 -42.28 -23.34 -15.77
CA ILE D 302 -42.65 -21.97 -15.48
C ILE D 302 -43.75 -21.54 -16.44
N ASP D 303 -44.86 -21.08 -15.89
CA ASP D 303 -45.93 -20.44 -16.65
C ASP D 303 -45.90 -18.96 -16.35
N LEU D 304 -45.81 -18.14 -17.40
CA LEU D 304 -45.88 -16.69 -17.26
C LEU D 304 -47.09 -16.12 -17.99
N GLN D 305 -47.92 -16.98 -18.56
CA GLN D 305 -49.12 -16.57 -19.30
C GLN D 305 -50.32 -17.30 -18.69
N HIS D 306 -51.43 -16.57 -18.57
CA HIS D 306 -52.58 -17.10 -17.83
C HIS D 306 -53.18 -18.38 -18.42
N PRO D 307 -53.34 -18.54 -19.73
CA PRO D 307 -53.76 -19.86 -20.24
C PRO D 307 -52.80 -20.94 -19.79
N ARG D 308 -53.36 -22.05 -19.33
CA ARG D 308 -52.59 -23.10 -18.70
C ARG D 308 -52.58 -24.33 -19.60
N SER D 309 -51.37 -24.79 -19.95
CA SER D 309 -51.18 -25.93 -20.85
C SER D 309 -50.42 -27.01 -20.09
N ASP D 310 -50.88 -27.30 -18.87
CA ASP D 310 -50.20 -28.27 -18.03
C ASP D 310 -50.25 -29.68 -18.60
N ALA D 311 -51.09 -29.93 -19.59
CA ALA D 311 -51.24 -31.28 -20.12
C ALA D 311 -49.92 -31.82 -20.66
N ALA D 312 -49.18 -31.00 -21.41
CA ALA D 312 -47.88 -31.44 -21.89
C ALA D 312 -46.88 -31.60 -20.74
N PHE D 313 -46.90 -30.68 -19.78
CA PHE D 313 -46.03 -30.82 -18.63
C PHE D 313 -46.41 -32.04 -17.80
N ASP D 314 -47.71 -32.33 -17.68
CA ASP D 314 -48.15 -33.55 -17.00
C ASP D 314 -47.67 -34.79 -17.74
N ASN D 315 -47.70 -34.76 -19.08
CA ASN D 315 -47.16 -35.87 -19.85
C ASN D 315 -45.68 -36.04 -19.61
N TYR D 316 -44.93 -34.92 -19.57
CA TYR D 316 -43.50 -35.00 -19.30
C TYR D 316 -43.24 -35.59 -17.92
N LEU D 317 -44.02 -35.17 -16.92
CA LEU D 317 -43.85 -35.71 -15.58
C LEU D 317 -44.15 -37.19 -15.54
N THR D 318 -45.26 -37.62 -16.15
CA THR D 318 -45.58 -39.03 -16.20
C THR D 318 -44.46 -39.83 -16.86
N GLU D 319 -43.82 -39.24 -17.87
CA GLU D 319 -42.72 -39.95 -18.54
C GLU D 319 -41.46 -39.97 -17.70
N HIS D 320 -41.19 -38.90 -16.94
CA HIS D 320 -39.89 -38.71 -16.31
C HIS D 320 -39.97 -38.28 -14.84
N ALA D 321 -41.02 -38.62 -14.11
CA ALA D 321 -41.08 -38.26 -12.70
C ALA D 321 -40.03 -39.01 -11.90
N ALA D 322 -39.70 -40.24 -12.31
CA ALA D 322 -38.76 -41.06 -11.56
C ALA D 322 -37.36 -40.44 -11.56
N GLU D 323 -36.91 -39.92 -12.71
CA GLU D 323 -35.56 -39.39 -12.78
C GLU D 323 -35.41 -38.11 -11.96
N LEU D 324 -36.33 -37.17 -12.12
CA LEU D 324 -36.21 -35.88 -11.46
C LEU D 324 -36.51 -36.02 -9.96
N VAL D 325 -35.74 -35.30 -9.15
CA VAL D 325 -35.93 -35.36 -7.70
C VAL D 325 -37.23 -34.64 -7.31
N ALA D 326 -37.44 -33.43 -7.83
CA ALA D 326 -38.61 -32.65 -7.48
C ALA D 326 -38.92 -31.68 -8.60
N TRP D 327 -40.22 -31.47 -8.84
CA TRP D 327 -40.68 -30.58 -9.90
C TRP D 327 -41.63 -29.54 -9.33
N GLN D 328 -41.49 -28.29 -9.80
CA GLN D 328 -42.31 -27.17 -9.35
C GLN D 328 -42.83 -26.43 -10.57
N HIS D 329 -44.11 -26.06 -10.53
CA HIS D 329 -44.76 -25.31 -11.59
C HIS D 329 -45.16 -23.95 -11.04
N LEU D 330 -44.80 -22.89 -11.75
CA LEU D 330 -45.04 -21.52 -11.31
C LEU D 330 -46.00 -20.82 -12.27
N ALA D 331 -46.77 -19.90 -11.72
CA ALA D 331 -47.71 -19.10 -12.50
C ALA D 331 -47.75 -17.70 -11.89
N PRO D 332 -48.10 -16.69 -12.69
CA PRO D 332 -48.19 -15.32 -12.16
C PRO D 332 -49.44 -15.16 -11.30
N THR D 333 -49.27 -14.69 -10.07
CA THR D 333 -50.41 -14.46 -9.20
C THR D 333 -51.30 -13.35 -9.74
N ARG D 334 -50.70 -12.27 -10.22
CA ARG D 334 -51.47 -11.13 -10.71
C ARG D 334 -52.16 -11.47 -12.03
N THR D 335 -53.34 -10.90 -12.21
CA THR D 335 -54.05 -11.03 -13.48
C THR D 335 -53.50 -10.04 -14.49
N GLY D 336 -53.63 -10.38 -15.76
CA GLY D 336 -53.11 -9.55 -16.83
C GLY D 336 -51.66 -9.88 -17.15
N LEU D 337 -51.25 -9.50 -18.35
CA LEU D 337 -49.91 -9.80 -18.82
C LEU D 337 -48.86 -9.14 -17.93
N LEU D 338 -47.70 -9.78 -17.85
CA LEU D 338 -46.65 -9.34 -16.93
C LEU D 338 -46.16 -7.95 -17.30
N ASP D 339 -46.00 -7.10 -16.29
CA ASP D 339 -45.62 -5.71 -16.50
C ASP D 339 -44.19 -5.62 -17.01
N ALA D 340 -43.96 -4.70 -17.95
CA ALA D 340 -42.64 -4.52 -18.52
C ALA D 340 -41.65 -4.02 -17.47
N ALA D 341 -42.08 -3.07 -16.62
CA ALA D 341 -41.19 -2.51 -15.62
C ALA D 341 -40.74 -3.57 -14.62
N ASP D 342 -41.66 -4.43 -14.19
CA ASP D 342 -41.37 -5.45 -13.20
C ASP D 342 -40.92 -6.77 -13.82
N GLY D 343 -40.58 -6.77 -15.11
CA GLY D 343 -40.13 -7.99 -15.75
C GLY D 343 -38.86 -8.54 -15.14
N GLY D 344 -37.91 -7.66 -14.82
CA GLY D 344 -36.69 -8.10 -14.18
C GLY D 344 -36.95 -8.73 -12.82
N THR D 345 -37.87 -8.14 -12.04
CA THR D 345 -38.18 -8.71 -10.73
C THR D 345 -38.91 -10.04 -10.86
N ILE D 346 -39.79 -10.17 -11.87
CA ILE D 346 -40.44 -11.45 -12.10
C ILE D 346 -39.43 -12.52 -12.48
N ALA D 347 -38.47 -12.16 -13.34
CA ALA D 347 -37.40 -13.08 -13.68
C ALA D 347 -36.58 -13.44 -12.46
N ALA D 348 -36.33 -12.45 -11.59
CA ALA D 348 -35.60 -12.71 -10.36
C ALA D 348 -36.33 -13.71 -9.48
N GLU D 349 -37.65 -13.56 -9.35
CA GLU D 349 -38.42 -14.50 -8.56
C GLU D 349 -38.38 -15.90 -9.16
N ALA D 350 -38.53 -16.00 -10.49
CA ALA D 350 -38.48 -17.30 -11.14
C ALA D 350 -37.13 -17.97 -10.94
N VAL D 351 -36.04 -17.24 -11.15
CA VAL D 351 -34.73 -17.83 -11.01
C VAL D 351 -34.44 -18.14 -9.54
N ALA D 352 -35.00 -17.35 -8.62
CA ALA D 352 -34.84 -17.68 -7.20
C ALA D 352 -35.53 -18.98 -6.85
N HIS D 353 -36.73 -19.19 -7.39
CA HIS D 353 -37.42 -20.45 -7.15
C HIS D 353 -36.64 -21.62 -7.72
N ILE D 354 -36.17 -21.51 -8.96
CA ILE D 354 -35.41 -22.60 -9.56
C ILE D 354 -34.10 -22.83 -8.81
N ARG D 355 -33.51 -21.75 -8.30
CA ARG D 355 -32.30 -21.89 -7.48
C ARG D 355 -32.62 -22.64 -6.21
N GLU D 356 -33.75 -22.34 -5.58
CA GLU D 356 -34.14 -23.08 -4.39
C GLU D 356 -34.25 -24.57 -4.68
N LEU D 357 -35.02 -24.93 -5.72
CA LEU D 357 -35.15 -26.34 -6.06
C LEU D 357 -33.80 -26.99 -6.32
N SER D 358 -32.99 -26.41 -7.21
CA SER D 358 -31.75 -27.06 -7.59
C SER D 358 -30.82 -27.18 -6.40
N MET D 359 -30.60 -26.08 -5.67
CA MET D 359 -29.61 -26.07 -4.60
C MET D 359 -30.03 -26.97 -3.45
N THR D 360 -31.28 -26.87 -3.00
CA THR D 360 -31.71 -27.67 -1.86
C THR D 360 -31.79 -29.15 -2.23
N ASN D 361 -32.18 -29.46 -3.46
CA ASN D 361 -32.40 -30.85 -3.86
C ASN D 361 -31.14 -31.55 -4.33
N GLY D 362 -29.95 -31.01 -4.03
CA GLY D 362 -28.72 -31.71 -4.32
C GLY D 362 -27.88 -31.07 -5.40
N ASN D 363 -28.08 -29.77 -5.63
CA ASN D 363 -27.33 -29.02 -6.64
C ASN D 363 -27.49 -29.65 -8.01
N ALA D 364 -28.68 -30.17 -8.29
CA ALA D 364 -28.92 -30.99 -9.47
C ALA D 364 -29.07 -30.12 -10.71
N VAL D 365 -28.79 -30.73 -11.87
CA VAL D 365 -28.99 -30.07 -13.14
C VAL D 365 -30.47 -29.74 -13.30
N VAL D 366 -30.76 -28.58 -13.88
CA VAL D 366 -32.14 -28.10 -13.99
C VAL D 366 -32.63 -28.43 -15.40
N HIS D 367 -33.68 -29.22 -15.47
CA HIS D 367 -34.42 -29.38 -16.71
C HIS D 367 -35.47 -28.27 -16.81
N LEU D 368 -35.04 -27.11 -17.29
CA LEU D 368 -35.82 -25.88 -17.20
C LEU D 368 -36.81 -25.80 -18.35
N MET D 369 -38.03 -25.37 -18.03
CA MET D 369 -39.08 -25.10 -19.01
C MET D 369 -39.61 -23.70 -18.74
N VAL D 370 -39.47 -22.80 -19.71
CA VAL D 370 -39.98 -21.44 -19.58
C VAL D 370 -41.10 -21.24 -20.58
N ARG D 371 -42.24 -20.74 -20.11
CA ARG D 371 -43.37 -20.36 -20.94
C ARG D 371 -43.71 -18.92 -20.65
N GLY D 372 -43.13 -18.01 -21.42
CA GLY D 372 -43.36 -16.60 -21.22
C GLY D 372 -42.76 -15.77 -22.34
N PRO D 373 -42.79 -14.45 -22.17
CA PRO D 373 -42.20 -13.57 -23.18
C PRO D 373 -40.72 -13.87 -23.39
N PHE D 374 -40.29 -13.71 -24.65
CA PHE D 374 -38.92 -14.05 -25.01
C PHE D 374 -37.92 -13.21 -24.22
N GLY D 375 -38.26 -11.95 -23.94
CA GLY D 375 -37.39 -11.14 -23.10
C GLY D 375 -37.26 -11.71 -21.70
N LEU D 376 -38.37 -12.12 -21.10
CA LEU D 376 -38.29 -12.75 -19.79
C LEU D 376 -37.52 -14.07 -19.86
N ALA D 377 -37.73 -14.84 -20.93
CA ALA D 377 -36.96 -16.07 -21.07
C ALA D 377 -35.46 -15.79 -21.07
N VAL D 378 -35.05 -14.77 -21.83
CA VAL D 378 -33.65 -14.35 -21.81
C VAL D 378 -33.24 -13.93 -20.42
N LEU D 379 -34.14 -13.26 -19.69
CA LEU D 379 -33.79 -12.74 -18.37
C LEU D 379 -33.54 -13.88 -17.37
N ILE D 380 -34.45 -14.86 -17.29
CA ILE D 380 -34.21 -16.01 -16.42
C ILE D 380 -32.99 -16.80 -16.87
N GLY D 381 -32.84 -17.04 -18.17
CA GLY D 381 -31.63 -17.71 -18.63
C GLY D 381 -30.38 -16.92 -18.28
N ARG D 382 -30.54 -15.61 -18.13
CA ARG D 382 -29.43 -14.74 -17.78
C ARG D 382 -29.05 -14.91 -16.31
N LEU D 383 -30.06 -14.95 -15.42
CA LEU D 383 -29.77 -14.92 -13.99
C LEU D 383 -29.20 -16.24 -13.49
N THR D 384 -29.51 -17.35 -14.17
CA THR D 384 -29.02 -18.64 -13.71
C THR D 384 -27.54 -18.83 -14.05
N ASN D 385 -26.72 -18.91 -13.01
CA ASN D 385 -25.29 -19.17 -13.21
C ASN D 385 -24.88 -20.49 -12.57
N THR D 386 -25.12 -20.62 -11.26
CA THR D 386 -24.66 -21.81 -10.54
C THR D 386 -25.49 -23.03 -10.90
N LEU D 387 -26.61 -22.83 -11.59
CA LEU D 387 -27.46 -23.95 -11.98
C LEU D 387 -27.07 -24.44 -13.36
N ARG D 388 -26.70 -25.72 -13.45
CA ARG D 388 -26.62 -26.37 -14.75
C ARG D 388 -28.03 -26.55 -15.29
N VAL D 389 -28.30 -25.99 -16.47
CA VAL D 389 -29.64 -25.81 -16.97
C VAL D 389 -29.81 -26.62 -18.25
N VAL D 390 -30.91 -27.34 -18.36
CA VAL D 390 -31.31 -27.99 -19.60
C VAL D 390 -32.67 -27.45 -20.00
N ALA D 391 -32.73 -26.79 -21.15
CA ALA D 391 -33.92 -26.07 -21.59
C ALA D 391 -34.75 -26.96 -22.51
N TYR D 392 -36.06 -26.93 -22.29
CA TYR D 392 -37.01 -27.66 -23.12
C TYR D 392 -37.86 -26.69 -23.91
N GLU D 393 -38.28 -27.14 -25.09
CA GLU D 393 -39.08 -26.33 -26.00
C GLU D 393 -40.46 -26.95 -26.17
N TRP D 394 -41.46 -26.09 -26.29
CA TRP D 394 -42.82 -26.49 -26.62
C TRP D 394 -42.87 -27.13 -27.99
N THR D 395 -43.46 -28.32 -28.07
CA THR D 395 -43.70 -29.01 -29.32
C THR D 395 -45.10 -29.59 -29.33
N ASP D 396 -45.99 -28.98 -30.13
CA ASP D 396 -47.26 -29.59 -30.47
C ASP D 396 -47.21 -30.25 -31.84
N SER D 397 -46.01 -30.36 -32.40
CA SER D 397 -45.86 -30.83 -33.77
C SER D 397 -46.10 -32.33 -33.88
N ASP D 398 -46.28 -32.80 -35.11
CA ASP D 398 -46.42 -34.22 -35.36
C ASP D 398 -45.08 -34.91 -35.14
N ALA D 399 -45.10 -36.24 -35.26
CA ALA D 399 -43.88 -37.03 -35.15
C ALA D 399 -42.98 -36.77 -36.35
N PRO D 400 -41.67 -37.04 -36.22
CA PRO D 400 -40.80 -36.92 -37.39
C PRO D 400 -41.23 -37.80 -38.56
N ASP D 401 -41.96 -38.88 -38.29
CA ASP D 401 -42.54 -39.70 -39.33
C ASP D 401 -43.91 -39.17 -39.78
N GLY D 402 -44.44 -38.18 -39.08
CA GLY D 402 -45.72 -37.59 -39.43
C GLY D 402 -46.93 -38.17 -38.73
N THR D 403 -46.76 -38.82 -37.59
CA THR D 403 -47.86 -39.39 -36.82
C THR D 403 -48.16 -38.52 -35.61
N PHE D 404 -49.34 -38.69 -35.05
CA PHE D 404 -49.76 -37.88 -33.90
C PHE D 404 -49.01 -38.32 -32.64
N MET D 405 -48.52 -37.32 -31.90
CA MET D 405 -47.99 -37.54 -30.56
C MET D 405 -48.79 -36.68 -29.59
N PRO D 406 -48.81 -37.05 -28.31
CA PRO D 406 -49.34 -36.15 -27.31
C PRO D 406 -48.46 -34.93 -27.18
N PRO D 407 -49.01 -33.79 -26.76
CA PRO D 407 -48.16 -32.60 -26.57
C PRO D 407 -46.97 -32.92 -25.68
N ARG D 408 -45.78 -32.84 -26.27
CA ARG D 408 -44.56 -33.36 -25.68
C ARG D 408 -43.52 -32.26 -25.56
N TYR D 409 -42.91 -32.15 -24.38
CA TYR D 409 -41.72 -31.34 -24.25
C TYR D 409 -40.49 -32.14 -24.64
N GLU D 410 -39.59 -31.51 -25.38
CA GLU D 410 -38.38 -32.17 -25.85
C GLU D 410 -37.18 -31.33 -25.45
N PRO D 411 -36.04 -31.98 -25.19
CA PRO D 411 -34.86 -31.24 -24.75
C PRO D 411 -34.09 -30.61 -25.89
N ILE D 412 -33.49 -29.44 -25.65
CA ILE D 412 -32.74 -28.73 -26.67
C ILE D 412 -31.26 -28.69 -26.36
N VAL D 413 -30.88 -28.03 -25.26
CA VAL D 413 -29.48 -27.83 -24.91
C VAL D 413 -29.29 -28.04 -23.41
N GLN D 414 -28.05 -28.30 -23.02
CA GLN D 414 -27.66 -28.35 -21.62
C GLN D 414 -26.73 -27.17 -21.35
N LEU D 415 -27.12 -26.31 -20.41
CA LEU D 415 -26.56 -24.98 -20.27
C LEU D 415 -25.82 -24.82 -18.95
N ARG D 416 -24.75 -24.03 -19.00
CA ARG D 416 -24.03 -23.59 -17.82
C ARG D 416 -23.44 -22.22 -18.11
N ALA D 417 -23.82 -21.21 -17.32
CA ALA D 417 -23.49 -19.83 -17.65
C ALA D 417 -22.00 -19.54 -17.54
N SER D 418 -21.28 -20.36 -16.78
CA SER D 418 -19.88 -20.07 -16.45
C SER D 418 -18.90 -20.89 -17.27
N THR D 419 -19.34 -21.57 -18.32
CA THR D 419 -18.43 -22.40 -19.08
C THR D 419 -17.60 -21.55 -20.05
N PRO D 420 -16.27 -21.56 -19.94
CA PRO D 420 -15.46 -20.95 -21.02
C PRO D 420 -15.65 -21.63 -22.36
N ALA D 421 -15.90 -22.94 -22.36
CA ALA D 421 -16.02 -23.70 -23.61
C ALA D 421 -17.50 -23.76 -24.03
N GLY D 422 -18.10 -22.57 -24.11
CA GLY D 422 -19.46 -22.46 -24.60
C GLY D 422 -20.49 -22.77 -23.55
N VAL D 423 -21.50 -21.90 -23.41
CA VAL D 423 -22.56 -22.14 -22.44
C VAL D 423 -23.38 -23.36 -22.83
N ILE D 424 -23.45 -23.64 -24.13
CA ILE D 424 -24.15 -24.84 -24.62
C ILE D 424 -23.19 -26.01 -24.42
N GLU D 425 -23.32 -26.69 -23.28
CA GLU D 425 -22.45 -27.84 -23.03
C GLU D 425 -22.71 -28.95 -24.03
N ARG D 426 -23.97 -29.20 -24.38
CA ARG D 426 -24.32 -30.26 -25.29
C ARG D 426 -25.65 -29.94 -25.96
N VAL D 427 -25.73 -30.19 -27.26
CA VAL D 427 -26.95 -30.01 -28.03
C VAL D 427 -27.71 -31.34 -27.98
N ILE D 428 -28.51 -31.51 -26.92
CA ILE D 428 -29.17 -32.79 -26.71
C ILE D 428 -30.31 -32.98 -27.71
N VAL D 429 -30.76 -31.90 -28.35
CA VAL D 429 -31.87 -32.00 -29.29
C VAL D 429 -31.49 -32.88 -30.47
N ALA D 430 -32.40 -33.76 -30.85
CA ALA D 430 -32.21 -34.57 -32.04
C ALA D 430 -32.36 -33.71 -33.29
N ASP D 431 -31.67 -34.12 -34.35
CA ASP D 431 -31.71 -33.37 -35.60
C ASP D 431 -33.07 -33.49 -36.25
N ALA D 432 -33.46 -32.45 -37.00
CA ALA D 432 -34.70 -32.49 -37.75
C ALA D 432 -34.66 -33.59 -38.81
N GLU D 433 -33.51 -33.77 -39.44
CA GLU D 433 -33.33 -34.81 -40.44
C GLU D 433 -33.40 -36.20 -39.80
#